data_6VTF
#
_entry.id   6VTF
#
_cell.length_a   124.745
_cell.length_b   104.896
_cell.length_c   120.073
_cell.angle_alpha   90.000
_cell.angle_beta   90.000
_cell.angle_gamma   90.000
#
_symmetry.space_group_name_H-M   'P 21 21 2'
#
loop_
_entity.id
_entity.type
_entity.pdbx_description
1 polymer 'RNA ligase'
2 non-polymer 'PYROPHOSPHATE 2-'
3 water water
#
_entity_poly.entity_id   1
_entity_poly.type   'polypeptide(L)'
_entity_poly.pdbx_seq_one_letter_code
;SMGVRKLATIRTAGEITPIAGAEAIECCHVDGWTCVIKKGEFKQGDRGVYFEIDSFIKEDNDRYPMLSKQVIDYEGQRGT
RLRTARLRGQLSQGLFLPMDRFPELASNQVGDDVTEILGITKWEPPISTNLSGEILGEFPTFISKTDQERVQNLIPQIEE
NKGQKFEVTVKLDGSSMTVYRKDDHIGVCGRNWELRETATNAQWHAARRNKMIEGLQFLNRNLALQGEIIGESIQGNLEK
LKGQDFYLFDIYDIDKAQYLTPIERQSLVKQLNDNGFTVKHVPILDDLELNHTAEQILAMADGPSLNKNVKREGLVFKRL
DGKFSFKAISNAYLEKHKDR
;
_entity_poly.pdbx_strand_id   A,B,C,D
#
# COMPACT_ATOMS: atom_id res chain seq x y z
N VAL A 4 -14.09 -8.17 -2.37
CA VAL A 4 -14.75 -7.64 -1.17
C VAL A 4 -16.28 -7.57 -1.35
N ARG A 5 -17.00 -8.08 -0.34
CA ARG A 5 -18.44 -8.28 -0.40
C ARG A 5 -19.21 -7.04 -0.80
N LYS A 6 -20.31 -7.28 -1.52
CA LYS A 6 -21.25 -6.26 -1.96
C LYS A 6 -22.43 -6.27 -1.00
N LEU A 7 -22.28 -5.52 0.09
CA LEU A 7 -23.27 -5.56 1.17
C LEU A 7 -24.59 -4.94 0.73
N ALA A 8 -24.54 -3.84 -0.02
CA ALA A 8 -25.72 -3.16 -0.51
C ALA A 8 -25.72 -3.23 -2.03
N THR A 9 -26.76 -3.86 -2.60
CA THR A 9 -26.85 -4.02 -4.05
C THR A 9 -28.27 -3.74 -4.52
N ILE A 10 -28.39 -3.38 -5.79
CA ILE A 10 -29.69 -3.25 -6.42
C ILE A 10 -30.08 -4.60 -7.02
N ARG A 11 -31.16 -5.18 -6.52
CA ARG A 11 -31.62 -6.49 -6.95
C ARG A 11 -33.08 -6.41 -7.31
N THR A 12 -33.60 -7.52 -7.86
CA THR A 12 -34.99 -7.63 -8.27
C THR A 12 -35.76 -8.48 -7.29
N ALA A 13 -37.01 -8.09 -7.04
CA ALA A 13 -37.88 -8.85 -6.16
C ALA A 13 -38.28 -10.16 -6.83
N GLY A 14 -38.09 -11.26 -6.12
CA GLY A 14 -38.55 -12.55 -6.61
C GLY A 14 -40.00 -12.79 -6.25
N GLU A 15 -40.34 -14.02 -5.88
CA GLU A 15 -41.73 -14.33 -5.58
C GLU A 15 -42.13 -13.66 -4.27
N ILE A 16 -43.39 -13.21 -4.22
CA ILE A 16 -43.96 -12.58 -3.02
C ILE A 16 -45.07 -13.49 -2.52
N THR A 17 -44.93 -13.96 -1.28
CA THR A 17 -45.88 -14.89 -0.68
C THR A 17 -46.40 -14.30 0.62
N PRO A 18 -47.61 -14.65 1.03
CA PRO A 18 -48.14 -14.11 2.29
C PRO A 18 -47.41 -14.72 3.48
N ILE A 19 -47.41 -13.99 4.56
CA ILE A 19 -46.87 -14.45 5.83
C ILE A 19 -48.02 -14.81 6.75
N ALA A 20 -48.15 -16.09 7.08
CA ALA A 20 -49.12 -16.47 8.09
C ALA A 20 -48.80 -15.75 9.40
N GLY A 21 -49.83 -15.47 10.16
CA GLY A 21 -49.79 -14.60 11.31
C GLY A 21 -50.16 -13.15 11.01
N ALA A 22 -49.31 -12.38 10.36
CA ALA A 22 -49.61 -10.98 10.05
C ALA A 22 -49.80 -10.77 8.55
N GLU A 23 -50.87 -10.07 8.19
CA GLU A 23 -51.06 -9.66 6.81
C GLU A 23 -50.69 -8.20 6.59
N ALA A 24 -50.09 -7.57 7.60
CA ALA A 24 -49.49 -6.25 7.46
C ALA A 24 -48.09 -6.34 6.87
N ILE A 25 -47.51 -7.55 6.79
CA ILE A 25 -46.20 -7.80 6.21
C ILE A 25 -46.34 -9.00 5.28
N GLU A 26 -45.38 -9.14 4.37
CA GLU A 26 -45.33 -10.30 3.49
C GLU A 26 -43.89 -10.75 3.32
N CYS A 27 -43.73 -11.95 2.76
CA CYS A 27 -42.43 -12.52 2.48
C CYS A 27 -42.01 -12.23 1.04
N CYS A 28 -40.78 -11.75 0.88
CA CYS A 28 -40.27 -11.38 -0.44
C CYS A 28 -38.97 -12.14 -0.69
N HIS A 29 -38.92 -12.85 -1.80
CA HIS A 29 -37.71 -13.56 -2.20
C HIS A 29 -36.80 -12.59 -2.94
N VAL A 30 -35.55 -12.52 -2.51
CA VAL A 30 -34.55 -11.70 -3.16
C VAL A 30 -33.41 -12.63 -3.55
N ASP A 31 -33.35 -12.99 -4.83
CA ASP A 31 -32.47 -14.05 -5.31
C ASP A 31 -32.62 -15.27 -4.43
N GLY A 32 -31.54 -15.72 -3.81
CA GLY A 32 -31.61 -16.86 -2.90
C GLY A 32 -32.04 -16.53 -1.49
N TRP A 33 -32.14 -15.25 -1.15
CA TRP A 33 -32.54 -14.86 0.19
C TRP A 33 -34.06 -14.72 0.29
N THR A 34 -34.52 -14.76 1.52
CA THR A 34 -35.88 -14.40 1.88
C THR A 34 -35.87 -13.43 3.05
N CYS A 35 -36.65 -12.36 2.88
CA CYS A 35 -36.64 -11.16 3.70
C CYS A 35 -38.07 -10.69 3.86
N VAL A 36 -38.37 -10.12 5.03
CA VAL A 36 -39.71 -9.61 5.31
C VAL A 36 -39.83 -8.21 4.74
N ILE A 37 -40.86 -7.98 3.95
CA ILE A 37 -41.17 -6.64 3.46
C ILE A 37 -42.56 -6.28 3.96
N LYS A 38 -42.81 -4.99 4.08
CA LYS A 38 -44.15 -4.53 4.42
C LYS A 38 -45.08 -4.71 3.21
N LYS A 39 -46.34 -5.09 3.48
CA LYS A 39 -47.27 -5.40 2.40
C LYS A 39 -47.44 -4.23 1.45
N GLY A 40 -47.38 -4.51 0.15
CA GLY A 40 -47.50 -3.50 -0.88
C GLY A 40 -46.26 -2.65 -1.08
N GLU A 41 -45.18 -2.93 -0.36
CA GLU A 41 -43.94 -2.20 -0.56
C GLU A 41 -43.25 -2.61 -1.85
N PHE A 42 -43.39 -3.89 -2.22
CA PHE A 42 -42.83 -4.47 -3.43
C PHE A 42 -43.87 -5.39 -4.04
N LYS A 43 -43.83 -5.53 -5.37
CA LYS A 43 -44.41 -6.66 -6.07
C LYS A 43 -43.34 -7.18 -7.03
N GLN A 44 -43.47 -8.46 -7.40
CA GLN A 44 -42.42 -9.16 -8.14
C GLN A 44 -41.98 -8.41 -9.39
N GLY A 45 -40.65 -8.29 -9.56
CA GLY A 45 -40.04 -7.57 -10.67
C GLY A 45 -39.53 -6.18 -10.33
N ASP A 46 -40.02 -5.57 -9.26
CA ASP A 46 -39.54 -4.27 -8.84
C ASP A 46 -38.08 -4.33 -8.42
N ARG A 47 -37.40 -3.18 -8.52
CA ARG A 47 -36.03 -3.08 -8.04
C ARG A 47 -36.02 -2.46 -6.65
N GLY A 48 -34.95 -2.71 -5.92
CA GLY A 48 -34.77 -2.14 -4.58
C GLY A 48 -33.33 -2.33 -4.19
N VAL A 49 -32.96 -1.74 -3.05
CA VAL A 49 -31.63 -1.92 -2.49
C VAL A 49 -31.69 -3.06 -1.50
N TYR A 50 -30.91 -4.12 -1.75
CA TYR A 50 -30.86 -5.25 -0.84
C TYR A 50 -29.60 -5.14 0.00
N PHE A 51 -29.77 -5.11 1.33
CA PHE A 51 -28.66 -5.10 2.27
C PHE A 51 -28.48 -6.50 2.87
N GLU A 52 -27.33 -7.11 2.62
CA GLU A 52 -27.11 -8.44 3.15
C GLU A 52 -27.00 -8.40 4.68
N ILE A 53 -27.16 -9.58 5.29
CA ILE A 53 -26.79 -9.70 6.68
C ILE A 53 -25.31 -9.36 6.82
N ASP A 54 -24.92 -8.98 8.03
CA ASP A 54 -23.62 -8.46 8.43
C ASP A 54 -23.50 -6.98 8.10
N SER A 55 -24.47 -6.40 7.38
CA SER A 55 -24.39 -4.97 7.10
C SER A 55 -24.64 -4.17 8.37
N PHE A 56 -23.83 -3.15 8.58
CA PHE A 56 -24.02 -2.20 9.66
C PHE A 56 -24.51 -0.89 9.06
N ILE A 57 -25.72 -0.48 9.43
CA ILE A 57 -26.40 0.64 8.80
C ILE A 57 -26.58 1.72 9.85
N LYS A 58 -25.99 2.90 9.60
CA LYS A 58 -26.02 3.95 10.60
C LYS A 58 -27.45 4.45 10.79
N GLU A 59 -27.69 5.05 11.96
CA GLU A 59 -29.03 5.42 12.36
C GLU A 59 -29.57 6.54 11.48
N ASP A 60 -30.83 6.40 11.07
CA ASP A 60 -31.47 7.35 10.17
C ASP A 60 -32.99 7.14 10.18
N ASN A 61 -33.71 7.94 10.97
CA ASN A 61 -35.15 7.73 11.10
C ASN A 61 -35.92 8.20 9.88
N ASP A 62 -35.25 8.80 8.92
CA ASP A 62 -35.88 9.13 7.65
C ASP A 62 -35.75 7.99 6.65
N ARG A 63 -34.52 7.53 6.43
CA ARG A 63 -34.26 6.44 5.50
C ARG A 63 -34.52 5.08 6.13
N TYR A 64 -34.12 4.89 7.39
CA TYR A 64 -34.21 3.57 8.04
C TYR A 64 -34.97 3.62 9.37
N PRO A 65 -36.19 4.18 9.39
CA PRO A 65 -36.98 4.14 10.64
C PRO A 65 -37.37 2.73 11.04
N MET A 66 -37.51 1.84 10.06
CA MET A 66 -37.75 0.43 10.30
C MET A 66 -36.70 -0.19 11.23
N LEU A 67 -35.56 0.46 11.41
CA LEU A 67 -34.46 -0.11 12.17
C LEU A 67 -34.30 0.55 13.53
N SER A 68 -35.19 1.50 13.87
CA SER A 68 -35.01 2.30 15.08
C SER A 68 -35.22 1.51 16.37
N LYS A 69 -35.74 0.29 16.30
CA LYS A 69 -35.89 -0.55 17.49
C LYS A 69 -34.88 -1.68 17.53
N GLN A 70 -33.79 -1.58 16.76
CA GLN A 70 -32.67 -2.48 16.94
C GLN A 70 -31.35 -1.72 16.95
N VAL A 71 -31.39 -0.41 17.24
CA VAL A 71 -30.17 0.37 17.24
C VAL A 71 -29.25 -0.10 18.35
N ILE A 72 -27.96 -0.27 18.01
CA ILE A 72 -26.95 -0.73 18.95
C ILE A 72 -25.72 0.13 18.79
N ASP A 73 -24.80 -0.02 19.74
CA ASP A 73 -23.48 0.60 19.65
C ASP A 73 -22.51 -0.36 18.95
N TYR A 74 -21.81 0.16 17.93
CA TYR A 74 -20.78 -0.60 17.22
C TYR A 74 -19.64 0.36 16.92
N GLU A 75 -18.50 0.14 17.57
CA GLU A 75 -17.33 1.01 17.42
C GLU A 75 -17.67 2.46 17.73
N GLY A 76 -18.47 2.67 18.77
CA GLY A 76 -18.84 4.00 19.21
C GLY A 76 -19.91 4.67 18.38
N GLN A 77 -20.32 4.07 17.27
CA GLN A 77 -21.32 4.61 16.37
C GLN A 77 -22.66 3.94 16.63
N ARG A 78 -23.72 4.74 16.64
CA ARG A 78 -25.08 4.21 16.76
C ARG A 78 -25.57 3.73 15.39
N GLY A 79 -26.08 2.51 15.35
CA GLY A 79 -26.58 1.98 14.10
C GLY A 79 -27.23 0.63 14.31
N THR A 80 -27.55 -0.03 13.20
CA THR A 80 -28.26 -1.30 13.21
C THR A 80 -27.46 -2.36 12.48
N ARG A 81 -27.38 -3.56 13.07
CA ARG A 81 -26.72 -4.70 12.47
C ARG A 81 -27.77 -5.70 12.02
N LEU A 82 -27.83 -5.93 10.70
CA LEU A 82 -28.78 -6.89 10.14
C LEU A 82 -28.32 -8.31 10.41
N ARG A 83 -29.24 -9.16 10.81
CA ARG A 83 -28.89 -10.52 11.19
C ARG A 83 -30.00 -11.47 10.75
N THR A 84 -29.72 -12.76 10.85
CA THR A 84 -30.79 -13.75 10.78
C THR A 84 -31.74 -13.54 11.95
N ALA A 85 -33.03 -13.56 11.66
CA ALA A 85 -34.03 -13.38 12.69
C ALA A 85 -35.29 -14.09 12.23
N ARG A 86 -36.19 -14.32 13.16
CA ARG A 86 -37.48 -14.93 12.84
C ARG A 86 -38.56 -13.95 13.29
N LEU A 87 -39.10 -13.13 12.40
CA LEU A 87 -40.19 -12.22 12.80
C LEU A 87 -41.52 -12.86 12.44
N ARG A 88 -42.38 -13.08 13.45
CA ARG A 88 -43.73 -13.62 13.26
C ARG A 88 -43.68 -15.00 12.61
N GLY A 89 -42.69 -15.80 13.03
CA GLY A 89 -42.45 -17.13 12.53
C GLY A 89 -41.67 -17.21 11.23
N GLN A 90 -41.52 -16.11 10.49
CA GLN A 90 -40.91 -16.16 9.17
C GLN A 90 -39.42 -15.90 9.24
N LEU A 91 -38.61 -16.78 8.64
CA LEU A 91 -37.17 -16.53 8.59
C LEU A 91 -36.88 -15.38 7.62
N SER A 92 -36.20 -14.34 8.11
CA SER A 92 -35.89 -13.19 7.29
C SER A 92 -34.40 -12.87 7.37
N GLN A 93 -33.82 -12.54 6.22
CA GLN A 93 -32.41 -12.26 6.12
C GLN A 93 -32.24 -11.04 5.23
N GLY A 94 -31.64 -9.98 5.78
CA GLY A 94 -31.37 -8.79 5.02
C GLY A 94 -32.52 -7.81 5.04
N LEU A 95 -32.27 -6.65 4.43
CA LEU A 95 -33.24 -5.58 4.32
C LEU A 95 -33.42 -5.23 2.84
N PHE A 96 -34.66 -5.08 2.40
CA PHE A 96 -34.99 -4.79 1.00
C PHE A 96 -35.86 -3.55 0.96
N LEU A 97 -35.34 -2.47 0.37
CA LEU A 97 -36.06 -1.20 0.33
C LEU A 97 -36.27 -0.75 -1.11
N PRO A 98 -37.44 -0.21 -1.45
CA PRO A 98 -37.72 0.20 -2.84
C PRO A 98 -36.89 1.41 -3.26
N MET A 99 -36.71 1.56 -4.57
CA MET A 99 -35.83 2.60 -5.11
C MET A 99 -36.42 4.01 -5.04
N ASP A 100 -37.73 4.16 -4.81
CA ASP A 100 -38.33 5.47 -4.58
C ASP A 100 -37.77 6.12 -3.33
N ARG A 101 -37.01 5.35 -2.59
CA ARG A 101 -36.37 5.67 -1.34
C ARG A 101 -34.93 6.08 -1.45
N PHE A 102 -34.36 6.04 -2.64
CA PHE A 102 -32.96 6.38 -2.86
C PHE A 102 -32.91 7.24 -4.11
N PRO A 103 -33.22 8.54 -3.98
CA PRO A 103 -33.11 9.41 -5.17
C PRO A 103 -31.69 9.46 -5.71
N GLU A 104 -30.68 9.35 -4.84
CA GLU A 104 -29.28 9.38 -5.29
C GLU A 104 -28.97 8.23 -6.25
N LEU A 105 -29.61 7.08 -6.09
CA LEU A 105 -29.32 5.90 -6.92
C LEU A 105 -30.31 5.74 -8.08
N ALA A 106 -31.05 6.80 -8.45
CA ALA A 106 -32.05 6.66 -9.52
C ALA A 106 -31.43 6.11 -10.79
N SER A 107 -30.28 6.63 -11.09
CA SER A 107 -29.61 6.24 -12.29
C SER A 107 -28.76 4.97 -12.12
N ASN A 108 -28.63 4.40 -10.91
CA ASN A 108 -27.89 3.15 -10.80
C ASN A 108 -28.80 1.98 -11.18
N GLN A 109 -28.18 0.86 -11.57
CA GLN A 109 -28.90 -0.27 -12.14
C GLN A 109 -28.72 -1.56 -11.35
N VAL A 110 -29.48 -2.58 -11.76
CA VAL A 110 -29.39 -3.88 -11.09
C VAL A 110 -28.00 -4.45 -11.27
N GLY A 111 -27.48 -5.04 -10.19
CA GLY A 111 -26.11 -5.49 -10.12
C GLY A 111 -25.13 -4.47 -9.56
N ASP A 112 -25.48 -3.19 -9.52
CA ASP A 112 -24.55 -2.19 -9.00
C ASP A 112 -24.29 -2.37 -7.51
N ASP A 113 -23.05 -2.13 -7.11
CA ASP A 113 -22.68 -2.11 -5.71
C ASP A 113 -22.84 -0.68 -5.20
N VAL A 114 -23.70 -0.50 -4.21
CA VAL A 114 -23.94 0.80 -3.60
C VAL A 114 -23.53 0.80 -2.14
N THR A 115 -22.68 -0.15 -1.77
CA THR A 115 -22.23 -0.23 -0.38
C THR A 115 -21.56 1.07 0.09
N GLU A 116 -20.64 1.64 -0.72
CA GLU A 116 -19.88 2.76 -0.17
C GLU A 116 -20.64 4.07 -0.35
N ILE A 117 -21.48 4.14 -1.39
CA ILE A 117 -22.23 5.36 -1.62
C ILE A 117 -23.23 5.59 -0.51
N LEU A 118 -23.77 4.52 0.05
CA LEU A 118 -24.72 4.60 1.15
C LEU A 118 -24.00 4.56 2.51
N GLY A 119 -22.67 4.57 2.52
CA GLY A 119 -21.92 4.62 3.76
C GLY A 119 -22.09 3.42 4.66
N ILE A 120 -22.35 2.25 4.09
CA ILE A 120 -22.55 1.04 4.86
C ILE A 120 -21.22 0.32 5.03
N THR A 121 -21.00 -0.22 6.24
CA THR A 121 -19.81 -1.00 6.55
C THR A 121 -20.27 -2.35 7.07
N LYS A 122 -19.35 -3.29 7.13
CA LYS A 122 -19.69 -4.63 7.58
C LYS A 122 -19.45 -4.74 9.08
N TRP A 123 -20.51 -5.08 9.82
CA TRP A 123 -20.37 -5.41 11.22
C TRP A 123 -19.68 -6.76 11.35
N GLU A 124 -18.72 -6.85 12.27
CA GLU A 124 -18.02 -8.12 12.49
C GLU A 124 -17.73 -8.27 13.98
N PRO A 125 -17.62 -9.52 14.45
CA PRO A 125 -17.38 -9.76 15.89
C PRO A 125 -15.99 -9.33 16.29
N PRO A 126 -15.77 -9.03 17.57
CA PRO A 126 -14.45 -8.55 18.01
C PRO A 126 -13.29 -9.54 18.03
N ILE A 127 -12.90 -10.11 16.88
CA ILE A 127 -11.53 -10.66 16.80
C ILE A 127 -10.49 -9.65 17.24
N SER A 128 -9.64 -10.13 18.15
CA SER A 128 -8.36 -9.53 18.54
C SER A 128 -7.28 -9.89 17.54
N THR A 129 -6.91 -8.94 16.70
CA THR A 129 -5.80 -9.18 15.79
C THR A 129 -4.49 -9.35 16.57
N ASN A 130 -3.46 -9.79 15.85
CA ASN A 130 -2.17 -9.82 16.51
C ASN A 130 -1.48 -8.49 16.30
N LEU A 131 -0.69 -8.11 17.29
CA LEU A 131 -0.30 -6.71 17.42
C LEU A 131 0.89 -6.40 16.49
N SER A 132 1.41 -5.17 16.54
CA SER A 132 2.27 -4.62 15.48
C SER A 132 3.72 -5.08 15.51
N GLY A 133 4.24 -5.50 16.68
CA GLY A 133 5.55 -6.15 16.66
C GLY A 133 5.54 -7.47 15.91
N GLU A 134 4.35 -7.99 15.61
CA GLU A 134 4.15 -9.31 15.04
C GLU A 134 3.91 -9.28 13.54
N ILE A 135 3.47 -8.17 12.99
CA ILE A 135 3.27 -8.10 11.55
C ILE A 135 4.62 -7.93 10.88
N LEU A 136 4.86 -8.66 9.79
CA LEU A 136 6.07 -8.45 9.00
C LEU A 136 5.84 -7.66 7.71
N GLY A 137 4.63 -7.61 7.17
CA GLY A 137 4.36 -6.90 5.91
C GLY A 137 2.92 -7.16 5.47
N GLU A 138 2.58 -6.86 4.20
CA GLU A 138 1.16 -7.02 3.89
C GLU A 138 0.90 -8.50 3.90
N PHE A 139 -0.35 -8.82 3.64
CA PHE A 139 -0.65 -10.09 3.03
C PHE A 139 -0.12 -10.11 1.60
N PRO A 140 0.59 -11.16 1.18
CA PRO A 140 1.22 -11.17 -0.15
C PRO A 140 0.23 -10.90 -1.27
N THR A 141 0.61 -10.00 -2.20
CA THR A 141 -0.24 -9.68 -3.34
C THR A 141 -0.24 -10.82 -4.37
N PHE A 142 0.78 -11.66 -4.37
CA PHE A 142 0.87 -12.80 -5.28
C PHE A 142 0.07 -14.00 -4.81
N ILE A 143 -0.71 -13.86 -3.74
CA ILE A 143 -1.53 -14.94 -3.19
C ILE A 143 -2.97 -14.47 -3.16
N SER A 144 -3.88 -15.33 -3.61
CA SER A 144 -5.31 -15.05 -3.53
C SER A 144 -5.80 -15.13 -2.09
N LYS A 145 -6.81 -14.33 -1.78
CA LYS A 145 -7.42 -14.37 -0.47
C LYS A 145 -8.42 -15.51 -0.40
N THR A 146 -8.91 -15.77 0.81
CA THR A 146 -9.71 -16.94 1.14
C THR A 146 -11.22 -16.79 0.93
N ASP A 147 -11.71 -15.67 0.40
CA ASP A 147 -13.13 -15.39 0.52
C ASP A 147 -13.95 -16.18 -0.50
N GLN A 148 -15.19 -16.51 -0.11
CA GLN A 148 -16.08 -17.35 -0.90
C GLN A 148 -17.43 -16.65 -1.02
N GLU A 149 -18.00 -16.66 -2.23
CA GLU A 149 -19.32 -16.07 -2.44
C GLU A 149 -20.41 -17.02 -1.94
N ARG A 150 -21.49 -16.43 -1.43
CA ARG A 150 -22.60 -17.19 -0.88
C ARG A 150 -23.49 -17.72 -1.99
N VAL A 151 -24.04 -18.92 -1.78
CA VAL A 151 -24.86 -19.53 -2.82
C VAL A 151 -26.15 -18.76 -3.05
N GLN A 152 -26.64 -18.02 -2.05
CA GLN A 152 -27.85 -17.23 -2.23
C GLN A 152 -27.66 -16.13 -3.27
N ASN A 153 -26.42 -15.75 -3.54
CA ASN A 153 -26.10 -14.70 -4.50
C ASN A 153 -25.69 -15.25 -5.87
N LEU A 154 -25.92 -16.53 -6.12
CA LEU A 154 -25.39 -17.21 -7.31
C LEU A 154 -26.46 -18.06 -7.99
N ILE A 155 -27.69 -17.56 -8.10
CA ILE A 155 -28.77 -18.36 -8.69
C ILE A 155 -28.55 -18.63 -10.18
N PRO A 156 -28.07 -17.66 -10.99
CA PRO A 156 -27.80 -17.99 -12.41
C PRO A 156 -26.69 -19.01 -12.59
N GLN A 157 -25.66 -18.97 -11.75
CA GLN A 157 -24.51 -19.87 -11.91
C GLN A 157 -24.83 -21.29 -11.48
N ILE A 158 -25.80 -21.46 -10.58
CA ILE A 158 -26.22 -22.81 -10.19
C ILE A 158 -26.82 -23.53 -11.39
N GLU A 159 -27.45 -22.79 -12.31
CA GLU A 159 -28.07 -23.40 -13.47
C GLU A 159 -27.12 -23.59 -14.65
N GLU A 160 -26.11 -22.72 -14.79
CA GLU A 160 -25.08 -22.96 -15.79
C GLU A 160 -24.15 -24.11 -15.42
N ASN A 161 -23.96 -24.35 -14.13
CA ASN A 161 -23.08 -25.42 -13.65
C ASN A 161 -23.83 -26.70 -13.34
N LYS A 162 -25.07 -26.82 -13.80
CA LYS A 162 -25.81 -28.06 -13.64
C LYS A 162 -25.12 -29.19 -14.39
N GLY A 163 -25.00 -30.34 -13.73
CA GLY A 163 -24.36 -31.49 -14.30
C GLY A 163 -22.88 -31.57 -14.03
N GLN A 164 -22.24 -30.48 -13.65
CA GLN A 164 -20.85 -30.50 -13.23
C GLN A 164 -20.76 -31.02 -11.78
N LYS A 165 -19.55 -31.37 -11.37
CA LYS A 165 -19.37 -32.00 -10.07
C LYS A 165 -18.48 -31.17 -9.16
N PHE A 166 -18.68 -31.35 -7.85
CA PHE A 166 -18.19 -30.43 -6.83
C PHE A 166 -17.71 -31.21 -5.62
N GLU A 167 -16.55 -30.82 -5.11
CA GLU A 167 -16.04 -31.31 -3.83
C GLU A 167 -16.76 -30.61 -2.69
N VAL A 168 -17.36 -31.39 -1.79
CA VAL A 168 -18.08 -30.85 -0.64
C VAL A 168 -17.20 -31.00 0.60
N THR A 169 -17.00 -29.88 1.31
CA THR A 169 -16.16 -29.86 2.50
C THR A 169 -16.90 -29.16 3.62
N VAL A 170 -16.71 -29.65 4.85
CA VAL A 170 -17.31 -29.01 6.01
C VAL A 170 -16.59 -27.68 6.25
N LYS A 171 -17.36 -26.60 6.31
CA LYS A 171 -16.79 -25.30 6.66
C LYS A 171 -16.57 -25.21 8.16
N LEU A 172 -15.34 -24.95 8.56
CA LEU A 172 -15.00 -24.72 9.95
C LEU A 172 -14.86 -23.23 10.21
N ASP A 173 -15.21 -22.82 11.41
CA ASP A 173 -15.10 -21.42 11.80
C ASP A 173 -13.90 -21.26 12.72
N GLY A 174 -12.85 -20.65 12.22
CA GLY A 174 -11.66 -20.35 12.98
C GLY A 174 -11.04 -19.14 12.35
N SER A 175 -9.74 -19.00 12.48
CA SER A 175 -9.04 -17.91 11.83
C SER A 175 -8.46 -18.39 10.51
N SER A 176 -8.42 -17.50 9.52
CA SER A 176 -7.86 -17.88 8.24
C SER A 176 -6.35 -17.71 8.31
N MET A 177 -5.64 -18.59 7.60
CA MET A 177 -4.21 -18.75 7.84
C MET A 177 -3.58 -19.31 6.58
N THR A 178 -2.50 -18.67 6.15
CA THR A 178 -1.78 -19.08 4.95
C THR A 178 -0.32 -19.33 5.30
N VAL A 179 0.17 -20.50 4.93
CA VAL A 179 1.58 -20.83 5.03
C VAL A 179 2.06 -21.09 3.61
N TYR A 180 3.07 -20.34 3.19
CA TYR A 180 3.47 -20.35 1.78
C TYR A 180 4.99 -20.33 1.68
N ARG A 181 5.44 -20.77 0.51
CA ARG A 181 6.85 -20.73 0.12
C ARG A 181 6.95 -20.00 -1.20
N LYS A 182 7.81 -18.97 -1.25
CA LYS A 182 8.20 -18.32 -2.50
C LYS A 182 9.72 -18.19 -2.52
N ASP A 183 10.38 -18.99 -3.35
CA ASP A 183 11.84 -19.02 -3.45
C ASP A 183 12.33 -19.35 -2.04
N ASP A 184 13.24 -18.56 -1.41
CA ASP A 184 13.47 -18.90 0.01
C ASP A 184 12.40 -18.49 0.96
N HIS A 185 11.59 -17.52 0.64
CA HIS A 185 10.85 -17.02 1.76
C HIS A 185 9.77 -18.05 2.08
N ILE A 186 9.71 -18.43 3.34
CA ILE A 186 8.59 -19.19 3.85
C ILE A 186 7.98 -18.31 4.91
N GLY A 187 6.72 -17.96 4.71
CA GLY A 187 6.04 -17.04 5.57
C GLY A 187 4.73 -17.63 6.02
N VAL A 188 4.27 -17.15 7.17
CA VAL A 188 2.99 -17.52 7.72
C VAL A 188 2.15 -16.27 7.83
N CYS A 189 0.96 -16.31 7.25
CA CYS A 189 0.07 -15.15 7.25
C CYS A 189 -1.21 -15.49 7.98
N GLY A 190 -1.76 -14.49 8.67
CA GLY A 190 -3.13 -14.53 9.13
C GLY A 190 -4.09 -14.28 7.99
N ARG A 191 -5.15 -13.50 8.24
CA ARG A 191 -6.10 -13.18 7.19
C ARG A 191 -5.68 -11.96 6.36
N ASN A 192 -5.00 -11.00 6.96
CA ASN A 192 -4.61 -9.78 6.26
C ASN A 192 -3.13 -9.45 6.36
N TRP A 193 -2.38 -10.07 7.27
CA TRP A 193 -1.00 -9.70 7.52
C TRP A 193 -0.08 -10.91 7.47
N GLU A 194 1.11 -10.71 6.93
CA GLU A 194 2.19 -11.68 7.10
C GLU A 194 2.82 -11.48 8.47
N LEU A 195 2.82 -12.53 9.26
CA LEU A 195 3.40 -12.48 10.59
C LEU A 195 4.84 -12.97 10.53
N ARG A 196 5.59 -12.76 11.62
CA ARG A 196 7.00 -13.18 11.67
C ARG A 196 7.25 -14.16 12.82
N GLU A 197 8.33 -14.93 12.67
CA GLU A 197 8.59 -16.17 13.39
C GLU A 197 8.52 -15.99 14.91
N THR A 198 7.65 -16.77 15.55
CA THR A 198 7.58 -16.80 17.00
C THR A 198 7.19 -18.18 17.52
N ALA A 199 7.69 -18.51 18.72
CA ALA A 199 7.18 -19.66 19.47
C ALA A 199 5.79 -19.38 20.05
N THR A 200 5.61 -18.21 20.69
CA THR A 200 4.34 -17.89 21.35
C THR A 200 3.18 -17.84 20.36
N ASN A 201 3.43 -17.40 19.12
CA ASN A 201 2.35 -17.11 18.19
C ASN A 201 1.56 -18.36 17.86
N ALA A 202 0.24 -18.19 17.75
CA ALA A 202 -0.62 -19.35 17.53
C ALA A 202 -0.57 -19.84 16.09
N GLN A 203 -0.47 -18.92 15.13
CA GLN A 203 -0.37 -19.32 13.73
C GLN A 203 0.94 -20.06 13.46
N TRP A 204 2.05 -19.52 13.96
CA TRP A 204 3.34 -20.18 13.78
C TRP A 204 3.42 -21.49 14.58
N HIS A 205 2.82 -21.52 15.77
CA HIS A 205 2.77 -22.76 16.54
C HIS A 205 2.06 -23.84 15.74
N ALA A 206 1.02 -23.46 14.99
CA ALA A 206 0.33 -24.43 14.16
C ALA A 206 1.20 -24.86 13.00
N ALA A 207 1.95 -23.93 12.41
CA ALA A 207 2.86 -24.30 11.34
C ALA A 207 3.96 -25.21 11.83
N ARG A 208 4.41 -25.02 13.07
CA ARG A 208 5.51 -25.84 13.56
C ARG A 208 5.09 -27.24 13.96
N ARG A 209 3.94 -27.41 14.64
CA ARG A 209 3.68 -28.79 15.02
C ARG A 209 3.17 -29.61 13.85
N ASN A 210 2.48 -29.01 12.88
CA ASN A 210 2.12 -29.82 11.70
C ASN A 210 3.29 -30.08 10.78
N LYS A 211 4.43 -29.43 11.00
CA LYS A 211 5.62 -29.57 10.16
C LYS A 211 5.32 -29.25 8.70
N MET A 212 4.39 -28.30 8.49
CA MET A 212 4.01 -27.92 7.15
C MET A 212 5.06 -27.05 6.46
N ILE A 213 5.94 -26.39 7.23
CA ILE A 213 6.99 -25.60 6.61
C ILE A 213 8.02 -26.54 5.96
N GLU A 214 8.47 -27.55 6.70
CA GLU A 214 9.39 -28.52 6.10
C GLU A 214 8.73 -29.26 4.94
N GLY A 215 7.42 -29.49 5.02
CA GLY A 215 6.73 -30.08 3.89
C GLY A 215 6.73 -29.16 2.69
N LEU A 216 6.65 -27.85 2.92
CA LEU A 216 6.72 -26.91 1.82
C LEU A 216 8.11 -26.92 1.18
N GLN A 217 9.15 -27.06 1.99
CA GLN A 217 10.47 -27.16 1.39
C GLN A 217 10.70 -28.54 0.79
N PHE A 218 10.04 -29.56 1.33
CA PHE A 218 10.14 -30.89 0.73
C PHE A 218 9.56 -30.91 -0.67
N LEU A 219 8.41 -30.25 -0.87
CA LEU A 219 7.78 -30.28 -2.18
C LEU A 219 8.51 -29.40 -3.18
N ASN A 220 9.36 -28.50 -2.70
CA ASN A 220 10.23 -27.70 -3.55
C ASN A 220 9.42 -26.95 -4.61
N ARG A 221 8.25 -26.45 -4.20
CA ARG A 221 7.38 -25.69 -5.08
C ARG A 221 6.94 -24.44 -4.35
N ASN A 222 6.67 -23.40 -5.12
CA ASN A 222 6.16 -22.15 -4.55
C ASN A 222 4.64 -22.27 -4.49
N LEU A 223 4.15 -22.70 -3.33
CA LEU A 223 2.74 -22.95 -3.12
C LEU A 223 2.28 -22.25 -1.85
N ALA A 224 1.01 -21.89 -1.83
CA ALA A 224 0.39 -21.30 -0.65
C ALA A 224 -0.62 -22.32 -0.13
N LEU A 225 -0.43 -22.75 1.11
CA LEU A 225 -1.36 -23.65 1.76
C LEU A 225 -2.32 -22.78 2.58
N GLN A 226 -3.59 -22.81 2.23
CA GLN A 226 -4.59 -21.95 2.86
C GLN A 226 -5.58 -22.82 3.61
N GLY A 227 -5.80 -22.51 4.90
CA GLY A 227 -6.71 -23.29 5.71
C GLY A 227 -7.14 -22.52 6.94
N GLU A 228 -8.01 -23.16 7.72
CA GLU A 228 -8.54 -22.59 8.95
C GLU A 228 -7.84 -23.21 10.14
N ILE A 229 -7.59 -22.40 11.17
CA ILE A 229 -7.00 -22.85 12.44
C ILE A 229 -8.08 -22.83 13.50
N ILE A 230 -8.27 -23.97 14.18
CA ILE A 230 -9.34 -24.12 15.16
C ILE A 230 -8.82 -24.88 16.37
N GLY A 231 -9.58 -24.85 17.44
CA GLY A 231 -9.23 -25.51 18.68
C GLY A 231 -9.61 -24.65 19.88
N GLU A 232 -9.04 -24.97 21.04
CA GLU A 232 -9.25 -24.20 22.27
C GLU A 232 -8.62 -22.82 22.15
N SER A 233 -9.21 -21.85 22.88
CA SER A 233 -8.79 -20.43 22.91
C SER A 233 -9.00 -19.79 21.56
N ILE A 234 -9.91 -20.39 20.81
CA ILE A 234 -10.05 -20.12 19.39
C ILE A 234 -11.51 -19.87 19.04
N GLN A 235 -11.84 -18.69 18.55
CA GLN A 235 -13.18 -18.47 18.02
C GLN A 235 -14.20 -18.97 19.02
N GLY A 236 -13.92 -18.79 20.30
CA GLY A 236 -14.81 -19.35 21.30
C GLY A 236 -14.80 -20.87 21.36
N ASN A 237 -14.11 -21.53 20.42
CA ASN A 237 -13.97 -22.99 20.30
C ASN A 237 -15.33 -23.70 20.18
N LEU A 238 -16.02 -23.41 19.09
CA LEU A 238 -17.24 -24.14 18.80
C LEU A 238 -16.99 -25.62 18.66
N GLU A 239 -15.81 -25.98 18.19
CA GLU A 239 -15.60 -27.40 17.96
C GLU A 239 -15.12 -28.11 19.20
N LYS A 240 -14.82 -27.37 20.26
CA LYS A 240 -14.33 -27.95 21.51
C LYS A 240 -13.22 -28.97 21.24
N LEU A 241 -12.14 -28.49 20.64
CA LEU A 241 -10.98 -29.32 20.38
C LEU A 241 -9.88 -28.93 21.35
N LYS A 242 -9.13 -29.93 21.83
CA LYS A 242 -8.00 -29.68 22.73
C LYS A 242 -6.80 -29.18 21.94
N GLY A 243 -6.26 -28.02 22.33
CA GLY A 243 -5.15 -27.42 21.62
C GLY A 243 -5.60 -26.77 20.33
N GLN A 244 -4.62 -26.37 19.53
CA GLN A 244 -4.89 -25.71 18.26
C GLN A 244 -4.37 -26.51 17.08
N ASP A 245 -4.98 -26.30 15.90
CA ASP A 245 -4.54 -27.03 14.73
C ASP A 245 -5.02 -26.34 13.45
N PHE A 246 -4.27 -26.57 12.38
CA PHE A 246 -4.56 -26.04 11.06
C PHE A 246 -5.28 -27.10 10.24
N TYR A 247 -6.35 -26.70 9.57
CA TYR A 247 -7.11 -27.59 8.69
C TYR A 247 -7.14 -26.98 7.29
N LEU A 248 -6.54 -27.67 6.33
CA LEU A 248 -6.36 -27.12 5.00
C LEU A 248 -7.62 -27.25 4.18
N PHE A 249 -7.89 -26.24 3.34
CA PHE A 249 -8.99 -26.35 2.39
C PHE A 249 -8.65 -25.88 1.00
N ASP A 250 -7.48 -25.28 0.77
CA ASP A 250 -7.11 -24.79 -0.55
C ASP A 250 -5.59 -24.72 -0.65
N ILE A 251 -5.09 -24.86 -1.87
CA ILE A 251 -3.68 -24.66 -2.17
C ILE A 251 -3.58 -23.82 -3.43
N TYR A 252 -2.86 -22.69 -3.33
CA TYR A 252 -2.70 -21.75 -4.42
C TYR A 252 -1.34 -21.97 -5.08
N ASP A 253 -1.33 -22.10 -6.41
CA ASP A 253 -0.08 -22.16 -7.17
C ASP A 253 0.37 -20.72 -7.44
N ILE A 254 1.40 -20.28 -6.72
CA ILE A 254 1.86 -18.90 -6.86
C ILE A 254 2.38 -18.65 -8.27
N ASP A 255 3.09 -19.63 -8.84
CA ASP A 255 3.69 -19.45 -10.16
C ASP A 255 2.63 -19.30 -11.24
N LYS A 256 1.53 -20.02 -11.10
CA LYS A 256 0.44 -19.97 -12.06
C LYS A 256 -0.68 -19.04 -11.64
N ALA A 257 -0.61 -18.49 -10.43
CA ALA A 257 -1.63 -17.54 -9.95
C ALA A 257 -3.02 -18.17 -10.04
N GLN A 258 -3.13 -19.42 -9.63
CA GLN A 258 -4.38 -20.16 -9.79
C GLN A 258 -4.43 -21.32 -8.79
N TYR A 259 -5.64 -21.69 -8.40
CA TYR A 259 -5.85 -22.72 -7.39
C TYR A 259 -5.72 -24.12 -7.97
N LEU A 260 -5.14 -25.02 -7.17
CA LEU A 260 -5.10 -26.44 -7.47
C LEU A 260 -6.51 -27.03 -7.55
N THR A 261 -6.68 -28.02 -8.44
CA THR A 261 -7.92 -28.79 -8.43
C THR A 261 -8.11 -29.47 -7.08
N PRO A 262 -9.35 -29.79 -6.71
CA PRO A 262 -9.58 -30.62 -5.52
C PRO A 262 -8.77 -31.91 -5.52
N ILE A 263 -8.66 -32.60 -6.67
CA ILE A 263 -7.93 -33.86 -6.70
C ILE A 263 -6.42 -33.63 -6.57
N GLU A 264 -5.88 -32.58 -7.19
CA GLU A 264 -4.47 -32.25 -6.96
C GLU A 264 -4.22 -31.96 -5.50
N ARG A 265 -5.08 -31.14 -4.90
CA ARG A 265 -4.94 -30.80 -3.49
C ARG A 265 -5.10 -32.04 -2.62
N GLN A 266 -6.02 -32.94 -2.99
CA GLN A 266 -6.20 -34.17 -2.22
C GLN A 266 -5.00 -35.10 -2.32
N SER A 267 -4.40 -35.22 -3.51
CA SER A 267 -3.27 -36.12 -3.67
C SER A 267 -1.98 -35.50 -3.11
N LEU A 268 -1.89 -34.15 -3.13
CA LEU A 268 -0.70 -33.52 -2.60
C LEU A 268 -0.69 -33.53 -1.09
N VAL A 269 -1.86 -33.43 -0.45
CA VAL A 269 -1.92 -33.63 1.00
C VAL A 269 -1.57 -35.08 1.33
N LYS A 270 -2.06 -36.03 0.51
CA LYS A 270 -1.64 -37.42 0.65
C LYS A 270 -0.14 -37.56 0.45
N GLN A 271 0.38 -36.94 -0.61
CA GLN A 271 1.83 -36.92 -0.83
C GLN A 271 2.54 -36.30 0.37
N LEU A 272 1.96 -35.23 0.92
CA LEU A 272 2.52 -34.64 2.13
C LEU A 272 2.48 -35.64 3.27
N ASN A 273 1.36 -36.34 3.40
CA ASN A 273 1.22 -37.31 4.48
C ASN A 273 1.97 -38.59 4.20
N ASP A 274 2.11 -38.96 2.93
CA ASP A 274 2.91 -40.13 2.58
C ASP A 274 4.40 -39.95 2.89
N ASN A 275 4.84 -38.74 3.22
CA ASN A 275 6.24 -38.45 3.51
C ASN A 275 6.46 -37.94 4.92
N GLY A 276 5.50 -38.15 5.82
CA GLY A 276 5.66 -37.80 7.22
C GLY A 276 5.26 -36.41 7.64
N PHE A 277 4.75 -35.58 6.72
CA PHE A 277 4.26 -34.24 7.07
C PHE A 277 2.76 -34.29 7.29
N THR A 278 2.35 -34.23 8.55
CA THR A 278 0.95 -34.48 8.95
C THR A 278 0.17 -33.17 8.91
N VAL A 279 -0.36 -32.87 7.73
CA VAL A 279 -1.21 -31.70 7.54
C VAL A 279 -2.64 -32.18 7.41
N LYS A 280 -3.51 -31.64 8.26
CA LYS A 280 -4.92 -32.02 8.25
C LYS A 280 -5.68 -31.18 7.23
N HIS A 281 -6.76 -31.76 6.73
CA HIS A 281 -7.66 -31.14 5.78
C HIS A 281 -9.02 -30.96 6.45
N VAL A 282 -9.78 -29.98 5.99
CA VAL A 282 -11.15 -29.84 6.50
C VAL A 282 -11.89 -31.10 6.09
N PRO A 283 -12.86 -31.57 6.86
CA PRO A 283 -13.52 -32.84 6.52
C PRO A 283 -14.12 -32.80 5.11
N ILE A 284 -13.73 -33.75 4.29
CA ILE A 284 -14.25 -33.86 2.93
C ILE A 284 -15.44 -34.79 2.93
N LEU A 285 -16.52 -34.37 2.30
CA LEU A 285 -17.71 -35.18 2.16
C LEU A 285 -17.77 -35.71 0.73
N ASP A 286 -18.85 -36.45 0.44
CA ASP A 286 -18.96 -37.05 -0.88
C ASP A 286 -19.13 -35.96 -1.95
N ASP A 287 -18.49 -36.18 -3.09
CA ASP A 287 -18.59 -35.23 -4.18
C ASP A 287 -20.05 -35.07 -4.60
N LEU A 288 -20.36 -33.94 -5.21
CA LEU A 288 -21.74 -33.61 -5.54
C LEU A 288 -21.86 -33.33 -7.03
N GLU A 289 -22.72 -34.09 -7.70
CA GLU A 289 -23.15 -33.77 -9.05
C GLU A 289 -24.30 -32.76 -8.96
N LEU A 290 -24.08 -31.57 -9.47
CA LEU A 290 -25.01 -30.46 -9.24
C LEU A 290 -26.27 -30.61 -10.09
N ASN A 291 -27.40 -30.75 -9.41
CA ASN A 291 -28.73 -30.70 -10.04
C ASN A 291 -29.72 -30.27 -8.96
N HIS A 292 -29.39 -29.18 -8.26
CA HIS A 292 -30.13 -28.75 -7.09
C HIS A 292 -30.46 -27.27 -7.18
N THR A 293 -31.45 -26.85 -6.38
CA THR A 293 -31.80 -25.45 -6.22
C THR A 293 -31.13 -24.86 -4.97
N ALA A 294 -31.14 -23.52 -4.91
CA ALA A 294 -30.55 -22.82 -3.79
C ALA A 294 -31.08 -23.25 -2.42
N GLU A 295 -32.38 -23.57 -2.30
CA GLU A 295 -32.86 -24.09 -1.01
C GLU A 295 -32.39 -25.52 -0.75
N GLN A 296 -32.33 -26.39 -1.77
CA GLN A 296 -31.76 -27.72 -1.48
C GLN A 296 -30.29 -27.66 -1.14
N ILE A 297 -29.53 -26.73 -1.71
CA ILE A 297 -28.14 -26.63 -1.29
C ILE A 297 -28.05 -26.12 0.14
N LEU A 298 -28.85 -25.10 0.48
CA LEU A 298 -28.90 -24.64 1.87
C LEU A 298 -29.37 -25.75 2.80
N ALA A 299 -30.20 -26.67 2.30
CA ALA A 299 -30.68 -27.76 3.14
C ALA A 299 -29.57 -28.73 3.49
N MET A 300 -28.62 -28.93 2.59
CA MET A 300 -27.46 -29.75 2.92
C MET A 300 -26.53 -29.04 3.89
N ALA A 301 -26.65 -27.71 3.98
CA ALA A 301 -25.69 -26.93 4.75
C ALA A 301 -25.66 -27.36 6.21
N ASP A 302 -26.81 -27.67 6.80
CA ASP A 302 -26.80 -28.12 8.18
C ASP A 302 -26.37 -29.58 8.24
N GLY A 303 -25.66 -29.92 9.31
CA GLY A 303 -25.15 -31.25 9.51
C GLY A 303 -24.00 -31.30 10.50
N PRO A 304 -23.34 -32.45 10.61
CA PRO A 304 -22.26 -32.58 11.60
C PRO A 304 -20.99 -31.85 11.19
N SER A 305 -20.31 -31.30 12.20
CA SER A 305 -19.03 -30.61 12.00
C SER A 305 -17.91 -31.61 12.20
N LEU A 306 -16.68 -31.14 12.43
CA LEU A 306 -15.59 -32.05 12.78
C LEU A 306 -15.90 -32.81 14.06
N ASN A 307 -16.23 -32.09 15.13
CA ASN A 307 -16.92 -32.63 16.31
C ASN A 307 -18.40 -32.83 15.97
N LYS A 308 -18.84 -34.09 15.88
CA LYS A 308 -20.18 -34.42 15.39
C LYS A 308 -21.28 -34.10 16.39
N ASN A 309 -20.95 -33.82 17.66
CA ASN A 309 -21.95 -33.35 18.62
C ASN A 309 -22.03 -31.85 18.58
N VAL A 310 -21.34 -31.26 17.60
CA VAL A 310 -21.43 -29.86 17.22
C VAL A 310 -21.88 -29.87 15.78
N LYS A 311 -22.79 -28.98 15.44
CA LYS A 311 -23.25 -28.95 14.07
C LYS A 311 -22.62 -27.79 13.34
N ARG A 312 -22.24 -28.04 12.08
CA ARG A 312 -21.31 -27.24 11.31
C ARG A 312 -21.84 -25.84 11.01
N GLU A 313 -20.89 -24.95 10.68
CA GLU A 313 -21.26 -23.63 10.16
C GLU A 313 -21.85 -23.72 8.77
N GLY A 314 -21.42 -24.70 7.98
CA GLY A 314 -21.95 -24.85 6.63
C GLY A 314 -21.04 -25.70 5.76
N LEU A 315 -21.19 -25.51 4.46
CA LEU A 315 -20.47 -26.28 3.46
C LEU A 315 -19.76 -25.35 2.49
N VAL A 316 -18.67 -25.84 1.90
CA VAL A 316 -18.05 -25.19 0.78
C VAL A 316 -18.00 -26.16 -0.39
N PHE A 317 -18.30 -25.66 -1.58
CA PHE A 317 -18.35 -26.44 -2.80
C PHE A 317 -17.29 -25.94 -3.75
N LYS A 318 -16.50 -26.87 -4.31
CA LYS A 318 -15.43 -26.55 -5.25
C LYS A 318 -15.59 -27.44 -6.46
N ARG A 319 -15.83 -26.84 -7.63
CA ARG A 319 -15.88 -27.62 -8.87
C ARG A 319 -14.52 -28.25 -9.15
N LEU A 320 -14.55 -29.43 -9.78
CA LEU A 320 -13.31 -30.20 -9.88
C LEU A 320 -12.30 -29.61 -10.85
N ASP A 321 -12.68 -28.64 -11.68
CA ASP A 321 -11.67 -27.89 -12.42
C ASP A 321 -11.03 -26.80 -11.56
N GLY A 322 -11.55 -26.58 -10.35
CA GLY A 322 -10.98 -25.67 -9.39
C GLY A 322 -11.16 -24.19 -9.64
N LYS A 323 -12.04 -23.77 -10.54
CA LYS A 323 -12.26 -22.34 -10.74
C LYS A 323 -13.74 -21.97 -10.71
N PHE A 324 -14.52 -22.67 -9.89
CA PHE A 324 -15.82 -22.17 -9.46
C PHE A 324 -16.10 -22.80 -8.11
N SER A 325 -16.28 -21.95 -7.11
CA SER A 325 -16.47 -22.40 -5.74
C SER A 325 -17.46 -21.45 -5.06
N PHE A 326 -18.22 -21.98 -4.11
CA PHE A 326 -19.11 -21.15 -3.32
C PHE A 326 -19.34 -21.81 -1.97
N LYS A 327 -19.87 -21.05 -1.03
CA LYS A 327 -20.21 -21.58 0.27
C LYS A 327 -21.71 -21.51 0.51
N ALA A 328 -22.15 -22.31 1.46
CA ALA A 328 -23.55 -22.36 1.87
C ALA A 328 -23.56 -22.49 3.38
N ILE A 329 -23.96 -21.43 4.08
CA ILE A 329 -23.94 -21.38 5.53
C ILE A 329 -25.28 -21.86 6.07
N SER A 330 -25.23 -22.77 7.03
CA SER A 330 -26.45 -23.28 7.63
C SER A 330 -27.18 -22.15 8.35
N ASN A 331 -28.44 -21.96 7.96
CA ASN A 331 -29.25 -20.93 8.61
C ASN A 331 -29.64 -21.35 10.01
N ALA A 332 -29.72 -22.67 10.27
CA ALA A 332 -29.90 -23.14 11.64
C ALA A 332 -28.76 -22.67 12.53
N TYR A 333 -27.53 -22.72 12.02
CA TYR A 333 -26.38 -22.21 12.77
C TYR A 333 -26.54 -20.72 13.04
N LEU A 334 -26.94 -19.96 12.03
CA LEU A 334 -27.08 -18.51 12.18
C LEU A 334 -28.23 -18.16 13.12
N GLU A 335 -29.23 -19.02 13.22
CA GLU A 335 -30.31 -18.74 14.17
C GLU A 335 -29.84 -18.96 15.60
N LYS A 336 -28.92 -19.89 15.81
CA LYS A 336 -28.41 -20.26 17.13
C LYS A 336 -27.43 -19.23 17.66
N HIS A 337 -26.44 -18.85 16.85
CA HIS A 337 -25.42 -17.91 17.25
C HIS A 337 -25.78 -16.47 16.92
N LYS A 338 -25.58 -15.59 17.90
CA LYS A 338 -26.04 -14.21 17.83
C LYS A 338 -25.02 -13.26 17.20
N ASP A 339 -23.73 -13.37 17.48
CA ASP A 339 -22.76 -12.72 16.59
C ASP A 339 -22.02 -13.72 15.69
N ARG A 340 -22.77 -14.25 14.73
CA ARG A 340 -22.22 -15.11 13.66
C ARG A 340 -22.86 -14.74 12.33
N VAL B 4 13.87 6.22 3.75
CA VAL B 4 14.56 5.16 4.50
C VAL B 4 16.07 5.19 4.20
N ARG B 5 16.84 5.13 5.29
CA ARG B 5 18.28 5.34 5.27
C ARG B 5 19.01 4.46 4.26
N LYS B 6 20.05 5.05 3.68
CA LYS B 6 20.93 4.40 2.70
C LYS B 6 22.17 3.90 3.45
N LEU B 7 22.07 2.67 3.98
CA LEU B 7 23.11 2.13 4.85
C LEU B 7 24.41 1.89 4.10
N ALA B 8 24.34 1.37 2.88
CA ALA B 8 25.52 1.11 2.05
C ALA B 8 25.45 2.02 0.85
N THR B 9 26.45 2.90 0.72
CA THR B 9 26.47 3.87 -0.35
C THR B 9 27.86 3.94 -0.96
N ILE B 10 27.90 4.43 -2.20
CA ILE B 10 29.16 4.71 -2.88
C ILE B 10 29.61 6.12 -2.48
N ARG B 11 30.77 6.21 -1.86
CA ARG B 11 31.34 7.49 -1.47
C ARG B 11 32.79 7.54 -1.89
N THR B 12 33.39 8.72 -1.74
CA THR B 12 34.79 8.92 -2.09
C THR B 12 35.61 9.11 -0.83
N ALA B 13 36.84 8.60 -0.85
CA ALA B 13 37.70 8.79 0.30
C ALA B 13 38.06 10.26 0.40
N GLY B 14 37.83 10.85 1.56
CA GLY B 14 38.22 12.23 1.76
C GLY B 14 39.68 12.29 2.15
N GLU B 15 39.99 13.16 3.08
CA GLU B 15 41.37 13.31 3.48
C GLU B 15 41.80 12.17 4.38
N ILE B 16 43.05 11.70 4.25
CA ILE B 16 43.57 10.55 5.00
C ILE B 16 44.73 11.01 5.88
N THR B 17 44.64 10.68 7.19
CA THR B 17 45.57 11.03 8.26
C THR B 17 46.21 9.80 8.92
N PRO B 18 47.45 9.93 9.36
CA PRO B 18 48.09 8.85 10.12
C PRO B 18 47.44 8.76 11.49
N ILE B 19 47.53 7.57 12.07
CA ILE B 19 47.12 7.31 13.44
C ILE B 19 48.43 7.18 14.22
N ALA B 20 48.67 8.11 15.14
CA ALA B 20 49.90 8.02 15.93
C ALA B 20 49.95 6.71 16.66
N GLY B 21 51.13 6.12 16.75
CA GLY B 21 51.27 4.83 17.40
C GLY B 21 51.05 3.64 16.50
N ALA B 22 50.09 3.72 15.58
CA ALA B 22 49.71 2.60 14.74
C ALA B 22 50.23 2.81 13.33
N GLU B 23 50.95 1.82 12.80
CA GLU B 23 51.48 1.92 11.46
C GLU B 23 50.80 1.02 10.43
N ALA B 24 49.94 0.09 10.85
CA ALA B 24 49.23 -0.78 9.92
C ALA B 24 47.89 -0.22 9.45
N ILE B 25 47.41 0.85 10.07
CA ILE B 25 46.11 1.42 9.78
C ILE B 25 46.27 2.93 9.63
N GLU B 26 45.26 3.55 9.01
CA GLU B 26 45.16 4.99 8.97
C GLU B 26 43.71 5.41 9.11
N CYS B 27 43.52 6.69 9.40
CA CYS B 27 42.20 7.28 9.51
C CYS B 27 41.83 7.91 8.18
N CYS B 28 40.60 7.64 7.73
CA CYS B 28 40.11 8.14 6.46
C CYS B 28 38.77 8.85 6.69
N HIS B 29 38.68 10.09 6.23
CA HIS B 29 37.43 10.84 6.33
C HIS B 29 36.55 10.46 5.15
N VAL B 30 35.32 10.06 5.43
CA VAL B 30 34.31 9.72 4.44
C VAL B 30 33.14 10.64 4.76
N ASP B 31 32.94 11.66 3.90
CA ASP B 31 32.03 12.77 4.16
C ASP B 31 32.23 13.27 5.58
N GLY B 32 31.18 13.29 6.38
CA GLY B 32 31.27 13.70 7.78
C GLY B 32 31.75 12.63 8.75
N TRP B 33 31.92 11.39 8.28
CA TRP B 33 32.38 10.28 9.11
C TRP B 33 33.91 10.19 9.09
N THR B 34 34.47 9.49 10.07
CA THR B 34 35.88 9.08 10.02
C THR B 34 35.96 7.59 10.32
N CYS B 35 36.75 6.89 9.52
CA CYS B 35 36.72 5.45 9.55
C CYS B 35 38.16 4.96 9.47
N VAL B 36 38.48 3.92 10.24
CA VAL B 36 39.83 3.36 10.23
C VAL B 36 39.91 2.38 9.09
N ILE B 37 40.86 2.58 8.18
CA ILE B 37 41.07 1.71 7.03
C ILE B 37 42.47 1.13 7.12
N LYS B 38 42.65 -0.03 6.48
CA LYS B 38 43.99 -0.61 6.39
C LYS B 38 44.84 0.23 5.43
N LYS B 39 46.12 0.40 5.79
CA LYS B 39 47.00 1.24 4.98
C LYS B 39 47.09 0.70 3.56
N GLY B 40 47.04 1.62 2.59
CA GLY B 40 47.10 1.26 1.19
C GLY B 40 45.80 0.77 0.58
N GLU B 41 44.69 0.80 1.32
CA GLU B 41 43.41 0.45 0.70
C GLU B 41 42.84 1.57 -0.16
N PHE B 42 43.12 2.84 0.21
CA PHE B 42 42.57 4.02 -0.44
C PHE B 42 43.60 5.13 -0.55
N LYS B 43 43.43 5.95 -1.57
CA LYS B 43 44.09 7.23 -1.63
C LYS B 43 42.99 8.25 -1.76
N GLN B 44 43.21 9.48 -1.29
CA GLN B 44 42.12 10.47 -1.31
C GLN B 44 41.56 10.59 -2.72
N GLY B 45 40.23 10.62 -2.83
CA GLY B 45 39.58 10.66 -4.13
C GLY B 45 39.10 9.31 -4.62
N ASP B 46 39.66 8.21 -4.08
CA ASP B 46 39.19 6.90 -4.47
C ASP B 46 37.76 6.71 -4.00
N ARG B 47 36.99 5.93 -4.74
CA ARG B 47 35.64 5.63 -4.30
C ARG B 47 35.60 4.24 -3.68
N GLY B 48 34.58 4.01 -2.88
CA GLY B 48 34.38 2.72 -2.24
C GLY B 48 32.98 2.64 -1.69
N VAL B 49 32.66 1.47 -1.13
CA VAL B 49 31.38 1.25 -0.47
C VAL B 49 31.52 1.59 1.00
N TYR B 50 30.72 2.56 1.47
CA TYR B 50 30.69 2.95 2.87
C TYR B 50 29.45 2.38 3.54
N PHE B 51 29.65 1.60 4.60
CA PHE B 51 28.56 1.04 5.39
C PHE B 51 28.42 1.84 6.68
N GLU B 52 27.25 2.42 6.90
CA GLU B 52 27.06 3.22 8.11
C GLU B 52 26.99 2.31 9.35
N ILE B 53 27.18 2.92 10.52
CA ILE B 53 26.86 2.21 11.75
C ILE B 53 25.37 1.85 11.75
N ASP B 54 25.02 0.81 12.50
CA ASP B 54 23.71 0.13 12.59
C ASP B 54 23.49 -0.86 11.45
N SER B 55 24.37 -0.92 10.47
CA SER B 55 24.20 -1.88 9.38
C SER B 55 24.45 -3.29 9.91
N PHE B 56 23.62 -4.23 9.49
CA PHE B 56 23.85 -5.65 9.75
C PHE B 56 24.29 -6.32 8.46
N ILE B 57 25.50 -6.89 8.48
CA ILE B 57 26.13 -7.41 7.27
C ILE B 57 26.32 -8.90 7.42
N LYS B 58 25.63 -9.69 6.60
CA LYS B 58 25.69 -11.13 6.79
C LYS B 58 27.09 -11.65 6.46
N GLU B 59 27.34 -12.84 6.98
CA GLU B 59 28.68 -13.40 6.98
C GLU B 59 29.18 -13.65 5.57
N ASP B 60 30.43 -13.30 5.32
CA ASP B 60 31.01 -13.47 4.00
C ASP B 60 32.54 -13.37 4.09
N ASN B 61 33.23 -14.51 4.10
CA ASN B 61 34.67 -14.51 4.27
C ASN B 61 35.42 -14.10 3.01
N ASP B 62 34.73 -13.86 1.89
CA ASP B 62 35.37 -13.26 0.72
C ASP B 62 35.27 -11.73 0.76
N ARG B 63 34.06 -11.18 0.95
CA ARG B 63 33.89 -9.72 1.01
C ARG B 63 34.22 -9.14 2.38
N TYR B 64 33.85 -9.85 3.46
CA TYR B 64 33.96 -9.30 4.81
C TYR B 64 34.74 -10.22 5.76
N PRO B 65 35.96 -10.61 5.41
CA PRO B 65 36.75 -11.39 6.39
C PRO B 65 37.13 -10.57 7.62
N MET B 66 37.26 -9.26 7.47
CA MET B 66 37.49 -8.33 8.58
C MET B 66 36.41 -8.41 9.65
N LEU B 67 35.23 -8.93 9.35
CA LEU B 67 34.12 -8.87 10.28
C LEU B 67 33.84 -10.19 10.96
N SER B 68 34.64 -11.23 10.69
CA SER B 68 34.37 -12.58 11.16
C SER B 68 34.60 -12.75 12.66
N LYS B 69 35.23 -11.80 13.34
CA LYS B 69 35.43 -11.92 14.78
C LYS B 69 34.55 -10.96 15.56
N GLN B 70 33.44 -10.53 14.93
CA GLN B 70 32.37 -9.84 15.64
C GLN B 70 31.02 -10.43 15.28
N VAL B 71 31.00 -11.65 14.75
CA VAL B 71 29.77 -12.26 14.27
C VAL B 71 28.81 -12.53 15.42
N ILE B 72 27.53 -12.18 15.21
CA ILE B 72 26.46 -12.38 16.17
C ILE B 72 25.25 -12.94 15.45
N ASP B 73 24.25 -13.36 16.22
CA ASP B 73 22.94 -13.71 15.69
C ASP B 73 22.02 -12.51 15.71
N TYR B 74 21.33 -12.27 14.61
CA TYR B 74 20.28 -11.26 14.54
C TYR B 74 19.16 -11.83 13.68
N GLU B 75 18.01 -12.13 14.31
CA GLU B 75 16.84 -12.67 13.64
C GLU B 75 17.18 -13.95 12.86
N GLY B 76 17.95 -14.84 13.48
CA GLY B 76 18.32 -16.11 12.89
C GLY B 76 19.45 -16.08 11.88
N GLN B 77 19.93 -14.90 11.47
CA GLN B 77 21.01 -14.80 10.50
C GLN B 77 22.34 -14.50 11.20
N ARG B 78 23.38 -15.22 10.80
CA ARG B 78 24.71 -14.92 11.31
C ARG B 78 25.26 -13.71 10.55
N GLY B 79 25.74 -12.72 11.29
CA GLY B 79 26.31 -11.56 10.66
C GLY B 79 26.96 -10.65 11.69
N THR B 80 27.34 -9.46 11.23
CA THR B 80 28.06 -8.49 12.04
C THR B 80 27.30 -7.18 12.07
N ARG B 81 27.21 -6.59 13.27
CA ARG B 81 26.57 -5.29 13.47
C ARG B 81 27.64 -4.22 13.70
N LEU B 82 27.65 -3.22 12.82
CA LEU B 82 28.61 -2.13 12.92
C LEU B 82 28.30 -1.15 14.03
N ARG B 83 29.35 -0.60 14.58
CA ARG B 83 29.47 -0.22 15.96
C ARG B 83 30.39 1.01 16.04
N THR B 84 30.01 1.98 16.89
CA THR B 84 30.96 3.05 17.17
C THR B 84 32.08 2.40 17.97
N ALA B 85 33.31 2.68 17.57
CA ALA B 85 34.42 2.08 18.27
C ALA B 85 35.61 3.01 18.21
N ARG B 86 36.54 2.77 19.10
CA ARG B 86 37.76 3.56 19.20
C ARG B 86 38.97 2.62 19.08
N LEU B 87 39.60 2.65 17.90
CA LEU B 87 40.83 1.92 17.61
C LEU B 87 42.01 2.87 17.84
N ARG B 88 42.84 2.56 18.83
CA ARG B 88 44.09 3.29 19.11
C ARG B 88 43.83 4.78 19.36
N GLY B 89 42.76 5.08 20.11
CA GLY B 89 42.38 6.46 20.36
C GLY B 89 41.58 7.10 19.26
N GLN B 90 41.54 6.48 18.08
CA GLN B 90 40.85 7.07 16.95
C GLN B 90 39.42 6.56 16.93
N LEU B 91 38.47 7.47 16.92
CA LEU B 91 37.09 7.11 16.81
C LEU B 91 36.82 6.58 15.40
N SER B 92 36.22 5.39 15.30
CA SER B 92 35.93 4.85 13.98
C SER B 92 34.46 4.48 13.89
N GLN B 93 33.85 4.87 12.78
CA GLN B 93 32.43 4.61 12.59
C GLN B 93 32.21 4.14 11.14
N GLY B 94 31.66 2.93 11.01
CA GLY B 94 31.35 2.38 9.70
C GLY B 94 32.48 1.57 9.09
N LEU B 95 32.19 0.99 7.95
CA LEU B 95 33.13 0.19 7.19
C LEU B 95 33.27 0.78 5.79
N PHE B 96 34.50 0.96 5.34
CA PHE B 96 34.79 1.52 4.03
C PHE B 96 35.65 0.52 3.27
N LEU B 97 35.11 0.01 2.17
CA LEU B 97 35.80 -1.01 1.40
C LEU B 97 36.07 -0.53 -0.02
N PRO B 98 37.23 -0.83 -0.56
CA PRO B 98 37.58 -0.39 -1.92
C PRO B 98 36.73 -1.09 -2.97
N MET B 99 36.65 -0.47 -4.14
CA MET B 99 35.79 -1.01 -5.19
C MET B 99 36.35 -2.28 -5.83
N ASP B 100 37.63 -2.60 -5.61
CA ASP B 100 38.13 -3.86 -6.14
C ASP B 100 37.50 -5.06 -5.45
N ARG B 101 36.75 -4.85 -4.36
CA ARG B 101 36.07 -5.95 -3.71
C ARG B 101 34.61 -6.05 -4.12
N PHE B 102 34.14 -5.14 -4.99
CA PHE B 102 32.76 -5.15 -5.50
C PHE B 102 32.79 -4.88 -6.99
N PRO B 103 33.26 -5.84 -7.78
CA PRO B 103 33.28 -5.63 -9.24
C PRO B 103 31.92 -5.39 -9.86
N GLU B 104 30.86 -6.00 -9.31
CA GLU B 104 29.51 -5.80 -9.83
C GLU B 104 29.05 -4.35 -9.73
N LEU B 105 29.52 -3.61 -8.72
CA LEU B 105 29.09 -2.23 -8.51
C LEU B 105 30.04 -1.22 -9.15
N ALA B 106 30.96 -1.70 -10.01
CA ALA B 106 31.92 -0.82 -10.65
C ALA B 106 31.25 0.32 -11.40
N SER B 107 30.16 0.01 -12.08
CA SER B 107 29.46 0.97 -12.91
C SER B 107 28.72 2.04 -12.11
N ASN B 108 28.61 1.92 -10.78
CA ASN B 108 27.79 2.82 -9.98
C ASN B 108 28.51 4.13 -9.70
N GLN B 109 27.73 5.12 -9.26
CA GLN B 109 28.23 6.48 -9.06
C GLN B 109 28.25 6.80 -7.58
N VAL B 110 28.94 7.90 -7.24
CA VAL B 110 28.98 8.37 -5.86
C VAL B 110 27.61 8.90 -5.46
N GLY B 111 27.19 8.58 -4.24
CA GLY B 111 25.87 8.88 -3.79
C GLY B 111 24.86 7.78 -4.03
N ASP B 112 25.19 6.79 -4.85
CA ASP B 112 24.28 5.68 -5.12
C ASP B 112 24.02 4.84 -3.87
N ASP B 113 22.78 4.40 -3.71
CA ASP B 113 22.41 3.50 -2.63
C ASP B 113 22.56 2.06 -3.11
N VAL B 114 23.39 1.28 -2.41
CA VAL B 114 23.57 -0.13 -2.72
C VAL B 114 23.16 -1.02 -1.54
N THR B 115 22.37 -0.46 -0.62
CA THR B 115 21.92 -1.22 0.54
C THR B 115 21.23 -2.52 0.13
N GLU B 116 20.30 -2.44 -0.81
CA GLU B 116 19.51 -3.61 -1.17
C GLU B 116 20.22 -4.50 -2.17
N ILE B 117 21.13 -3.97 -2.98
CA ILE B 117 21.88 -4.84 -3.87
C ILE B 117 22.80 -5.72 -3.04
N LEU B 118 23.35 -5.16 -1.95
CA LEU B 118 24.28 -5.86 -1.08
C LEU B 118 23.59 -6.62 0.04
N GLY B 119 22.27 -6.67 0.05
CA GLY B 119 21.56 -7.42 1.07
C GLY B 119 21.74 -6.87 2.47
N ILE B 120 21.95 -5.55 2.61
CA ILE B 120 22.18 -4.97 3.93
C ILE B 120 20.86 -4.58 4.56
N THR B 121 20.74 -4.87 5.85
CA THR B 121 19.59 -4.53 6.66
C THR B 121 20.07 -3.79 7.89
N LYS B 122 19.15 -3.08 8.54
CA LYS B 122 19.47 -2.28 9.72
C LYS B 122 19.27 -3.09 11.00
N TRP B 123 20.33 -3.20 11.81
CA TRP B 123 20.17 -3.83 13.12
C TRP B 123 19.38 -2.90 14.04
N GLU B 124 18.40 -3.44 14.76
CA GLU B 124 17.63 -2.62 15.70
C GLU B 124 17.23 -3.39 16.95
N PRO B 125 17.03 -2.69 18.08
CA PRO B 125 16.71 -3.36 19.34
C PRO B 125 15.27 -3.86 19.37
N PRO B 126 14.97 -4.79 20.26
CA PRO B 126 13.59 -5.27 20.42
C PRO B 126 12.67 -4.20 21.02
N ILE B 127 11.59 -3.88 20.31
CA ILE B 127 10.49 -3.08 20.90
C ILE B 127 10.01 -3.58 22.28
N SER B 128 9.68 -2.59 23.13
CA SER B 128 9.00 -2.78 24.40
C SER B 128 7.62 -3.39 24.15
N THR B 129 7.21 -4.29 25.04
CA THR B 129 6.00 -5.09 24.81
C THR B 129 4.73 -4.25 24.65
N ASN B 130 4.58 -3.17 25.43
CA ASN B 130 3.39 -2.33 25.32
C ASN B 130 3.54 -1.15 24.35
N LEU B 131 4.63 -1.05 23.58
CA LEU B 131 4.66 -0.04 22.52
C LEU B 131 4.03 -0.65 21.29
N SER B 132 3.93 -1.96 21.37
CA SER B 132 3.36 -2.85 20.38
C SER B 132 1.86 -2.94 20.64
N GLY B 133 1.02 -2.64 19.64
CA GLY B 133 -0.39 -2.90 19.92
C GLY B 133 -1.10 -3.36 18.67
N GLU B 134 -2.41 -3.41 18.72
CA GLU B 134 -3.16 -3.97 17.62
C GLU B 134 -3.27 -2.93 16.49
N ILE B 135 -3.23 -3.45 15.28
CA ILE B 135 -3.22 -2.64 14.06
C ILE B 135 -4.62 -2.13 13.75
N LEU B 136 -4.68 -0.87 13.33
CA LEU B 136 -5.86 -0.37 12.64
C LEU B 136 -5.62 -0.28 11.14
N GLY B 137 -4.37 -0.18 10.73
CA GLY B 137 -4.00 -0.12 9.33
C GLY B 137 -2.59 0.41 9.23
N GLU B 138 -2.22 0.77 8.01
CA GLU B 138 -0.87 1.28 7.77
C GLU B 138 -0.78 2.74 8.21
N PHE B 139 0.44 3.20 8.41
CA PHE B 139 0.68 4.59 8.76
C PHE B 139 0.13 5.49 7.66
N PRO B 140 -0.63 6.53 8.00
CA PRO B 140 -1.29 7.33 6.98
C PRO B 140 -0.32 7.86 5.93
N THR B 141 -0.70 7.73 4.67
CA THR B 141 0.14 8.21 3.59
C THR B 141 0.17 9.73 3.51
N PHE B 142 -0.86 10.39 4.04
CA PHE B 142 -0.93 11.84 4.03
C PHE B 142 -0.14 12.49 5.17
N ILE B 143 0.60 11.71 5.95
CA ILE B 143 1.42 12.24 7.03
C ILE B 143 2.86 11.78 6.83
N SER B 144 3.80 12.71 6.95
CA SER B 144 5.21 12.37 6.91
C SER B 144 5.65 11.63 8.16
N LYS B 145 6.64 10.76 8.01
CA LYS B 145 7.24 10.10 9.15
C LYS B 145 8.34 10.97 9.77
N THR B 146 8.81 10.57 10.95
CA THR B 146 9.64 11.41 11.80
C THR B 146 11.14 11.34 11.46
N ASP B 147 11.52 10.71 10.37
CA ASP B 147 12.92 10.36 10.21
C ASP B 147 13.74 11.59 9.85
N GLN B 148 14.99 11.61 10.31
CA GLN B 148 15.90 12.73 10.17
C GLN B 148 17.20 12.23 9.59
N GLU B 149 17.74 12.96 8.61
CA GLU B 149 19.03 12.62 8.05
C GLU B 149 20.15 13.07 9.00
N ARG B 150 21.24 12.32 8.99
CA ARG B 150 22.36 12.63 9.88
C ARG B 150 23.19 13.77 9.34
N VAL B 151 23.75 14.57 10.25
CA VAL B 151 24.51 15.73 9.81
C VAL B 151 25.75 15.30 9.06
N GLN B 152 26.28 14.11 9.36
CA GLN B 152 27.49 13.64 8.68
C GLN B 152 27.26 13.35 7.20
N ASN B 153 26.02 13.12 6.79
CA ASN B 153 25.68 12.82 5.41
C ASN B 153 25.21 14.05 4.66
N LEU B 154 25.41 15.24 5.21
CA LEU B 154 24.85 16.46 4.66
C LEU B 154 25.90 17.57 4.59
N ILE B 155 27.13 17.21 4.21
CA ILE B 155 28.20 18.21 4.23
C ILE B 155 27.95 19.33 3.22
N PRO B 156 27.50 19.06 1.99
CA PRO B 156 27.24 20.19 1.08
C PRO B 156 26.12 21.08 1.55
N GLN B 157 25.08 20.50 2.16
CA GLN B 157 23.93 21.27 2.59
C GLN B 157 24.21 22.05 3.88
N ILE B 158 25.14 21.58 4.73
CA ILE B 158 25.43 22.27 5.99
C ILE B 158 25.99 23.67 5.72
N GLU B 159 26.84 23.82 4.71
CA GLU B 159 27.36 25.13 4.33
C GLU B 159 26.51 25.81 3.26
N GLU B 160 25.73 25.02 2.50
CA GLU B 160 24.75 25.60 1.58
C GLU B 160 23.69 26.39 2.32
N ASN B 161 23.43 26.02 3.58
CA ASN B 161 22.49 26.71 4.44
C ASN B 161 23.18 27.69 5.38
N LYS B 162 24.42 28.06 5.09
CA LYS B 162 25.08 29.08 5.90
C LYS B 162 24.24 30.35 5.85
N GLY B 163 24.07 30.99 7.01
CA GLY B 163 23.25 32.17 7.12
C GLY B 163 21.81 31.92 7.49
N GLN B 164 21.33 30.67 7.37
CA GLN B 164 20.00 30.29 7.81
C GLN B 164 19.96 30.06 9.31
N LYS B 165 18.75 29.97 9.82
CA LYS B 165 18.49 29.85 11.24
C LYS B 165 17.70 28.58 11.53
N PHE B 166 17.93 28.03 12.72
CA PHE B 166 17.54 26.68 13.02
C PHE B 166 17.05 26.62 14.46
N GLU B 167 15.91 25.96 14.64
CA GLU B 167 15.45 25.58 15.97
C GLU B 167 16.26 24.38 16.41
N VAL B 168 16.97 24.50 17.52
CA VAL B 168 17.78 23.42 18.05
C VAL B 168 17.01 22.74 19.16
N THR B 169 16.82 21.43 19.02
CA THR B 169 15.99 20.67 19.94
C THR B 169 16.80 19.49 20.45
N VAL B 170 16.66 19.21 21.76
CA VAL B 170 17.31 18.04 22.34
C VAL B 170 16.63 16.79 21.81
N LYS B 171 17.40 15.89 21.25
CA LYS B 171 16.81 14.60 20.95
C LYS B 171 16.74 13.66 22.16
N LEU B 172 15.53 13.15 22.39
CA LEU B 172 15.20 12.15 23.41
C LEU B 172 15.18 10.75 22.79
N ASP B 173 15.60 9.77 23.60
CA ASP B 173 15.69 8.38 23.14
C ASP B 173 14.45 7.63 23.63
N GLY B 174 13.53 7.42 22.71
CA GLY B 174 12.34 6.65 22.95
C GLY B 174 11.85 6.11 21.63
N SER B 175 10.54 5.84 21.56
CA SER B 175 9.90 5.46 20.32
C SER B 175 9.14 6.64 19.72
N SER B 176 9.06 6.69 18.40
CA SER B 176 8.34 7.76 17.74
C SER B 176 6.84 7.45 17.74
N MET B 177 6.03 8.51 17.75
CA MET B 177 4.60 8.40 18.05
C MET B 177 3.84 9.55 17.40
N THR B 178 2.78 9.23 16.68
CA THR B 178 1.98 10.23 15.98
C THR B 178 0.52 10.14 16.42
N VAL B 179 -0.02 11.26 16.87
CA VAL B 179 -1.44 11.41 17.13
C VAL B 179 -1.93 12.50 16.19
N TYR B 180 -2.95 12.18 15.40
CA TYR B 180 -3.37 13.03 14.31
C TYR B 180 -4.89 13.10 14.24
N ARG B 181 -5.37 14.16 13.60
CA ARG B 181 -6.79 14.31 13.27
C ARG B 181 -6.92 14.60 11.78
N LYS B 182 -7.76 13.82 11.10
CA LYS B 182 -8.21 14.20 9.75
C LYS B 182 -9.73 14.08 9.72
N ASP B 183 -10.41 15.23 9.71
CA ASP B 183 -11.88 15.30 9.67
C ASP B 183 -12.43 14.50 10.85
N ASP B 184 -13.29 13.50 10.63
CA ASP B 184 -13.93 12.78 11.72
C ASP B 184 -12.98 11.84 12.45
N HIS B 185 -11.92 11.37 11.79
CA HIS B 185 -11.05 10.36 12.37
C HIS B 185 -9.94 10.98 13.20
N ILE B 186 -9.72 10.43 14.39
CA ILE B 186 -8.54 10.74 15.20
C ILE B 186 -7.80 9.44 15.49
N GLY B 187 -6.51 9.41 15.14
CA GLY B 187 -5.74 8.19 15.23
C GLY B 187 -4.48 8.36 16.05
N VAL B 188 -4.01 7.22 16.58
CA VAL B 188 -2.76 7.13 17.31
C VAL B 188 -1.87 6.15 16.55
N CYS B 189 -0.67 6.61 16.20
CA CYS B 189 0.30 5.83 15.45
C CYS B 189 1.60 5.68 16.23
N GLY B 190 2.22 4.53 16.10
CA GLY B 190 3.62 4.34 16.45
C GLY B 190 4.49 4.92 15.35
N ARG B 191 5.58 4.25 15.01
CA ARG B 191 6.41 4.77 13.93
C ARG B 191 6.00 4.28 12.55
N ASN B 192 5.40 3.10 12.45
CA ASN B 192 5.05 2.54 11.14
C ASN B 192 3.59 2.12 10.99
N TRP B 193 2.82 2.01 12.08
CA TRP B 193 1.46 1.51 12.02
C TRP B 193 0.52 2.39 12.83
N GLU B 194 -0.72 2.54 12.35
CA GLU B 194 -1.78 3.12 13.17
C GLU B 194 -2.32 2.07 14.12
N LEU B 195 -2.32 2.36 15.40
CA LEU B 195 -2.78 1.44 16.43
C LEU B 195 -4.26 1.64 16.74
N ARG B 196 -4.82 0.72 17.52
CA ARG B 196 -6.18 0.80 18.00
C ARG B 196 -6.21 0.75 19.52
N GLU B 197 -7.21 1.44 20.08
CA GLU B 197 -7.22 1.73 21.51
C GLU B 197 -7.24 0.47 22.35
N THR B 198 -6.31 0.37 23.29
CA THR B 198 -6.27 -0.71 24.26
C THR B 198 -5.86 -0.12 25.59
N ALA B 199 -6.30 -0.76 26.68
CA ALA B 199 -5.82 -0.35 27.99
C ALA B 199 -4.32 -0.53 28.12
N THR B 200 -3.80 -1.69 27.70
CA THR B 200 -2.37 -1.96 27.85
C THR B 200 -1.51 -1.01 26.99
N ASN B 201 -1.97 -0.63 25.80
CA ASN B 201 -1.11 0.06 24.86
C ASN B 201 -0.60 1.39 25.42
N ALA B 202 0.68 1.63 25.26
CA ALA B 202 1.32 2.80 25.86
C ALA B 202 1.06 4.07 25.06
N GLN B 203 1.03 3.98 23.73
CA GLN B 203 0.78 5.17 22.92
C GLN B 203 -0.58 5.77 23.23
N TRP B 204 -1.61 4.91 23.30
CA TRP B 204 -2.92 5.41 23.64
C TRP B 204 -2.98 5.89 25.08
N HIS B 205 -2.32 5.16 25.99
CA HIS B 205 -2.27 5.61 27.38
C HIS B 205 -1.56 6.97 27.48
N ALA B 206 -0.54 7.19 26.66
CA ALA B 206 0.14 8.48 26.68
C ALA B 206 -0.74 9.57 26.07
N ALA B 207 -1.47 9.25 25.01
CA ALA B 207 -2.38 10.24 24.42
C ALA B 207 -3.54 10.55 25.35
N ARG B 208 -4.05 9.54 26.08
CA ARG B 208 -5.19 9.79 26.96
C ARG B 208 -4.81 10.60 28.19
N ARG B 209 -3.61 10.39 28.71
CA ARG B 209 -3.19 11.09 29.92
C ARG B 209 -2.94 12.56 29.63
N ASN B 210 -2.33 12.86 28.48
CA ASN B 210 -2.07 14.23 28.06
C ASN B 210 -3.30 14.91 27.48
N LYS B 211 -4.39 14.15 27.28
CA LYS B 211 -5.63 14.65 26.70
C LYS B 211 -5.40 15.29 25.33
N MET B 212 -4.39 14.80 24.60
CA MET B 212 -4.06 15.42 23.32
C MET B 212 -5.08 15.11 22.22
N ILE B 213 -5.87 14.04 22.36
CA ILE B 213 -6.91 13.74 21.38
C ILE B 213 -8.01 14.79 21.44
N GLU B 214 -8.47 15.10 22.66
CA GLU B 214 -9.42 16.17 22.91
C GLU B 214 -8.89 17.51 22.45
N GLY B 215 -7.58 17.74 22.60
CA GLY B 215 -6.98 18.95 22.10
C GLY B 215 -6.94 19.05 20.59
N LEU B 216 -6.72 17.92 19.91
CA LEU B 216 -6.80 17.91 18.46
C LEU B 216 -8.22 18.19 18.04
N GLN B 217 -9.15 17.71 18.86
CA GLN B 217 -10.58 17.87 18.70
C GLN B 217 -11.03 19.29 19.00
N PHE B 218 -10.36 19.97 19.93
CA PHE B 218 -10.60 21.39 20.20
C PHE B 218 -10.12 22.29 19.06
N LEU B 219 -8.93 22.03 18.51
CA LEU B 219 -8.38 22.97 17.53
C LEU B 219 -9.05 22.88 16.17
N ASN B 220 -9.80 21.81 15.91
CA ASN B 220 -10.64 21.69 14.72
C ASN B 220 -9.85 21.86 13.43
N ARG B 221 -8.64 21.31 13.42
CA ARG B 221 -7.76 21.39 12.27
C ARG B 221 -7.19 20.00 11.96
N ASN B 222 -6.86 19.78 10.69
CA ASN B 222 -6.26 18.51 10.27
C ASN B 222 -4.75 18.61 10.55
N LEU B 223 -4.34 18.19 11.75
CA LEU B 223 -2.96 18.30 12.18
C LEU B 223 -2.49 16.96 12.72
N ALA B 224 -1.21 16.71 12.52
CA ALA B 224 -0.57 15.51 13.07
C ALA B 224 0.46 15.98 14.09
N LEU B 225 0.30 15.53 15.34
CA LEU B 225 1.25 15.85 16.40
C LEU B 225 2.24 14.71 16.45
N GLN B 226 3.49 15.01 16.10
CA GLN B 226 4.54 14.01 16.03
C GLN B 226 5.59 14.32 17.09
N GLY B 227 5.89 13.33 17.92
CA GLY B 227 6.84 13.52 18.98
C GLY B 227 7.37 12.19 19.49
N GLU B 228 8.25 12.26 20.47
CA GLU B 228 8.80 11.05 21.04
C GLU B 228 8.12 10.76 22.36
N ILE B 229 7.85 9.49 22.61
CA ILE B 229 7.33 9.01 23.88
C ILE B 229 8.49 8.33 24.60
N ILE B 230 8.70 8.71 25.85
CA ILE B 230 9.80 8.22 26.66
C ILE B 230 9.21 7.85 28.02
N GLY B 231 10.01 7.16 28.82
CA GLY B 231 9.60 6.79 30.17
C GLY B 231 10.11 5.42 30.55
N GLU B 232 9.49 4.85 31.59
CA GLU B 232 9.91 3.54 32.09
C GLU B 232 9.77 2.52 30.98
N SER B 233 10.63 1.50 31.01
CA SER B 233 10.61 0.39 30.07
C SER B 233 10.69 0.83 28.60
N ILE B 234 11.28 1.99 28.31
CA ILE B 234 11.41 2.48 26.93
C ILE B 234 12.87 2.87 26.70
N GLN B 235 13.55 2.12 25.84
CA GLN B 235 14.95 2.40 25.45
C GLN B 235 15.81 2.74 26.67
N GLY B 236 15.66 1.95 27.73
CA GLY B 236 16.44 2.10 28.94
C GLY B 236 16.08 3.24 29.85
N ASN B 237 15.11 4.08 29.48
CA ASN B 237 14.66 5.20 30.31
C ASN B 237 15.84 6.13 30.66
N LEU B 238 16.44 6.71 29.60
CA LEU B 238 17.61 7.55 29.79
C LEU B 238 17.33 8.77 30.67
N GLU B 239 16.10 9.26 30.65
CA GLU B 239 15.76 10.43 31.46
C GLU B 239 15.37 10.06 32.88
N LYS B 240 15.31 8.75 33.19
CA LYS B 240 14.97 8.25 34.52
C LYS B 240 13.70 8.90 35.05
N LEU B 241 12.61 8.78 34.30
CA LEU B 241 11.33 9.37 34.69
C LEU B 241 10.36 8.28 35.15
N LYS B 242 9.51 8.62 36.10
CA LYS B 242 8.46 7.74 36.57
C LYS B 242 7.30 7.73 35.56
N GLY B 243 6.95 6.55 35.08
CA GLY B 243 5.92 6.40 34.07
C GLY B 243 6.45 6.87 32.71
N GLN B 244 5.54 6.87 31.74
CA GLN B 244 5.89 7.31 30.40
C GLN B 244 5.06 8.52 29.96
N ASP B 245 5.59 9.26 28.99
CA ASP B 245 4.95 10.49 28.55
C ASP B 245 5.39 10.82 27.13
N PHE B 246 4.53 11.57 26.44
CA PHE B 246 4.77 12.00 25.07
C PHE B 246 5.36 13.41 25.09
N TYR B 247 6.40 13.61 24.29
CA TYR B 247 7.05 14.91 24.15
C TYR B 247 7.02 15.30 22.68
N LEU B 248 6.39 16.43 22.37
CA LEU B 248 6.18 16.81 20.99
C LEU B 248 7.44 17.44 20.39
N PHE B 249 7.70 17.15 19.11
CA PHE B 249 8.75 17.86 18.39
C PHE B 249 8.36 18.33 17.00
N ASP B 250 7.19 17.97 16.48
CA ASP B 250 6.79 18.36 15.14
C ASP B 250 5.27 18.38 15.05
N ILE B 251 4.76 19.21 14.14
CA ILE B 251 3.33 19.22 13.81
C ILE B 251 3.21 19.27 12.30
N TYR B 252 2.53 18.29 11.73
CA TYR B 252 2.36 18.20 10.29
C TYR B 252 0.99 18.71 9.89
N ASP B 253 0.95 19.65 8.96
CA ASP B 253 -0.31 20.14 8.41
C ASP B 253 -0.71 19.19 7.28
N ILE B 254 -1.69 18.34 7.56
CA ILE B 254 -2.13 17.35 6.57
C ILE B 254 -2.67 18.04 5.32
N ASP B 255 -3.42 19.14 5.50
CA ASP B 255 -4.11 19.72 4.36
C ASP B 255 -3.14 20.33 3.36
N LYS B 256 -2.11 21.03 3.82
CA LYS B 256 -1.14 21.63 2.92
C LYS B 256 0.10 20.78 2.72
N ALA B 257 0.17 19.61 3.37
CA ALA B 257 1.24 18.63 3.17
C ALA B 257 2.63 19.19 3.46
N GLN B 258 2.76 19.87 4.60
CA GLN B 258 4.02 20.47 4.98
C GLN B 258 4.02 20.66 6.50
N TYR B 259 5.21 20.63 7.09
CA TYR B 259 5.35 20.75 8.53
C TYR B 259 5.17 22.19 8.96
N LEU B 260 4.50 22.38 10.10
CA LEU B 260 4.42 23.70 10.68
C LEU B 260 5.82 24.21 10.99
N THR B 261 6.03 25.52 10.80
CA THR B 261 7.27 26.14 11.23
C THR B 261 7.46 25.93 12.73
N PRO B 262 8.71 26.03 13.21
CA PRO B 262 8.92 26.04 14.66
C PRO B 262 8.09 27.08 15.40
N ILE B 263 7.99 28.29 14.87
CA ILE B 263 7.24 29.33 15.59
C ILE B 263 5.75 29.04 15.56
N GLU B 264 5.23 28.53 14.42
CA GLU B 264 3.84 28.08 14.38
C GLU B 264 3.61 26.97 15.38
N ARG B 265 4.52 25.99 15.43
CA ARG B 265 4.40 24.89 16.37
C ARG B 265 4.49 25.38 17.81
N GLN B 266 5.38 26.34 18.07
CA GLN B 266 5.51 26.86 19.43
C GLN B 266 4.26 27.63 19.86
N SER B 267 3.59 28.30 18.93
CA SER B 267 2.38 29.03 19.32
C SER B 267 1.23 28.06 19.58
N LEU B 268 1.21 26.92 18.88
CA LEU B 268 0.11 25.98 19.03
C LEU B 268 0.23 25.12 20.29
N VAL B 269 1.44 24.77 20.71
CA VAL B 269 1.61 24.03 21.96
C VAL B 269 1.20 24.88 23.16
N LYS B 270 1.56 26.17 23.17
CA LYS B 270 1.12 27.08 24.22
C LYS B 270 -0.40 27.22 24.20
N GLN B 271 -0.98 27.38 23.00
CA GLN B 271 -2.43 27.39 22.88
C GLN B 271 -3.01 26.09 23.42
N LEU B 272 -2.39 24.95 23.11
CA LEU B 272 -2.89 23.69 23.65
C LEU B 272 -2.82 23.70 25.17
N ASN B 273 -1.72 24.19 25.74
CA ASN B 273 -1.57 24.21 27.19
C ASN B 273 -2.38 25.32 27.83
N ASP B 274 -2.60 26.45 27.14
CA ASP B 274 -3.44 27.50 27.68
C ASP B 274 -4.88 27.05 27.84
N ASN B 275 -5.23 25.88 27.28
CA ASN B 275 -6.60 25.39 27.28
C ASN B 275 -6.73 24.07 28.05
N GLY B 276 -5.77 23.74 28.91
CA GLY B 276 -5.90 22.57 29.76
C GLY B 276 -5.43 21.27 29.16
N PHE B 277 -4.90 21.29 27.95
CA PHE B 277 -4.36 20.10 27.30
C PHE B 277 -2.87 20.03 27.58
N THR B 278 -2.47 19.09 28.44
CA THR B 278 -1.10 19.05 28.93
C THR B 278 -0.22 18.28 27.94
N VAL B 279 0.25 19.01 26.93
CA VAL B 279 1.14 18.44 25.90
C VAL B 279 2.56 18.97 26.12
N LYS B 280 3.48 18.06 26.40
CA LYS B 280 4.85 18.46 26.63
C LYS B 280 5.64 18.50 25.33
N HIS B 281 6.63 19.39 25.29
CA HIS B 281 7.47 19.59 24.13
C HIS B 281 8.91 19.16 24.45
N VAL B 282 9.64 18.73 23.42
CA VAL B 282 11.05 18.39 23.60
C VAL B 282 11.80 19.66 23.96
N PRO B 283 12.86 19.58 24.76
CA PRO B 283 13.58 20.80 25.17
C PRO B 283 14.05 21.61 23.96
N ILE B 284 13.63 22.87 23.91
CA ILE B 284 14.04 23.81 22.87
C ILE B 284 15.23 24.59 23.39
N LEU B 285 16.25 24.72 22.56
CA LEU B 285 17.46 25.45 22.92
C LEU B 285 17.47 26.79 22.20
N ASP B 286 18.56 27.52 22.38
CA ASP B 286 18.70 28.80 21.69
C ASP B 286 18.83 28.53 20.21
N ASP B 287 18.19 29.38 19.41
CA ASP B 287 18.26 29.23 17.96
C ASP B 287 19.71 29.31 17.50
N LEU B 288 19.98 28.72 16.34
CA LEU B 288 21.33 28.64 15.81
C LEU B 288 21.31 29.25 14.43
N GLU B 289 22.12 30.29 14.24
CA GLU B 289 22.39 30.79 12.89
C GLU B 289 23.46 29.92 12.30
N LEU B 290 23.16 29.26 11.18
CA LEU B 290 24.08 28.25 10.66
C LEU B 290 25.33 28.95 10.15
N ASN B 291 26.43 28.70 10.85
CA ASN B 291 27.73 29.26 10.52
C ASN B 291 28.80 28.34 11.08
N HIS B 292 28.59 27.03 10.94
CA HIS B 292 29.44 26.00 11.53
C HIS B 292 29.67 24.92 10.47
N THR B 293 30.71 24.11 10.68
CA THR B 293 30.96 22.95 9.84
C THR B 293 30.39 21.69 10.49
N ALA B 294 30.25 20.63 9.67
CA ALA B 294 29.67 19.38 10.18
C ALA B 294 30.36 18.86 11.44
N GLU B 295 31.67 19.00 11.57
CA GLU B 295 32.33 18.64 12.83
C GLU B 295 32.00 19.65 13.95
N GLN B 296 31.91 20.96 13.62
CA GLN B 296 31.56 21.89 14.70
C GLN B 296 30.13 21.66 15.17
N ILE B 297 29.26 21.18 14.28
CA ILE B 297 27.88 20.87 14.64
C ILE B 297 27.82 19.64 15.54
N LEU B 298 28.56 18.57 15.21
CA LEU B 298 28.57 17.39 16.08
C LEU B 298 29.09 17.75 17.45
N ALA B 299 29.95 18.76 17.55
CA ALA B 299 30.48 19.16 18.85
C ALA B 299 29.38 19.74 19.75
N MET B 300 28.38 20.36 19.16
CA MET B 300 27.25 20.82 19.96
C MET B 300 26.39 19.67 20.47
N ALA B 301 26.46 18.50 19.83
CA ALA B 301 25.51 17.42 20.12
C ALA B 301 25.58 16.99 21.59
N ASP B 302 26.77 16.91 22.16
CA ASP B 302 26.90 16.45 23.53
C ASP B 302 26.45 17.54 24.49
N GLY B 303 25.82 17.12 25.59
CA GLY B 303 25.31 18.03 26.59
C GLY B 303 24.21 17.39 27.41
N PRO B 304 23.52 18.19 28.23
CA PRO B 304 22.45 17.66 29.06
C PRO B 304 21.16 17.43 28.27
N SER B 305 20.43 16.39 28.67
CA SER B 305 19.15 16.07 28.05
C SER B 305 18.02 16.77 28.79
N LEU B 306 16.78 16.30 28.61
CA LEU B 306 15.65 16.78 29.38
C LEU B 306 15.89 16.63 30.88
N ASN B 307 16.30 15.43 31.30
CA ASN B 307 16.92 15.31 32.61
C ASN B 307 18.30 15.95 32.50
N LYS B 308 18.48 17.11 33.13
CA LYS B 308 19.72 17.87 32.99
C LYS B 308 20.88 17.23 33.73
N ASN B 309 20.63 16.17 34.50
CA ASN B 309 21.68 15.37 35.10
C ASN B 309 22.02 14.15 34.24
N VAL B 310 21.45 14.08 33.04
CA VAL B 310 21.75 13.03 32.07
C VAL B 310 22.25 13.68 30.79
N LYS B 311 23.13 12.99 30.07
CA LYS B 311 23.61 13.51 28.80
C LYS B 311 22.81 12.94 27.64
N ARG B 312 22.47 13.82 26.70
CA ARG B 312 21.49 13.55 25.65
C ARG B 312 22.06 12.65 24.55
N GLU B 313 21.14 12.04 23.81
CA GLU B 313 21.52 11.29 22.61
C GLU B 313 22.04 12.22 21.53
N GLY B 314 21.54 13.45 21.49
CA GLY B 314 22.00 14.41 20.51
C GLY B 314 21.00 15.54 20.35
N LEU B 315 21.10 16.19 19.19
CA LEU B 315 20.28 17.35 18.88
C LEU B 315 19.62 17.15 17.53
N VAL B 316 18.49 17.82 17.34
CA VAL B 316 17.81 17.93 16.07
C VAL B 316 17.74 19.39 15.69
N PHE B 317 18.00 19.68 14.42
CA PHE B 317 18.02 21.03 13.89
C PHE B 317 16.91 21.16 12.86
N LYS B 318 16.07 22.19 13.00
CA LYS B 318 14.95 22.43 12.09
C LYS B 318 15.00 23.88 11.67
N ARG B 319 15.19 24.14 10.36
CA ARG B 319 15.16 25.51 9.87
C ARG B 319 13.80 26.13 10.15
N LEU B 320 13.80 27.43 10.48
CA LEU B 320 12.55 28.03 10.96
C LEU B 320 11.53 28.23 9.85
N ASP B 321 11.91 28.04 8.59
CA ASP B 321 10.92 27.94 7.53
C ASP B 321 10.27 26.56 7.49
N GLY B 322 10.76 25.62 8.32
CA GLY B 322 10.15 24.32 8.47
C GLY B 322 10.34 23.37 7.32
N LYS B 323 11.29 23.63 6.42
CA LYS B 323 11.49 22.78 5.25
C LYS B 323 12.94 22.33 5.11
N PHE B 324 13.69 22.27 6.20
CA PHE B 324 15.01 21.64 6.17
C PHE B 324 15.35 21.21 7.58
N SER B 325 15.59 19.92 7.78
CA SER B 325 15.85 19.41 9.11
C SER B 325 16.90 18.31 9.03
N PHE B 326 17.68 18.19 10.11
CA PHE B 326 18.64 17.12 10.24
C PHE B 326 18.92 16.91 11.72
N LYS B 327 19.54 15.77 12.02
CA LYS B 327 19.95 15.46 13.37
C LYS B 327 21.47 15.38 13.47
N ALA B 328 21.94 15.43 14.72
CA ALA B 328 23.35 15.24 15.05
C ALA B 328 23.40 14.43 16.32
N ILE B 329 23.84 13.17 16.22
CA ILE B 329 23.86 12.26 17.36
C ILE B 329 25.20 12.41 18.08
N SER B 330 25.15 12.52 19.40
CA SER B 330 26.37 12.61 20.20
C SER B 330 27.17 11.31 20.08
N ASN B 331 28.42 11.43 19.63
CA ASN B 331 29.25 10.25 19.52
C ASN B 331 29.71 9.76 20.89
N ALA B 332 29.82 10.65 21.87
CA ALA B 332 30.03 10.21 23.24
C ALA B 332 28.88 9.32 23.69
N TYR B 333 27.65 9.70 23.36
CA TYR B 333 26.49 8.88 23.69
C TYR B 333 26.62 7.50 23.04
N LEU B 334 27.02 7.45 21.76
CA LEU B 334 27.13 6.18 21.05
C LEU B 334 28.30 5.34 21.57
N GLU B 335 29.35 5.97 22.12
CA GLU B 335 30.42 5.19 22.74
C GLU B 335 29.99 4.64 24.10
N LYS B 336 29.19 5.41 24.83
CA LYS B 336 28.76 4.96 26.16
C LYS B 336 27.66 3.90 26.05
N HIS B 337 26.56 4.20 25.35
CA HIS B 337 25.48 3.25 25.09
C HIS B 337 25.79 2.58 23.77
N LYS B 338 25.53 1.28 23.75
CA LYS B 338 26.55 0.43 23.20
C LYS B 338 26.10 -1.00 23.10
N ASP B 339 24.95 -1.32 23.74
CA ASP B 339 24.09 -2.46 23.42
C ASP B 339 22.70 -2.00 22.98
N ARG B 340 22.55 -0.74 22.57
CA ARG B 340 21.32 -0.07 22.09
C ARG B 340 20.22 -0.99 21.61
N VAL C 4 24.48 -35.96 -20.90
CA VAL C 4 24.40 -35.33 -19.59
C VAL C 4 25.76 -34.80 -19.12
N ARG C 5 25.78 -33.53 -18.71
CA ARG C 5 27.00 -32.87 -18.28
C ARG C 5 27.71 -33.70 -17.21
N LYS C 6 29.03 -33.61 -17.15
CA LYS C 6 29.80 -34.43 -16.20
C LYS C 6 29.58 -33.91 -14.78
N LEU C 7 28.44 -34.31 -14.22
CA LEU C 7 28.02 -33.83 -12.90
C LEU C 7 28.85 -34.41 -11.78
N ALA C 8 29.12 -35.72 -11.85
CA ALA C 8 29.91 -36.43 -10.84
C ALA C 8 31.18 -36.96 -11.50
N THR C 9 32.32 -36.51 -11.00
CA THR C 9 33.60 -36.88 -11.57
C THR C 9 34.57 -37.23 -10.44
N ILE C 10 35.63 -37.93 -10.80
CA ILE C 10 36.73 -38.17 -9.87
C ILE C 10 37.66 -36.98 -9.97
N ARG C 11 37.86 -36.27 -8.85
CA ARG C 11 38.78 -35.15 -8.80
C ARG C 11 39.67 -35.25 -7.55
N THR C 12 40.70 -34.41 -7.50
CA THR C 12 41.63 -34.39 -6.38
C THR C 12 41.44 -33.11 -5.58
N ALA C 13 41.57 -33.22 -4.25
CA ALA C 13 41.44 -32.06 -3.38
C ALA C 13 42.63 -31.12 -3.54
N GLY C 14 42.33 -29.83 -3.77
CA GLY C 14 43.37 -28.82 -3.86
C GLY C 14 43.76 -28.29 -2.51
N GLU C 15 43.95 -26.97 -2.41
CA GLU C 15 44.35 -26.40 -1.13
C GLU C 15 43.18 -26.47 -0.15
N ILE C 16 43.50 -26.71 1.11
CA ILE C 16 42.50 -26.78 2.17
C ILE C 16 42.76 -25.63 3.12
N THR C 17 41.74 -24.78 3.31
CA THR C 17 41.92 -23.60 4.12
C THR C 17 40.91 -23.63 5.26
N PRO C 18 41.27 -23.08 6.42
CA PRO C 18 40.33 -23.06 7.54
C PRO C 18 39.20 -22.07 7.30
N ILE C 19 38.06 -22.36 7.93
CA ILE C 19 36.90 -21.48 7.91
C ILE C 19 36.83 -20.87 9.30
N ALA C 20 37.07 -19.57 9.40
CA ALA C 20 37.08 -18.91 10.71
C ALA C 20 35.77 -19.13 11.45
N GLY C 21 35.86 -19.26 12.78
CA GLY C 21 34.68 -19.47 13.57
C GLY C 21 34.25 -20.90 13.77
N ALA C 22 34.40 -21.72 12.74
CA ALA C 22 33.98 -23.12 12.76
C ALA C 22 35.20 -24.02 12.77
N GLU C 23 35.25 -24.95 13.72
CA GLU C 23 36.35 -25.89 13.80
C GLU C 23 36.00 -27.28 13.30
N ALA C 24 34.74 -27.55 12.98
CA ALA C 24 34.34 -28.85 12.46
C ALA C 24 34.44 -28.94 10.94
N ILE C 25 34.64 -27.82 10.25
CA ILE C 25 34.65 -27.83 8.80
C ILE C 25 35.86 -27.08 8.26
N GLU C 26 36.18 -27.35 7.01
CA GLU C 26 37.22 -26.66 6.27
C GLU C 26 36.71 -26.40 4.86
N CYS C 27 37.38 -25.48 4.18
CA CYS C 27 37.11 -25.18 2.78
C CYS C 27 38.12 -25.95 1.95
N CYS C 28 37.63 -26.63 0.91
CA CYS C 28 38.50 -27.44 0.08
C CYS C 28 38.37 -26.98 -1.37
N HIS C 29 39.48 -26.60 -1.98
CA HIS C 29 39.42 -26.17 -3.37
C HIS C 29 39.42 -27.41 -4.25
N VAL C 30 38.45 -27.49 -5.15
CA VAL C 30 38.33 -28.58 -6.12
C VAL C 30 38.37 -27.93 -7.48
N ASP C 31 39.53 -28.00 -8.14
CA ASP C 31 39.76 -27.22 -9.36
C ASP C 31 39.29 -25.80 -9.08
N GLY C 32 38.34 -25.31 -9.90
CA GLY C 32 37.88 -23.95 -9.71
C GLY C 32 36.82 -23.75 -8.65
N TRP C 33 36.28 -24.82 -8.09
CA TRP C 33 35.24 -24.73 -7.08
C TRP C 33 35.83 -24.66 -5.67
N THR C 34 34.99 -24.22 -4.72
CA THR C 34 35.28 -24.38 -3.30
C THR C 34 34.04 -24.92 -2.61
N CYS C 35 34.23 -25.93 -1.76
CA CYS C 35 33.11 -26.59 -1.11
C CYS C 35 33.52 -26.97 0.30
N VAL C 36 32.57 -26.89 1.23
CA VAL C 36 32.82 -27.11 2.64
C VAL C 36 32.79 -28.61 2.97
N ILE C 37 33.85 -29.10 3.58
CA ILE C 37 33.98 -30.50 3.99
C ILE C 37 34.14 -30.57 5.50
N LYS C 38 33.93 -31.77 6.05
CA LYS C 38 34.24 -31.98 7.45
C LYS C 38 35.76 -31.93 7.64
N LYS C 39 36.19 -31.39 8.78
CA LYS C 39 37.62 -31.26 9.04
C LYS C 39 38.27 -32.64 9.00
N GLY C 40 39.38 -32.76 8.26
CA GLY C 40 40.06 -34.02 8.15
C GLY C 40 39.42 -35.03 7.22
N GLU C 41 38.35 -34.68 6.52
CA GLU C 41 37.75 -35.60 5.57
C GLU C 41 38.66 -35.80 4.36
N PHE C 42 39.44 -34.77 4.01
CA PHE C 42 40.35 -34.80 2.87
C PHE C 42 41.66 -34.14 3.28
N LYS C 43 42.74 -34.54 2.62
CA LYS C 43 43.97 -33.76 2.64
C LYS C 43 44.38 -33.52 1.20
N GLN C 44 45.16 -32.46 0.99
CA GLN C 44 45.51 -32.06 -0.36
C GLN C 44 46.17 -33.23 -1.09
N GLY C 45 45.72 -33.49 -2.32
CA GLY C 45 46.18 -34.61 -3.09
C GLY C 45 45.27 -35.82 -3.07
N ASP C 46 44.37 -35.91 -2.09
CA ASP C 46 43.40 -37.00 -2.05
C ASP C 46 42.45 -36.95 -3.23
N ARG C 47 41.99 -38.11 -3.66
CA ARG C 47 41.05 -38.20 -4.76
C ARG C 47 39.64 -38.32 -4.16
N GLY C 48 38.64 -37.97 -4.96
CA GLY C 48 37.27 -38.06 -4.50
C GLY C 48 36.27 -37.91 -5.62
N VAL C 49 35.02 -38.11 -5.26
CA VAL C 49 33.90 -37.87 -6.17
C VAL C 49 33.38 -36.45 -5.94
N TYR C 50 33.40 -35.63 -6.98
CA TYR C 50 32.85 -34.28 -6.92
C TYR C 50 31.52 -34.26 -7.66
N PHE C 51 30.45 -33.87 -6.97
CA PHE C 51 29.14 -33.70 -7.57
C PHE C 51 28.89 -32.20 -7.77
N GLU C 52 28.70 -31.78 -9.02
CA GLU C 52 28.50 -30.36 -9.30
C GLU C 52 27.13 -29.86 -8.80
N ILE C 53 27.04 -28.54 -8.64
CA ILE C 53 25.72 -27.94 -8.42
C ILE C 53 24.81 -28.26 -9.61
N ASP C 54 23.50 -28.25 -9.35
CA ASP C 54 22.41 -28.71 -10.22
C ASP C 54 22.25 -30.22 -10.14
N SER C 55 23.13 -30.92 -9.44
CA SER C 55 22.99 -32.37 -9.35
C SER C 55 21.82 -32.75 -8.45
N PHE C 56 21.02 -33.70 -8.92
CA PHE C 56 19.99 -34.30 -8.09
C PHE C 56 20.42 -35.72 -7.73
N ILE C 57 20.57 -35.97 -6.44
CA ILE C 57 21.12 -37.21 -5.91
C ILE C 57 20.01 -37.88 -5.11
N LYS C 58 19.62 -39.09 -5.52
CA LYS C 58 18.52 -39.76 -4.85
C LYS C 58 18.93 -40.14 -3.43
N GLU C 59 17.92 -40.39 -2.60
CA GLU C 59 18.17 -40.63 -1.19
C GLU C 59 18.95 -41.93 -1.01
N ASP C 60 19.95 -41.89 -0.15
CA ASP C 60 20.79 -43.04 0.15
C ASP C 60 21.55 -42.67 1.41
N ASN C 61 21.06 -43.09 2.56
CA ASN C 61 21.65 -42.63 3.81
C ASN C 61 22.93 -43.36 4.17
N ASP C 62 23.35 -44.34 3.37
CA ASP C 62 24.67 -44.91 3.56
C ASP C 62 25.73 -44.15 2.77
N ARG C 63 25.45 -43.90 1.48
CA ARG C 63 26.39 -43.19 0.63
C ARG C 63 26.31 -41.68 0.87
N TYR C 64 25.11 -41.14 1.06
CA TYR C 64 24.90 -39.70 1.20
C TYR C 64 24.09 -39.34 2.44
N PRO C 65 24.52 -39.77 3.64
CA PRO C 65 23.85 -39.29 4.86
C PRO C 65 24.04 -37.80 5.09
N MET C 66 25.11 -37.22 4.55
CA MET C 66 25.37 -35.79 4.61
C MET C 66 24.23 -34.93 4.11
N LEU C 67 23.31 -35.50 3.31
CA LEU C 67 22.31 -34.74 2.58
C LEU C 67 20.90 -34.87 3.15
N SER C 68 20.74 -35.50 4.32
CA SER C 68 19.44 -35.95 4.80
C SER C 68 18.44 -34.88 5.23
N LYS C 69 18.81 -33.63 5.42
CA LYS C 69 17.82 -32.58 5.67
C LYS C 69 17.80 -31.59 4.51
N GLN C 70 18.12 -32.10 3.33
CA GLN C 70 18.08 -31.30 2.13
C GLN C 70 17.22 -32.01 1.10
N VAL C 71 16.71 -33.19 1.48
CA VAL C 71 15.89 -34.03 0.60
C VAL C 71 14.53 -33.39 0.28
N ILE C 72 14.17 -33.46 -0.99
CA ILE C 72 12.97 -32.86 -1.54
C ILE C 72 12.31 -33.88 -2.45
N ASP C 73 11.12 -33.52 -2.91
CA ASP C 73 10.44 -34.29 -3.95
C ASP C 73 10.82 -33.74 -5.31
N TYR C 74 11.17 -34.63 -6.22
CA TYR C 74 11.44 -34.28 -7.61
C TYR C 74 10.84 -35.39 -8.46
N GLU C 75 9.70 -35.11 -9.10
CA GLU C 75 9.01 -36.08 -9.95
C GLU C 75 8.76 -37.39 -9.20
N GLY C 76 8.32 -37.27 -7.95
CA GLY C 76 7.98 -38.40 -7.11
C GLY C 76 9.12 -39.11 -6.43
N GLN C 77 10.37 -38.80 -6.78
CA GLN C 77 11.52 -39.46 -6.17
C GLN C 77 12.13 -38.56 -5.10
N ARG C 78 12.46 -39.15 -3.96
CA ARG C 78 13.10 -38.42 -2.88
C ARG C 78 14.59 -38.26 -3.16
N GLY C 79 15.08 -37.04 -3.03
CA GLY C 79 16.48 -36.82 -3.23
C GLY C 79 16.87 -35.39 -2.91
N THR C 80 18.11 -35.06 -3.21
CA THR C 80 18.67 -33.76 -2.89
C THR C 80 19.18 -33.06 -4.15
N ARG C 81 18.89 -31.78 -4.27
CA ARG C 81 19.40 -30.95 -5.36
C ARG C 81 20.50 -30.05 -4.80
N LEU C 82 21.73 -30.26 -5.27
CA LEU C 82 22.85 -29.45 -4.82
C LEU C 82 22.77 -28.06 -5.42
N ARG C 83 23.09 -27.07 -4.61
CA ARG C 83 23.07 -25.74 -5.17
C ARG C 83 24.12 -24.90 -4.44
N THR C 84 24.31 -23.70 -4.95
CA THR C 84 25.13 -22.72 -4.27
C THR C 84 24.64 -22.40 -2.86
N ALA C 85 25.59 -22.29 -1.93
CA ALA C 85 25.29 -21.97 -0.54
C ALA C 85 26.47 -21.22 0.06
N ARG C 86 26.22 -20.53 1.16
CA ARG C 86 27.26 -19.83 1.93
C ARG C 86 27.18 -20.35 3.37
N LEU C 87 28.05 -21.32 3.71
CA LEU C 87 28.11 -21.93 5.03
C LEU C 87 29.15 -21.21 5.88
N ARG C 88 28.70 -20.51 6.93
CA ARG C 88 29.62 -19.85 7.86
C ARG C 88 30.52 -18.87 7.12
N GLY C 89 29.93 -18.12 6.19
CA GLY C 89 30.64 -17.15 5.38
C GLY C 89 31.33 -17.71 4.16
N GLN C 90 31.52 -19.02 4.08
CA GLN C 90 32.29 -19.63 3.02
C GLN C 90 31.38 -20.01 1.85
N LEU C 91 31.77 -19.61 0.65
CA LEU C 91 31.05 -20.03 -0.55
C LEU C 91 31.26 -21.52 -0.75
N SER C 92 30.17 -22.27 -0.82
CA SER C 92 30.26 -23.71 -0.99
C SER C 92 29.41 -24.13 -2.16
N GLN C 93 29.99 -24.95 -3.05
CA GLN C 93 29.31 -25.39 -4.26
C GLN C 93 29.67 -26.85 -4.53
N GLY C 94 28.66 -27.71 -4.56
CA GLY C 94 28.87 -29.11 -4.84
C GLY C 94 29.17 -29.93 -3.61
N LEU C 95 29.29 -31.23 -3.83
CA LEU C 95 29.55 -32.17 -2.75
C LEU C 95 30.83 -32.93 -3.07
N PHE C 96 31.68 -33.07 -2.08
CA PHE C 96 32.97 -33.75 -2.23
C PHE C 96 33.08 -34.86 -1.19
N LEU C 97 33.12 -36.10 -1.67
CA LEU C 97 33.11 -37.29 -0.83
C LEU C 97 34.37 -38.12 -1.03
N PRO C 98 34.93 -38.65 0.05
CA PRO C 98 36.12 -39.49 -0.09
C PRO C 98 35.75 -40.78 -0.76
N MET C 99 36.71 -41.35 -1.46
CA MET C 99 36.39 -42.52 -2.24
C MET C 99 36.36 -43.78 -1.40
N ASP C 100 36.58 -43.68 -0.09
CA ASP C 100 36.33 -44.80 0.81
C ASP C 100 34.85 -45.19 0.83
N ARG C 101 33.97 -44.34 0.30
CA ARG C 101 32.56 -44.67 0.20
C ARG C 101 32.15 -45.10 -1.20
N PHE C 102 33.10 -45.26 -2.13
CA PHE C 102 32.79 -45.65 -3.50
C PHE C 102 33.72 -46.77 -3.98
N PRO C 103 33.53 -48.00 -3.48
CA PRO C 103 34.32 -49.12 -4.00
C PRO C 103 34.08 -49.38 -5.48
N GLU C 104 32.90 -49.04 -5.97
CA GLU C 104 32.58 -49.23 -7.39
C GLU C 104 33.56 -48.51 -8.31
N LEU C 105 34.04 -47.34 -7.88
CA LEU C 105 34.90 -46.48 -8.70
C LEU C 105 36.38 -46.63 -8.41
N ALA C 106 36.78 -47.69 -7.68
CA ALA C 106 38.19 -47.96 -7.48
C ALA C 106 38.92 -48.04 -8.81
N SER C 107 38.26 -48.61 -9.82
CA SER C 107 38.82 -48.77 -11.15
C SER C 107 38.98 -47.46 -11.92
N ASN C 108 38.36 -46.37 -11.46
CA ASN C 108 38.29 -45.14 -12.24
C ASN C 108 39.51 -44.25 -12.04
N GLN C 109 39.67 -43.29 -12.93
CA GLN C 109 40.79 -42.38 -12.98
C GLN C 109 40.30 -40.97 -12.68
N VAL C 110 41.24 -40.07 -12.43
CA VAL C 110 40.89 -38.66 -12.26
C VAL C 110 40.42 -38.12 -13.61
N GLY C 111 39.35 -37.33 -13.58
CA GLY C 111 38.74 -36.85 -14.80
C GLY C 111 37.67 -37.75 -15.36
N ASP C 112 37.61 -39.01 -14.91
CA ASP C 112 36.58 -39.92 -15.39
C ASP C 112 35.20 -39.41 -15.01
N ASP C 113 34.25 -39.61 -15.92
CA ASP C 113 32.86 -39.26 -15.66
C ASP C 113 32.17 -40.45 -15.01
N VAL C 114 31.63 -40.25 -13.83
CA VAL C 114 30.89 -41.31 -13.15
C VAL C 114 29.42 -40.93 -12.99
N THR C 115 28.96 -39.96 -13.78
CA THR C 115 27.56 -39.56 -13.68
C THR C 115 26.64 -40.75 -13.86
N GLU C 116 26.83 -41.61 -14.90
CA GLU C 116 25.79 -42.64 -14.94
C GLU C 116 26.04 -43.72 -13.96
N ILE C 117 27.30 -43.98 -13.65
CA ILE C 117 27.49 -45.19 -12.89
C ILE C 117 26.83 -44.98 -11.55
N LEU C 118 26.85 -43.74 -11.08
CA LEU C 118 26.27 -43.37 -9.80
C LEU C 118 24.80 -42.97 -9.90
N GLY C 119 24.19 -43.05 -11.09
CA GLY C 119 22.77 -42.71 -11.22
C GLY C 119 22.42 -41.27 -10.94
N ILE C 120 23.34 -40.34 -11.23
CA ILE C 120 23.14 -38.92 -10.97
C ILE C 120 22.46 -38.28 -12.17
N THR C 121 21.48 -37.44 -11.89
CA THR C 121 20.77 -36.69 -12.93
C THR C 121 20.76 -35.22 -12.56
N LYS C 122 20.47 -34.40 -13.57
CA LYS C 122 20.44 -32.95 -13.41
C LYS C 122 19.03 -32.53 -13.01
N TRP C 123 18.92 -31.82 -11.89
CA TRP C 123 17.64 -31.22 -11.51
C TRP C 123 17.32 -30.11 -12.50
N GLU C 124 16.07 -30.05 -12.94
CA GLU C 124 15.65 -29.01 -13.88
C GLU C 124 14.25 -28.53 -13.53
N PRO C 125 13.97 -27.26 -13.77
CA PRO C 125 12.65 -26.70 -13.45
C PRO C 125 11.60 -27.16 -14.45
N PRO C 126 10.32 -27.14 -14.07
CA PRO C 126 9.25 -27.47 -15.02
C PRO C 126 9.18 -26.42 -16.12
N ILE C 127 9.36 -26.87 -17.36
CA ILE C 127 9.16 -26.00 -18.51
C ILE C 127 7.86 -25.20 -18.36
N SER C 128 7.95 -23.91 -18.72
CA SER C 128 6.80 -23.02 -18.82
C SER C 128 5.89 -23.42 -19.98
N THR C 129 4.58 -23.24 -19.77
CA THR C 129 3.57 -23.68 -20.72
C THR C 129 3.77 -23.12 -22.14
N ASN C 130 4.36 -21.94 -22.29
CA ASN C 130 4.58 -21.40 -23.63
C ASN C 130 5.83 -21.93 -24.31
N LEU C 131 6.83 -22.39 -23.55
CA LEU C 131 8.06 -22.88 -24.17
C LEU C 131 7.97 -24.36 -24.53
N SER C 132 7.10 -25.10 -23.85
CA SER C 132 6.84 -26.48 -24.24
C SER C 132 5.73 -26.49 -25.31
N GLY C 133 6.09 -26.89 -26.53
CA GLY C 133 5.13 -27.18 -27.58
C GLY C 133 5.08 -28.67 -27.91
N GLU C 134 4.61 -29.08 -29.09
CA GLU C 134 4.48 -30.51 -29.32
C GLU C 134 5.77 -30.83 -30.06
N ILE C 135 6.23 -32.06 -29.92
CA ILE C 135 7.51 -32.49 -30.49
C ILE C 135 7.36 -32.82 -31.97
N LEU C 136 8.33 -32.37 -32.78
CA LEU C 136 8.37 -32.84 -34.16
C LEU C 136 9.38 -33.97 -34.35
N GLY C 137 10.34 -34.11 -33.44
CA GLY C 137 11.31 -35.17 -33.51
C GLY C 137 12.48 -34.86 -32.59
N GLU C 138 13.55 -35.60 -32.78
CA GLU C 138 14.70 -35.40 -31.94
C GLU C 138 15.46 -34.15 -32.38
N PHE C 139 16.31 -33.67 -31.49
CA PHE C 139 17.21 -32.59 -31.85
C PHE C 139 18.12 -33.10 -32.96
N PRO C 140 18.34 -32.32 -34.02
CA PRO C 140 19.14 -32.82 -35.15
C PRO C 140 20.53 -33.26 -34.72
N THR C 141 20.96 -34.43 -35.19
CA THR C 141 22.29 -34.91 -34.87
C THR C 141 23.36 -34.14 -35.62
N PHE C 142 23.03 -33.55 -36.76
CA PHE C 142 23.99 -32.79 -37.55
C PHE C 142 24.18 -31.37 -37.03
N ILE C 143 23.62 -31.02 -35.88
CA ILE C 143 23.82 -29.73 -35.23
C ILE C 143 24.29 -29.96 -33.80
N SER C 144 25.35 -29.26 -33.40
CA SER C 144 25.78 -29.33 -32.01
C SER C 144 24.79 -28.61 -31.11
N LYS C 145 24.68 -29.09 -29.87
CA LYS C 145 23.80 -28.48 -28.89
C LYS C 145 24.49 -27.29 -28.21
N THR C 146 23.70 -26.57 -27.39
CA THR C 146 24.05 -25.25 -26.87
C THR C 146 24.96 -25.29 -25.65
N ASP C 147 25.45 -26.47 -25.25
CA ASP C 147 26.01 -26.58 -23.91
C ASP C 147 27.40 -25.94 -23.83
N GLN C 148 27.69 -25.37 -22.67
CA GLN C 148 28.94 -24.65 -22.43
C GLN C 148 29.55 -25.17 -21.14
N GLU C 149 30.85 -25.45 -21.18
CA GLU C 149 31.52 -25.87 -19.96
C GLU C 149 31.85 -24.67 -19.09
N ARG C 150 31.82 -24.89 -17.78
CA ARG C 150 32.06 -23.83 -16.81
C ARG C 150 33.55 -23.56 -16.65
N VAL C 151 33.86 -22.30 -16.35
CA VAL C 151 35.27 -21.92 -16.27
C VAL C 151 35.96 -22.62 -15.11
N GLN C 152 35.22 -22.97 -14.05
CA GLN C 152 35.82 -23.64 -12.89
C GLN C 152 36.33 -25.03 -13.20
N ASN C 153 35.84 -25.65 -14.27
CA ASN C 153 36.26 -26.99 -14.65
C ASN C 153 37.36 -26.98 -15.70
N LEU C 154 37.95 -25.82 -15.97
CA LEU C 154 38.86 -25.64 -17.09
C LEU C 154 40.12 -24.93 -16.65
N ILE C 155 40.66 -25.32 -15.49
CA ILE C 155 41.85 -24.62 -14.96
C ILE C 155 43.05 -24.81 -15.86
N PRO C 156 43.38 -26.01 -16.36
CA PRO C 156 44.52 -26.11 -17.29
C PRO C 156 44.28 -25.39 -18.60
N GLN C 157 43.05 -25.43 -19.13
CA GLN C 157 42.82 -24.85 -20.43
C GLN C 157 42.88 -23.33 -20.39
N ILE C 158 42.54 -22.72 -19.26
CA ILE C 158 42.66 -21.28 -19.13
C ILE C 158 44.13 -20.85 -19.20
N GLU C 159 45.03 -21.69 -18.70
CA GLU C 159 46.44 -21.33 -18.70
C GLU C 159 47.13 -21.70 -20.01
N GLU C 160 46.69 -22.77 -20.68
CA GLU C 160 47.20 -23.03 -22.02
C GLU C 160 46.67 -22.01 -23.03
N ASN C 161 45.52 -21.40 -22.75
CA ASN C 161 44.96 -20.40 -23.63
C ASN C 161 45.41 -18.98 -23.29
N LYS C 162 46.48 -18.85 -22.51
CA LYS C 162 47.06 -17.53 -22.26
C LYS C 162 47.50 -16.91 -23.57
N GLY C 163 47.17 -15.64 -23.77
CA GLY C 163 47.50 -14.93 -24.98
C GLY C 163 46.46 -14.99 -26.08
N GLN C 164 45.53 -15.94 -26.01
CA GLN C 164 44.46 -15.97 -27.00
C GLN C 164 43.42 -14.89 -26.69
N LYS C 165 42.56 -14.63 -27.67
CA LYS C 165 41.57 -13.57 -27.50
C LYS C 165 40.18 -14.15 -27.62
N PHE C 166 39.24 -13.50 -26.96
CA PHE C 166 37.95 -14.11 -26.70
C PHE C 166 36.85 -13.08 -26.86
N GLU C 167 35.78 -13.47 -27.55
CA GLU C 167 34.57 -12.67 -27.59
C GLU C 167 33.87 -12.86 -26.25
N VAL C 168 33.63 -11.77 -25.55
CA VAL C 168 32.94 -11.79 -24.26
C VAL C 168 31.50 -11.38 -24.49
N THR C 169 30.56 -12.19 -24.02
CA THR C 169 29.14 -11.94 -24.22
C THR C 169 28.38 -12.13 -22.92
N VAL C 170 27.32 -11.34 -22.75
CA VAL C 170 26.43 -11.50 -21.60
C VAL C 170 25.64 -12.80 -21.76
N LYS C 171 25.70 -13.65 -20.74
CA LYS C 171 24.81 -14.81 -20.70
C LYS C 171 23.43 -14.38 -20.22
N LEU C 172 22.41 -14.69 -21.00
CA LEU C 172 21.04 -14.39 -20.61
C LEU C 172 20.39 -15.62 -20.01
N ASP C 173 19.50 -15.38 -19.05
CA ASP C 173 18.80 -16.47 -18.37
C ASP C 173 17.48 -16.65 -19.09
N GLY C 174 17.42 -17.65 -19.93
CA GLY C 174 16.22 -17.99 -20.65
C GLY C 174 16.27 -19.45 -21.03
N SER C 175 15.51 -19.81 -22.06
CA SER C 175 15.55 -21.15 -22.62
C SER C 175 16.34 -21.16 -23.93
N SER C 176 16.99 -22.27 -24.21
CA SER C 176 17.78 -22.36 -25.42
C SER C 176 16.91 -22.76 -26.61
N MET C 177 17.32 -22.31 -27.79
CA MET C 177 16.47 -22.34 -28.97
C MET C 177 17.35 -22.36 -30.22
N THR C 178 17.06 -23.29 -31.14
CA THR C 178 17.78 -23.41 -32.40
C THR C 178 16.78 -23.34 -33.55
N VAL C 179 17.04 -22.43 -34.50
CA VAL C 179 16.30 -22.37 -35.77
C VAL C 179 17.30 -22.61 -36.88
N TYR C 180 17.06 -23.63 -37.69
CA TYR C 180 18.07 -24.09 -38.65
C TYR C 180 17.44 -24.38 -39.99
N ARG C 181 18.30 -24.37 -41.00
CA ARG C 181 17.95 -24.76 -42.35
C ARG C 181 18.91 -25.86 -42.78
N LYS C 182 18.36 -26.99 -43.20
CA LYS C 182 19.13 -28.02 -43.88
C LYS C 182 18.41 -28.34 -45.18
N ASP C 183 18.98 -27.91 -46.29
CA ASP C 183 18.43 -28.16 -47.62
C ASP C 183 16.99 -27.64 -47.62
N ASP C 184 15.98 -28.46 -47.96
CA ASP C 184 14.61 -27.98 -48.05
C ASP C 184 13.96 -27.77 -46.68
N HIS C 185 14.46 -28.42 -45.64
CA HIS C 185 13.82 -28.38 -44.33
C HIS C 185 14.31 -27.17 -43.53
N ILE C 186 13.37 -26.46 -42.91
CA ILE C 186 13.66 -25.44 -41.93
C ILE C 186 12.95 -25.80 -40.64
N GLY C 187 13.70 -25.88 -39.55
CA GLY C 187 13.16 -26.35 -38.30
C GLY C 187 13.45 -25.39 -37.16
N VAL C 188 12.60 -25.49 -36.13
CA VAL C 188 12.72 -24.73 -34.89
C VAL C 188 12.89 -25.73 -33.76
N CYS C 189 13.94 -25.59 -32.97
CA CYS C 189 14.22 -26.51 -31.88
C CYS C 189 14.22 -25.80 -30.54
N GLY C 190 13.76 -26.50 -29.51
CA GLY C 190 14.05 -26.11 -28.14
C GLY C 190 15.47 -26.53 -27.81
N ARG C 191 15.72 -26.96 -26.59
CA ARG C 191 17.08 -27.40 -26.27
C ARG C 191 17.30 -28.86 -26.59
N ASN C 192 16.25 -29.67 -26.58
CA ASN C 192 16.41 -31.09 -26.81
C ASN C 192 15.52 -31.65 -27.91
N TRP C 193 14.50 -30.93 -28.32
CA TRP C 193 13.53 -31.45 -29.27
C TRP C 193 13.27 -30.45 -30.39
N GLU C 194 13.09 -30.98 -31.59
CA GLU C 194 12.61 -30.11 -32.67
C GLU C 194 11.11 -29.92 -32.49
N LEU C 195 10.69 -28.66 -32.37
CA LEU C 195 9.28 -28.35 -32.16
C LEU C 195 8.58 -28.08 -33.49
N ARG C 196 7.26 -28.03 -33.41
CA ARG C 196 6.41 -27.75 -34.55
C ARG C 196 5.39 -26.65 -34.33
N GLU C 197 5.15 -25.92 -35.42
CA GLU C 197 4.52 -24.62 -35.37
C GLU C 197 3.10 -24.69 -34.83
N THR C 198 2.87 -23.90 -33.80
CA THR C 198 1.57 -23.63 -33.22
C THR C 198 1.58 -22.15 -32.85
N ALA C 199 0.39 -21.55 -32.75
CA ALA C 199 0.36 -20.11 -32.51
C ALA C 199 0.89 -19.76 -31.13
N THR C 200 0.34 -20.41 -30.10
CA THR C 200 0.73 -20.08 -28.74
C THR C 200 2.21 -20.39 -28.46
N ASN C 201 2.78 -21.39 -29.14
CA ASN C 201 4.13 -21.82 -28.80
C ASN C 201 5.09 -20.64 -28.96
N ALA C 202 5.94 -20.46 -27.94
CA ALA C 202 6.79 -19.28 -27.86
C ALA C 202 8.02 -19.37 -28.75
N GLN C 203 8.60 -20.55 -28.94
CA GLN C 203 9.77 -20.66 -29.80
C GLN C 203 9.42 -20.30 -31.25
N TRP C 204 8.30 -20.83 -31.75
CA TRP C 204 7.89 -20.50 -33.10
C TRP C 204 7.43 -19.04 -33.19
N HIS C 205 6.75 -18.55 -32.16
CA HIS C 205 6.34 -17.15 -32.17
C HIS C 205 7.54 -16.21 -32.23
N ALA C 206 8.64 -16.59 -31.58
CA ALA C 206 9.84 -15.74 -31.61
C ALA C 206 10.49 -15.75 -32.99
N ALA C 207 10.49 -16.90 -33.67
CA ALA C 207 11.10 -16.99 -34.99
C ALA C 207 10.35 -16.16 -36.02
N ARG C 208 9.02 -16.11 -35.93
CA ARG C 208 8.23 -15.35 -36.90
C ARG C 208 8.37 -13.84 -36.69
N ARG C 209 8.60 -13.38 -35.45
CA ARG C 209 8.66 -11.93 -35.22
C ARG C 209 9.83 -11.29 -35.94
N ASN C 210 11.03 -11.84 -35.74
CA ASN C 210 12.23 -11.36 -36.41
C ASN C 210 12.37 -11.92 -37.82
N LYS C 211 11.46 -12.79 -38.24
CA LYS C 211 11.44 -13.39 -39.57
C LYS C 211 12.73 -14.15 -39.89
N MET C 212 13.33 -14.77 -38.87
CA MET C 212 14.59 -15.47 -39.09
C MET C 212 14.43 -16.71 -39.98
N ILE C 213 13.21 -17.24 -40.09
CA ILE C 213 12.99 -18.33 -41.03
C ILE C 213 13.16 -17.82 -42.44
N GLU C 214 12.48 -16.72 -42.76
CA GLU C 214 12.65 -16.09 -44.07
C GLU C 214 14.09 -15.63 -44.27
N GLY C 215 14.75 -15.17 -43.20
CA GLY C 215 16.15 -14.80 -43.30
C GLY C 215 17.05 -15.98 -43.59
N LEU C 216 16.73 -17.15 -43.05
CA LEU C 216 17.49 -18.36 -43.32
C LEU C 216 17.33 -18.81 -44.77
N GLN C 217 16.13 -18.62 -45.34
CA GLN C 217 15.96 -18.95 -46.75
C GLN C 217 16.59 -17.89 -47.65
N PHE C 218 16.67 -16.64 -47.17
CA PHE C 218 17.36 -15.61 -47.94
C PHE C 218 18.85 -15.92 -48.04
N LEU C 219 19.45 -16.41 -46.95
CA LEU C 219 20.89 -16.65 -47.01
C LEU C 219 21.23 -17.96 -47.71
N ASN C 220 20.26 -18.85 -47.91
CA ASN C 220 20.43 -20.00 -48.77
C ASN C 220 21.64 -20.86 -48.38
N ARG C 221 21.83 -21.05 -47.08
CA ARG C 221 22.90 -21.88 -46.55
C ARG C 221 22.36 -22.78 -45.46
N ASN C 222 23.05 -23.89 -45.24
CA ASN C 222 22.68 -24.84 -44.17
C ASN C 222 23.30 -24.34 -42.87
N LEU C 223 22.53 -23.54 -42.13
CA LEU C 223 23.00 -22.92 -40.91
C LEU C 223 22.02 -23.16 -39.78
N ALA C 224 22.55 -23.20 -38.57
CA ALA C 224 21.74 -23.30 -37.36
C ALA C 224 21.92 -22.00 -36.58
N LEU C 225 20.83 -21.29 -36.35
CA LEU C 225 20.87 -20.08 -35.54
C LEU C 225 20.54 -20.47 -34.11
N GLN C 226 21.50 -20.31 -33.22
CA GLN C 226 21.35 -20.72 -31.83
C GLN C 226 21.38 -19.50 -30.93
N GLY C 227 20.40 -19.41 -30.05
CA GLY C 227 20.28 -18.26 -29.18
C GLY C 227 19.38 -18.57 -28.02
N GLU C 228 19.20 -17.56 -27.17
CA GLU C 228 18.36 -17.67 -25.99
C GLU C 228 17.03 -16.96 -26.21
N ILE C 229 15.97 -17.54 -25.67
CA ILE C 229 14.66 -16.90 -25.68
C ILE C 229 14.39 -16.41 -24.27
N ILE C 230 14.06 -15.13 -24.14
CA ILE C 230 13.82 -14.50 -22.85
C ILE C 230 12.61 -13.59 -22.98
N GLY C 231 12.12 -13.13 -21.83
CA GLY C 231 11.02 -12.19 -21.87
C GLY C 231 10.03 -12.47 -20.78
N GLU C 232 8.82 -11.94 -20.97
CA GLU C 232 7.77 -12.13 -19.99
C GLU C 232 7.44 -13.61 -19.85
N SER C 233 7.09 -14.01 -18.63
CA SER C 233 6.72 -15.39 -18.30
C SER C 233 7.83 -16.39 -18.60
N ILE C 234 9.08 -15.93 -18.59
CA ILE C 234 10.26 -16.78 -18.78
C ILE C 234 11.19 -16.38 -17.64
N GLN C 235 11.36 -17.25 -16.64
CA GLN C 235 12.26 -16.96 -15.52
C GLN C 235 12.05 -15.57 -14.93
N GLY C 236 10.79 -15.20 -14.71
CA GLY C 236 10.53 -13.97 -14.02
C GLY C 236 10.86 -12.72 -14.79
N ASN C 237 11.42 -12.85 -16.00
CA ASN C 237 11.77 -11.70 -16.83
C ASN C 237 12.76 -10.78 -16.10
N LEU C 238 13.97 -11.33 -15.88
CA LEU C 238 15.00 -10.59 -15.18
C LEU C 238 15.33 -9.26 -15.86
N GLU C 239 15.12 -9.18 -17.18
CA GLU C 239 15.41 -7.97 -17.93
C GLU C 239 14.25 -6.97 -17.97
N LYS C 240 13.07 -7.33 -17.45
CA LYS C 240 11.91 -6.45 -17.52
C LYS C 240 11.64 -5.96 -18.97
N LEU C 241 11.38 -6.91 -19.88
CA LEU C 241 11.22 -6.82 -21.33
C LEU C 241 9.75 -6.98 -21.77
N LYS C 242 9.37 -6.37 -22.92
CA LYS C 242 7.99 -6.57 -23.40
C LYS C 242 7.95 -7.98 -23.96
N GLY C 243 7.04 -8.81 -23.48
CA GLY C 243 6.96 -9.95 -24.37
C GLY C 243 8.18 -10.86 -24.40
N GLN C 244 8.22 -11.72 -25.41
CA GLN C 244 9.32 -12.65 -25.57
C GLN C 244 10.11 -12.34 -26.83
N ASP C 245 11.39 -12.69 -26.80
CA ASP C 245 12.27 -12.33 -27.90
C ASP C 245 13.43 -13.31 -27.94
N PHE C 246 13.98 -13.49 -29.15
CA PHE C 246 15.12 -14.36 -29.38
C PHE C 246 16.39 -13.53 -29.50
N TYR C 247 17.42 -13.94 -28.77
CA TYR C 247 18.72 -13.26 -28.80
C TYR C 247 19.76 -14.29 -29.21
N LEU C 248 20.40 -14.05 -30.34
CA LEU C 248 21.31 -15.04 -30.90
C LEU C 248 22.68 -14.95 -30.23
N PHE C 249 23.31 -16.10 -30.05
CA PHE C 249 24.69 -16.11 -29.57
C PHE C 249 25.60 -17.02 -30.36
N ASP C 250 25.07 -17.81 -31.29
CA ASP C 250 25.90 -18.72 -32.07
C ASP C 250 25.23 -19.05 -33.39
N ILE C 251 26.05 -19.38 -34.38
CA ILE C 251 25.60 -19.88 -35.67
C ILE C 251 26.44 -21.11 -36.02
N TYR C 252 25.77 -22.23 -36.23
CA TYR C 252 26.45 -23.48 -36.53
C TYR C 252 26.40 -23.71 -38.04
N ASP C 253 27.56 -23.97 -38.62
CA ASP C 253 27.66 -24.34 -40.02
C ASP C 253 27.44 -25.86 -40.11
N ILE C 254 26.27 -26.27 -40.59
CA ILE C 254 25.94 -27.69 -40.67
C ILE C 254 26.86 -28.40 -41.65
N ASP C 255 27.14 -27.75 -42.78
CA ASP C 255 27.91 -28.43 -43.83
C ASP C 255 29.34 -28.65 -43.40
N LYS C 256 29.93 -27.69 -42.69
CA LYS C 256 31.32 -27.82 -42.25
C LYS C 256 31.44 -28.36 -40.83
N ALA C 257 30.32 -28.59 -40.14
CA ALA C 257 30.29 -29.20 -38.81
C ALA C 257 31.13 -28.40 -37.82
N GLN C 258 30.97 -27.09 -37.85
CA GLN C 258 31.77 -26.21 -37.00
C GLN C 258 31.03 -24.90 -36.82
N TYR C 259 31.27 -24.26 -35.67
CA TYR C 259 30.64 -22.99 -35.34
C TYR C 259 31.33 -21.83 -36.06
N LEU C 260 30.54 -20.87 -36.54
CA LEU C 260 31.13 -19.68 -37.10
C LEU C 260 31.95 -18.95 -36.03
N THR C 261 33.09 -18.39 -36.45
CA THR C 261 33.85 -17.52 -35.57
C THR C 261 33.00 -16.31 -35.18
N PRO C 262 33.33 -15.66 -34.06
CA PRO C 262 32.62 -14.42 -33.69
C PRO C 262 32.56 -13.38 -34.81
N ILE C 263 33.65 -13.19 -35.56
CA ILE C 263 33.62 -12.19 -36.61
C ILE C 263 32.72 -12.64 -37.76
N GLU C 264 32.78 -13.91 -38.14
CA GLU C 264 31.86 -14.45 -39.15
C GLU C 264 30.41 -14.31 -38.69
N ARG C 265 30.14 -14.68 -37.44
CA ARG C 265 28.78 -14.57 -36.91
C ARG C 265 28.36 -13.11 -36.86
N GLN C 266 29.27 -12.21 -36.46
CA GLN C 266 28.90 -10.81 -36.37
C GLN C 266 28.59 -10.25 -37.75
N SER C 267 29.33 -10.69 -38.77
CA SER C 267 29.04 -10.18 -40.10
C SER C 267 27.75 -10.78 -40.64
N LEU C 268 27.41 -11.99 -40.23
CA LEU C 268 26.19 -12.59 -40.71
C LEU C 268 24.96 -12.01 -40.02
N VAL C 269 25.09 -11.65 -38.74
CA VAL C 269 24.01 -10.95 -38.05
C VAL C 269 23.75 -9.59 -38.69
N LYS C 270 24.84 -8.85 -39.03
CA LYS C 270 24.67 -7.59 -39.75
C LYS C 270 24.03 -7.79 -41.11
N GLN C 271 24.50 -8.79 -41.85
CA GLN C 271 23.91 -9.08 -43.16
C GLN C 271 22.43 -9.42 -43.02
N LEU C 272 22.07 -10.22 -42.00
CA LEU C 272 20.66 -10.51 -41.79
C LEU C 272 19.87 -9.25 -41.52
N ASN C 273 20.42 -8.35 -40.71
CA ASN C 273 19.70 -7.12 -40.39
C ASN C 273 19.71 -6.12 -41.52
N ASP C 274 20.79 -6.08 -42.30
CA ASP C 274 20.87 -5.19 -43.45
C ASP C 274 19.87 -5.55 -44.53
N ASN C 275 19.22 -6.72 -44.41
CA ASN C 275 18.29 -7.23 -45.41
C ASN C 275 16.89 -7.33 -44.84
N GLY C 276 16.61 -6.63 -43.75
CA GLY C 276 15.30 -6.53 -43.16
C GLY C 276 14.95 -7.62 -42.17
N PHE C 277 15.83 -8.57 -41.90
CA PHE C 277 15.55 -9.62 -40.91
C PHE C 277 16.20 -9.20 -39.59
N THR C 278 15.37 -8.69 -38.68
CA THR C 278 15.86 -8.01 -37.48
C THR C 278 16.04 -9.04 -36.38
N VAL C 279 17.17 -9.73 -36.37
CA VAL C 279 17.47 -10.70 -35.34
C VAL C 279 18.46 -10.06 -34.37
N LYS C 280 18.09 -10.04 -33.09
CA LYS C 280 18.92 -9.41 -32.08
C LYS C 280 20.01 -10.35 -31.57
N HIS C 281 21.10 -9.76 -31.10
CA HIS C 281 22.23 -10.52 -30.60
C HIS C 281 22.35 -10.31 -29.09
N VAL C 282 22.92 -11.31 -28.42
CA VAL C 282 23.18 -11.16 -26.99
C VAL C 282 24.20 -10.03 -26.87
N PRO C 283 24.15 -9.23 -25.80
CA PRO C 283 25.07 -8.09 -25.69
C PRO C 283 26.53 -8.53 -25.75
N ILE C 284 27.28 -7.92 -26.66
CA ILE C 284 28.71 -8.18 -26.84
C ILE C 284 29.49 -7.15 -26.05
N LEU C 285 30.50 -7.59 -25.32
CA LEU C 285 31.40 -6.71 -24.57
C LEU C 285 32.74 -6.62 -25.29
N ASP C 286 33.69 -5.94 -24.66
CA ASP C 286 35.01 -5.80 -25.26
C ASP C 286 35.69 -7.17 -25.32
N ASP C 287 36.41 -7.42 -26.41
CA ASP C 287 37.13 -8.68 -26.51
C ASP C 287 38.15 -8.77 -25.39
N LEU C 288 38.53 -10.00 -25.03
CA LEU C 288 39.39 -10.23 -23.87
C LEU C 288 40.62 -11.03 -24.30
N GLU C 289 41.79 -10.47 -24.05
CA GLU C 289 43.04 -11.22 -24.17
C GLU C 289 43.25 -12.03 -22.90
N LEU C 290 43.26 -13.35 -23.03
CA LEU C 290 43.27 -14.22 -21.87
C LEU C 290 44.63 -14.24 -21.22
N ASN C 291 44.69 -13.77 -19.96
CA ASN C 291 45.87 -13.84 -19.12
C ASN C 291 45.40 -13.77 -17.67
N HIS C 292 44.40 -14.59 -17.35
CA HIS C 292 43.68 -14.51 -16.08
C HIS C 292 43.55 -15.90 -15.48
N THR C 293 43.30 -15.92 -14.18
CA THR C 293 43.00 -17.16 -13.50
C THR C 293 41.48 -17.34 -13.39
N ALA C 294 41.06 -18.59 -13.13
CA ALA C 294 39.66 -18.88 -12.98
C ALA C 294 39.01 -17.99 -11.93
N GLU C 295 39.77 -17.60 -10.90
CA GLU C 295 39.19 -16.70 -9.90
C GLU C 295 38.95 -15.32 -10.49
N GLN C 296 39.86 -14.84 -11.33
CA GLN C 296 39.70 -13.52 -11.93
C GLN C 296 38.60 -13.50 -12.97
N ILE C 297 38.39 -14.63 -13.67
CA ILE C 297 37.34 -14.67 -14.68
C ILE C 297 35.97 -14.59 -14.02
N LEU C 298 35.78 -15.34 -12.93
CA LEU C 298 34.50 -15.27 -12.23
C LEU C 298 34.23 -13.87 -11.71
N ALA C 299 35.28 -13.10 -11.39
CA ALA C 299 35.07 -11.75 -10.91
C ALA C 299 34.45 -10.87 -11.98
N MET C 300 34.76 -11.14 -13.25
CA MET C 300 34.10 -10.40 -14.31
C MET C 300 32.66 -10.82 -14.48
N ALA C 301 32.31 -12.03 -14.03
CA ALA C 301 31.00 -12.59 -14.36
C ALA C 301 29.88 -11.68 -13.88
N ASP C 302 29.99 -11.13 -12.68
CA ASP C 302 28.94 -10.26 -12.17
C ASP C 302 29.05 -8.85 -12.77
N GLY C 303 27.89 -8.26 -13.01
CA GLY C 303 27.81 -6.95 -13.63
C GLY C 303 26.44 -6.69 -14.23
N PRO C 304 26.32 -5.62 -15.01
CA PRO C 304 25.01 -5.29 -15.61
C PRO C 304 24.69 -6.22 -16.77
N SER C 305 23.41 -6.50 -16.92
CA SER C 305 22.91 -7.34 -18.00
C SER C 305 22.51 -6.45 -19.19
N LEU C 306 21.70 -7.01 -20.08
CA LEU C 306 21.14 -6.21 -21.17
C LEU C 306 20.38 -5.01 -20.61
N ASN C 307 19.49 -5.26 -19.65
CA ASN C 307 19.00 -4.23 -18.75
C ASN C 307 20.12 -3.87 -17.78
N LYS C 308 20.65 -2.66 -17.90
CA LYS C 308 21.84 -2.29 -17.15
C LYS C 308 21.56 -2.00 -15.68
N ASN C 309 20.31 -1.93 -15.25
CA ASN C 309 20.02 -1.79 -13.83
C ASN C 309 19.68 -3.12 -13.16
N VAL C 310 19.88 -4.24 -13.86
CA VAL C 310 19.74 -5.58 -13.30
C VAL C 310 21.09 -6.31 -13.43
N LYS C 311 21.33 -7.27 -12.52
CA LYS C 311 22.59 -8.01 -12.53
C LYS C 311 22.49 -9.27 -13.38
N ARG C 312 23.51 -9.49 -14.23
CA ARG C 312 23.46 -10.52 -15.25
C ARG C 312 23.66 -11.90 -14.64
N GLU C 313 23.23 -12.93 -15.39
CA GLU C 313 23.50 -14.28 -14.97
C GLU C 313 24.98 -14.61 -15.07
N GLY C 314 25.69 -14.03 -16.02
CA GLY C 314 27.13 -14.29 -16.13
C GLY C 314 27.63 -13.96 -17.53
N LEU C 315 28.77 -14.55 -17.86
CA LEU C 315 29.42 -14.26 -19.13
C LEU C 315 29.68 -15.54 -19.90
N VAL C 316 29.76 -15.41 -21.22
CA VAL C 316 30.24 -16.46 -22.09
C VAL C 316 31.45 -15.93 -22.84
N PHE C 317 32.47 -16.76 -22.95
CA PHE C 317 33.73 -16.44 -23.60
C PHE C 317 33.89 -17.35 -24.80
N LYS C 318 34.17 -16.77 -25.96
CA LYS C 318 34.35 -17.53 -27.19
C LYS C 318 35.64 -17.05 -27.84
N ARG C 319 36.61 -17.96 -27.98
CA ARG C 319 37.85 -17.63 -28.66
C ARG C 319 37.55 -17.25 -30.11
N LEU C 320 38.34 -16.32 -30.65
CA LEU C 320 38.02 -15.74 -31.94
C LEU C 320 38.23 -16.70 -33.09
N ASP C 321 38.92 -17.82 -32.86
CA ASP C 321 38.90 -18.88 -33.86
C ASP C 321 37.65 -19.73 -33.76
N GLY C 322 36.84 -19.55 -32.72
CA GLY C 322 35.57 -20.23 -32.58
C GLY C 322 35.59 -21.70 -32.19
N LYS C 323 36.70 -22.22 -31.69
CA LYS C 323 36.79 -23.63 -31.30
C LYS C 323 37.27 -23.80 -29.87
N PHE C 324 37.02 -22.82 -29.01
CA PHE C 324 37.13 -23.01 -27.57
C PHE C 324 36.25 -21.96 -26.92
N SER C 325 35.27 -22.42 -26.15
CA SER C 325 34.32 -21.52 -25.50
C SER C 325 33.98 -22.09 -24.14
N PHE C 326 33.66 -21.19 -23.21
CA PHE C 326 33.22 -21.57 -21.88
C PHE C 326 32.39 -20.42 -21.33
N LYS C 327 31.66 -20.71 -20.27
CA LYS C 327 30.88 -19.70 -19.57
C LYS C 327 31.42 -19.51 -18.16
N ALA C 328 31.03 -18.39 -17.57
CA ALA C 328 31.38 -18.08 -16.18
C ALA C 328 30.14 -17.45 -15.57
N ILE C 329 29.51 -18.18 -14.64
CA ILE C 329 28.26 -17.77 -14.03
C ILE C 329 28.58 -16.93 -12.80
N SER C 330 27.91 -15.79 -12.69
CA SER C 330 28.10 -14.94 -11.52
C SER C 330 27.64 -15.67 -10.27
N ASN C 331 28.53 -15.80 -9.30
CA ASN C 331 28.11 -16.45 -8.07
C ASN C 331 27.17 -15.58 -7.26
N ALA C 332 27.27 -14.24 -7.41
CA ALA C 332 26.23 -13.40 -6.82
C ALA C 332 24.86 -13.75 -7.39
N TYR C 333 24.78 -14.00 -8.70
CA TYR C 333 23.53 -14.41 -9.31
C TYR C 333 23.05 -15.73 -8.74
N LEU C 334 23.95 -16.71 -8.61
CA LEU C 334 23.53 -18.01 -8.09
C LEU C 334 23.14 -17.92 -6.63
N GLU C 335 23.73 -16.98 -5.90
CA GLU C 335 23.35 -16.78 -4.51
C GLU C 335 21.99 -16.10 -4.38
N LYS C 336 21.71 -15.11 -5.25
CA LYS C 336 20.45 -14.35 -5.14
C LYS C 336 19.25 -15.08 -5.73
N HIS C 337 19.28 -15.38 -7.03
CA HIS C 337 18.19 -16.15 -7.63
C HIS C 337 18.56 -17.57 -7.29
N LYS C 338 18.09 -18.11 -6.18
CA LYS C 338 18.61 -19.38 -5.72
C LYS C 338 17.82 -20.61 -6.21
N ASP C 339 16.75 -20.42 -6.94
CA ASP C 339 16.10 -21.53 -7.60
C ASP C 339 16.63 -21.68 -9.02
N ARG C 340 17.77 -21.04 -9.30
CA ARG C 340 18.48 -21.12 -10.57
C ARG C 340 19.99 -21.33 -10.38
N VAL D 4 -27.39 41.70 5.39
CA VAL D 4 -26.89 41.36 6.72
C VAL D 4 -27.50 40.03 7.20
N ARG D 5 -26.68 38.98 7.28
CA ARG D 5 -27.16 37.65 7.65
C ARG D 5 -27.74 37.64 9.06
N LYS D 6 -28.84 36.92 9.24
CA LYS D 6 -29.53 36.82 10.53
C LYS D 6 -29.28 35.45 11.17
N LEU D 7 -28.15 35.33 11.88
CA LEU D 7 -27.81 34.01 12.43
C LEU D 7 -28.74 33.59 13.56
N ALA D 8 -29.07 34.51 14.44
CA ALA D 8 -29.96 34.25 15.57
C ALA D 8 -31.20 35.13 15.43
N THR D 9 -32.37 34.50 15.37
CA THR D 9 -33.61 35.22 15.20
C THR D 9 -34.65 34.64 16.14
N ILE D 10 -35.67 35.44 16.43
CA ILE D 10 -36.84 34.98 17.17
C ILE D 10 -37.84 34.40 16.17
N ARG D 11 -38.16 33.12 16.33
CA ARG D 11 -39.12 32.43 15.50
C ARG D 11 -40.12 31.71 16.39
N THR D 12 -41.12 31.09 15.75
CA THR D 12 -42.12 30.31 16.44
C THR D 12 -41.93 28.83 16.11
N ALA D 13 -42.22 27.97 17.08
CA ALA D 13 -42.14 26.53 16.84
C ALA D 13 -43.29 26.07 15.94
N GLY D 14 -42.94 25.35 14.87
CA GLY D 14 -43.94 24.77 14.00
C GLY D 14 -44.43 23.43 14.55
N GLU D 15 -44.63 22.44 13.68
CA GLU D 15 -45.13 21.15 14.14
C GLU D 15 -44.05 20.41 14.91
N ILE D 16 -44.45 19.74 15.98
CA ILE D 16 -43.53 18.99 16.82
C ILE D 16 -43.88 17.52 16.71
N THR D 17 -42.91 16.70 16.31
CA THR D 17 -43.14 15.28 16.10
C THR D 17 -42.19 14.45 16.97
N PRO D 18 -42.61 13.26 17.39
CA PRO D 18 -41.75 12.44 18.24
C PRO D 18 -40.56 11.87 17.47
N ILE D 19 -39.51 11.55 18.22
CA ILE D 19 -38.33 10.87 17.71
C ILE D 19 -38.37 9.44 18.23
N ALA D 20 -38.53 8.47 17.33
CA ALA D 20 -38.58 7.07 17.75
C ALA D 20 -37.33 6.69 18.50
N GLY D 21 -37.49 5.82 19.49
CA GLY D 21 -36.40 5.38 20.34
C GLY D 21 -36.14 6.28 21.52
N ALA D 22 -36.20 7.60 21.32
CA ALA D 22 -35.94 8.54 22.39
C ALA D 22 -37.21 9.29 22.77
N GLU D 23 -37.53 9.24 24.07
CA GLU D 23 -38.62 9.95 24.73
C GLU D 23 -38.16 11.18 25.50
N ALA D 24 -36.85 11.46 25.56
CA ALA D 24 -36.33 12.67 26.19
C ALA D 24 -36.22 13.84 25.22
N ILE D 25 -36.34 13.59 23.91
CA ILE D 25 -36.17 14.63 22.90
C ILE D 25 -37.32 14.52 21.91
N GLU D 26 -37.52 15.61 21.16
CA GLU D 26 -38.47 15.63 20.05
C GLU D 26 -37.85 16.39 18.90
N CYS D 27 -38.47 16.23 17.73
CA CYS D 27 -38.10 17.00 16.55
C CYS D 27 -39.06 18.17 16.45
N CYS D 28 -38.53 19.37 16.23
CA CYS D 28 -39.34 20.58 16.15
C CYS D 28 -39.05 21.31 14.86
N HIS D 29 -40.12 21.62 14.11
CA HIS D 29 -39.98 22.38 12.89
C HIS D 29 -39.95 23.87 13.22
N VAL D 30 -38.94 24.56 12.70
CA VAL D 30 -38.81 26.00 12.83
C VAL D 30 -38.68 26.55 11.42
N ASP D 31 -39.78 27.14 10.91
CA ASP D 31 -39.90 27.47 9.50
C ASP D 31 -39.53 26.28 8.64
N GLY D 32 -38.56 26.44 7.75
CA GLY D 32 -38.17 25.32 6.91
C GLY D 32 -37.19 24.37 7.55
N TRP D 33 -36.67 24.70 8.73
CA TRP D 33 -35.70 23.85 9.39
C TRP D 33 -36.38 22.83 10.30
N THR D 34 -35.64 21.76 10.62
CA THR D 34 -36.01 20.83 11.67
C THR D 34 -34.81 20.62 12.59
N CYS D 35 -35.05 20.71 13.89
CA CYS D 35 -33.97 20.65 14.86
C CYS D 35 -34.47 19.92 16.10
N VAL D 36 -33.57 19.22 16.76
CA VAL D 36 -33.94 18.40 17.91
C VAL D 36 -34.04 19.28 19.15
N ILE D 37 -35.17 19.20 19.84
CA ILE D 37 -35.37 19.93 21.09
C ILE D 37 -35.60 18.93 22.21
N LYS D 38 -35.31 19.37 23.43
CA LYS D 38 -35.60 18.56 24.60
C LYS D 38 -37.11 18.54 24.87
N LYS D 39 -37.61 17.39 25.32
CA LYS D 39 -39.05 17.23 25.50
C LYS D 39 -39.59 18.26 26.47
N GLY D 40 -40.72 18.87 26.09
CA GLY D 40 -41.34 19.88 26.91
C GLY D 40 -40.70 21.26 26.86
N GLU D 41 -39.69 21.47 26.02
CA GLU D 41 -39.14 22.82 25.90
C GLU D 41 -40.09 23.72 25.14
N PHE D 42 -40.80 23.18 24.15
CA PHE D 42 -41.68 23.93 23.27
C PHE D 42 -42.95 23.15 23.02
N LYS D 43 -44.02 23.89 22.77
CA LYS D 43 -45.22 23.37 22.14
C LYS D 43 -45.51 24.28 20.96
N GLN D 44 -46.21 23.75 19.96
CA GLN D 44 -46.39 24.47 18.71
C GLN D 44 -46.95 25.86 18.95
N GLY D 45 -46.34 26.86 18.32
CA GLY D 45 -46.74 28.24 18.48
C GLY D 45 -45.88 29.04 19.44
N ASP D 46 -45.12 28.38 20.31
CA ASP D 46 -44.25 29.07 21.24
C ASP D 46 -43.17 29.86 20.51
N ARG D 47 -42.65 30.87 21.20
CA ARG D 47 -41.55 31.67 20.69
C ARG D 47 -40.23 31.11 21.20
N GLY D 48 -39.17 31.39 20.45
CA GLY D 48 -37.84 30.97 20.85
C GLY D 48 -36.79 31.65 19.99
N VAL D 49 -35.53 31.48 20.38
CA VAL D 49 -34.41 31.98 19.60
C VAL D 49 -33.88 30.84 18.75
N TYR D 50 -33.86 31.04 17.44
CA TYR D 50 -33.33 30.06 16.51
C TYR D 50 -31.95 30.50 16.02
N PHE D 51 -30.94 29.66 16.24
CA PHE D 51 -29.59 29.89 15.76
C PHE D 51 -29.38 29.02 14.52
N GLU D 52 -29.09 29.65 13.38
CA GLU D 52 -28.87 28.88 12.17
C GLU D 52 -27.56 28.10 12.24
N ILE D 53 -27.43 27.11 11.36
CA ILE D 53 -26.12 26.50 11.17
C ILE D 53 -25.15 27.58 10.73
N ASP D 54 -23.87 27.33 10.98
CA ASP D 54 -22.70 28.20 10.81
C ASP D 54 -22.55 29.20 11.95
N SER D 55 -23.48 29.26 12.89
CA SER D 55 -23.32 30.18 14.00
C SER D 55 -22.20 29.69 14.92
N PHE D 56 -21.36 30.61 15.35
CA PHE D 56 -20.35 30.34 16.36
C PHE D 56 -20.82 30.97 17.67
N ILE D 57 -21.02 30.13 18.68
CA ILE D 57 -21.62 30.51 19.94
C ILE D 57 -20.59 30.31 21.04
N LYS D 58 -20.25 31.41 21.72
CA LYS D 58 -19.24 31.34 22.77
C LYS D 58 -19.77 30.56 23.98
N GLU D 59 -18.83 30.07 24.78
CA GLU D 59 -19.15 29.13 25.83
C GLU D 59 -20.01 29.77 26.92
N ASP D 60 -21.01 29.02 27.38
CA ASP D 60 -21.93 29.45 28.44
C ASP D 60 -22.73 28.23 28.90
N ASN D 61 -22.30 27.60 30.00
CA ASN D 61 -22.89 26.35 30.45
C ASN D 61 -24.23 26.53 31.16
N ASP D 62 -24.68 27.76 31.38
CA ASP D 62 -26.05 27.95 31.83
C ASP D 62 -26.99 28.10 30.61
N ARG D 63 -26.62 28.97 29.67
CA ARG D 63 -27.45 29.18 28.49
C ARG D 63 -27.26 28.08 27.45
N TYR D 64 -26.02 27.61 27.23
CA TYR D 64 -25.75 26.65 26.18
C TYR D 64 -25.01 25.41 26.69
N PRO D 65 -25.55 24.73 27.72
CA PRO D 65 -24.91 23.47 28.14
C PRO D 65 -25.04 22.40 27.07
N MET D 66 -26.04 22.50 26.19
CA MET D 66 -26.09 21.58 25.05
C MET D 66 -24.85 21.65 24.17
N LEU D 67 -24.08 22.75 24.18
CA LEU D 67 -22.96 22.94 23.26
C LEU D 67 -21.59 22.94 23.92
N SER D 68 -21.53 22.82 25.25
CA SER D 68 -20.33 22.95 26.06
C SER D 68 -19.35 21.79 25.94
N LYS D 69 -19.75 20.67 25.36
CA LYS D 69 -18.88 19.53 25.09
C LYS D 69 -18.58 19.32 23.64
N GLN D 70 -18.84 20.34 22.81
CA GLN D 70 -18.27 20.28 21.48
C GLN D 70 -17.56 21.58 21.18
N VAL D 71 -16.99 22.20 22.21
CA VAL D 71 -16.31 23.49 22.08
C VAL D 71 -15.04 23.34 21.23
N ILE D 72 -14.79 24.34 20.38
CA ILE D 72 -13.61 24.38 19.52
C ILE D 72 -13.00 25.78 19.63
N ASP D 73 -11.80 25.89 19.09
CA ASP D 73 -11.17 27.20 18.94
C ASP D 73 -11.54 27.78 17.58
N TYR D 74 -12.00 29.02 17.59
CA TYR D 74 -12.22 29.76 16.36
C TYR D 74 -11.72 31.17 16.60
N GLU D 75 -10.64 31.53 15.89
CA GLU D 75 -10.07 32.87 15.95
C GLU D 75 -9.67 33.23 17.38
N GLY D 76 -9.03 32.27 18.08
CA GLY D 76 -8.59 32.51 19.44
C GLY D 76 -9.71 32.46 20.47
N GLN D 77 -10.95 32.37 20.03
CA GLN D 77 -12.10 32.33 20.91
C GLN D 77 -12.62 30.91 21.09
N ARG D 78 -12.93 30.55 22.33
CA ARG D 78 -13.52 29.25 22.61
C ARG D 78 -15.03 29.32 22.40
N GLY D 79 -15.56 28.38 21.63
CA GLY D 79 -16.99 28.33 21.41
C GLY D 79 -17.38 27.11 20.62
N THR D 80 -18.63 27.07 20.20
CA THR D 80 -19.18 25.93 19.47
C THR D 80 -19.71 26.39 18.13
N ARG D 81 -19.42 25.60 17.09
CA ARG D 81 -19.87 25.87 15.73
C ARG D 81 -21.02 24.93 15.39
N LEU D 82 -22.20 25.50 15.16
CA LEU D 82 -23.36 24.71 14.81
C LEU D 82 -23.33 24.28 13.37
N ARG D 83 -23.67 23.02 13.13
CA ARG D 83 -24.07 22.71 11.78
C ARG D 83 -24.66 21.30 11.73
N THR D 84 -24.90 20.84 10.51
CA THR D 84 -25.80 19.73 10.29
C THR D 84 -25.33 18.48 11.03
N ALA D 85 -26.28 17.82 11.68
CA ALA D 85 -26.00 16.66 12.51
C ALA D 85 -27.20 15.74 12.47
N ARG D 86 -26.97 14.50 12.85
CA ARG D 86 -28.02 13.49 12.92
C ARG D 86 -27.99 13.00 14.37
N LEU D 87 -28.91 13.52 15.17
CA LEU D 87 -29.05 13.18 16.58
C LEU D 87 -30.08 12.05 16.71
N ARG D 88 -29.60 10.88 17.12
CA ARG D 88 -30.50 9.74 17.37
C ARG D 88 -31.29 9.39 16.12
N GLY D 89 -30.61 9.42 14.98
CA GLY D 89 -31.22 9.16 13.68
C GLY D 89 -31.92 10.33 13.03
N GLN D 90 -32.21 11.39 13.78
CA GLN D 90 -32.99 12.52 13.27
C GLN D 90 -32.07 13.61 12.74
N LEU D 91 -32.31 14.04 11.50
CA LEU D 91 -31.56 15.16 10.95
C LEU D 91 -31.91 16.43 11.70
N SER D 92 -30.91 17.06 12.31
CA SER D 92 -31.11 18.26 13.11
C SER D 92 -30.20 19.36 12.64
N GLN D 93 -30.73 20.58 12.53
CA GLN D 93 -29.97 21.72 12.05
C GLN D 93 -30.31 22.93 12.90
N GLY D 94 -29.31 23.51 13.53
CA GLY D 94 -29.48 24.71 14.31
C GLY D 94 -29.87 24.42 15.75
N LEU D 95 -29.96 25.49 16.52
CA LEU D 95 -30.33 25.42 17.92
C LEU D 95 -31.54 26.31 18.13
N PHE D 96 -32.54 25.80 18.85
CA PHE D 96 -33.77 26.53 19.16
C PHE D 96 -33.96 26.52 20.67
N LEU D 97 -33.89 27.70 21.30
CA LEU D 97 -33.98 27.83 22.76
C LEU D 97 -35.17 28.70 23.16
N PRO D 98 -35.90 28.31 24.21
CA PRO D 98 -37.08 29.08 24.61
C PRO D 98 -36.72 30.45 25.17
N MET D 99 -37.68 31.37 25.09
CA MET D 99 -37.41 32.75 25.49
C MET D 99 -37.29 32.92 26.99
N ASP D 100 -37.73 31.95 27.79
CA ASP D 100 -37.56 32.03 29.23
C ASP D 100 -36.10 31.97 29.64
N ARG D 101 -35.20 31.62 28.74
CA ARG D 101 -33.78 31.57 29.02
C ARG D 101 -33.02 32.77 28.46
N PHE D 102 -33.73 33.80 27.98
CA PHE D 102 -33.14 35.02 27.43
C PHE D 102 -33.84 36.23 28.01
N PRO D 103 -33.52 36.61 29.26
CA PRO D 103 -34.15 37.82 29.82
C PRO D 103 -33.85 39.11 29.07
N GLU D 104 -32.65 39.25 28.48
CA GLU D 104 -32.31 40.46 27.75
C GLU D 104 -33.25 40.72 26.57
N LEU D 105 -33.81 39.67 25.98
CA LEU D 105 -34.65 39.77 24.80
C LEU D 105 -36.14 39.80 25.13
N ALA D 106 -36.51 40.13 26.37
CA ALA D 106 -37.92 40.13 26.76
C ALA D 106 -38.79 40.96 25.83
N SER D 107 -38.36 42.17 25.49
CA SER D 107 -39.15 43.10 24.68
C SER D 107 -39.23 42.74 23.19
N ASN D 108 -38.47 41.74 22.73
CA ASN D 108 -38.31 41.52 21.30
C ASN D 108 -39.50 40.78 20.68
N GLN D 109 -39.53 40.81 19.34
CA GLN D 109 -40.62 40.31 18.50
C GLN D 109 -40.16 39.12 17.67
N VAL D 110 -41.14 38.42 17.08
CA VAL D 110 -40.80 37.41 16.09
C VAL D 110 -40.31 38.11 14.84
N GLY D 111 -39.29 37.54 14.19
CA GLY D 111 -38.62 38.18 13.10
C GLY D 111 -37.46 39.06 13.50
N ASP D 112 -37.37 39.42 14.79
CA ASP D 112 -36.27 40.26 15.25
C ASP D 112 -34.94 39.53 15.10
N ASP D 113 -33.92 40.28 14.68
CA ASP D 113 -32.57 39.77 14.56
C ASP D 113 -31.85 40.00 15.89
N VAL D 114 -31.40 38.92 16.52
CA VAL D 114 -30.70 39.00 17.80
C VAL D 114 -29.27 38.48 17.69
N THR D 115 -28.77 38.37 16.45
CA THR D 115 -27.40 37.97 16.20
C THR D 115 -26.44 38.88 16.95
N GLU D 116 -26.70 40.17 16.88
CA GLU D 116 -25.68 41.13 17.23
C GLU D 116 -25.73 41.42 18.72
N ILE D 117 -26.94 41.30 19.29
CA ILE D 117 -27.17 41.46 20.72
C ILE D 117 -26.62 40.28 21.50
N LEU D 118 -26.67 39.09 20.91
CA LEU D 118 -26.20 37.88 21.57
C LEU D 118 -24.73 37.58 21.29
N GLY D 119 -24.03 38.45 20.57
CA GLY D 119 -22.61 38.21 20.32
C GLY D 119 -22.34 36.99 19.48
N ILE D 120 -23.26 36.61 18.59
CA ILE D 120 -23.09 35.43 17.74
C ILE D 120 -22.41 35.86 16.45
N THR D 121 -21.44 35.06 16.01
CA THR D 121 -20.71 35.32 14.76
C THR D 121 -20.74 34.07 13.90
N LYS D 122 -20.40 34.25 12.63
CA LYS D 122 -20.42 33.16 11.66
C LYS D 122 -19.06 32.48 11.61
N TRP D 123 -19.04 31.17 11.86
CA TRP D 123 -17.83 30.40 11.69
C TRP D 123 -17.49 30.35 10.21
N GLU D 124 -16.21 30.51 9.89
CA GLU D 124 -15.80 30.53 8.49
C GLU D 124 -14.50 29.77 8.32
N PRO D 125 -14.31 29.13 7.17
CA PRO D 125 -13.11 28.35 6.91
C PRO D 125 -11.90 29.24 6.68
N PRO D 126 -10.69 28.71 6.84
CA PRO D 126 -9.46 29.48 6.60
C PRO D 126 -9.26 29.79 5.12
N ILE D 127 -9.28 31.09 4.78
CA ILE D 127 -8.88 31.55 3.45
C ILE D 127 -7.55 30.94 3.00
N SER D 128 -7.53 30.48 1.74
CA SER D 128 -6.29 30.12 1.06
C SER D 128 -5.50 31.35 0.61
N THR D 129 -4.18 31.20 0.61
CA THR D 129 -3.24 32.29 0.36
C THR D 129 -3.43 33.00 -0.98
N ASN D 130 -3.87 32.30 -2.05
CA ASN D 130 -3.97 33.01 -3.34
C ASN D 130 -5.22 33.85 -3.46
N LEU D 131 -6.29 33.49 -2.76
CA LEU D 131 -7.48 34.30 -2.82
C LEU D 131 -7.40 35.44 -1.82
N SER D 132 -6.40 35.37 -0.95
CA SER D 132 -6.10 36.39 0.06
C SER D 132 -5.23 37.48 -0.58
N GLY D 133 -5.90 38.43 -1.23
CA GLY D 133 -5.21 39.61 -1.70
C GLY D 133 -5.54 40.79 -0.83
N GLU D 134 -4.70 41.82 -0.89
CA GLU D 134 -4.82 42.95 0.04
C GLU D 134 -5.34 44.25 -0.61
N ILE D 135 -6.64 44.53 -0.37
CA ILE D 135 -7.42 45.72 -0.73
C ILE D 135 -6.84 46.79 -1.65
N LEU D 136 -7.68 47.27 -2.57
CA LEU D 136 -7.54 48.58 -3.17
C LEU D 136 -8.52 49.57 -2.55
N GLY D 137 -9.58 49.07 -1.92
CA GLY D 137 -10.56 49.94 -1.30
C GLY D 137 -11.77 49.14 -0.83
N GLU D 138 -12.84 49.87 -0.54
CA GLU D 138 -14.06 49.30 -0.03
C GLU D 138 -14.85 48.63 -1.16
N PHE D 139 -15.72 47.68 -0.80
CA PHE D 139 -16.60 47.09 -1.80
C PHE D 139 -17.54 48.16 -2.31
N PRO D 140 -17.70 48.29 -3.63
CA PRO D 140 -18.48 49.42 -4.16
C PRO D 140 -19.89 49.48 -3.58
N THR D 141 -20.29 50.69 -3.17
CA THR D 141 -21.63 50.88 -2.59
C THR D 141 -22.72 50.83 -3.65
N PHE D 142 -22.40 51.12 -4.91
CA PHE D 142 -23.38 51.09 -6.00
C PHE D 142 -23.60 49.70 -6.56
N ILE D 143 -23.03 48.67 -5.95
CA ILE D 143 -23.21 47.28 -6.37
C ILE D 143 -23.72 46.48 -5.19
N SER D 144 -24.77 45.69 -5.41
CA SER D 144 -25.23 44.77 -4.39
C SER D 144 -24.26 43.59 -4.28
N LYS D 145 -24.19 43.00 -3.10
CA LYS D 145 -23.33 41.83 -2.96
C LYS D 145 -24.06 40.57 -3.41
N THR D 146 -23.31 39.48 -3.52
CA THR D 146 -23.73 38.24 -4.18
C THR D 146 -24.61 37.38 -3.31
N ASP D 147 -25.08 37.95 -2.22
CA ASP D 147 -25.51 37.17 -1.07
C ASP D 147 -26.94 36.66 -1.31
N GLN D 148 -27.22 35.43 -0.89
CA GLN D 148 -28.50 34.77 -1.18
C GLN D 148 -29.15 34.21 0.07
N GLU D 149 -30.47 34.42 0.20
CA GLU D 149 -31.23 33.88 1.31
C GLU D 149 -31.55 32.39 1.09
N ARG D 150 -31.62 31.65 2.20
CA ARG D 150 -31.92 30.22 2.15
C ARG D 150 -33.42 29.98 2.00
N VAL D 151 -33.77 28.92 1.27
CA VAL D 151 -35.19 28.67 1.04
C VAL D 151 -35.90 28.29 2.35
N GLN D 152 -35.16 27.71 3.31
CA GLN D 152 -35.75 27.33 4.60
C GLN D 152 -36.25 28.55 5.37
N ASN D 153 -35.78 29.76 5.05
CA ASN D 153 -36.21 30.96 5.74
C ASN D 153 -37.30 31.72 4.98
N LEU D 154 -37.92 31.12 3.96
CA LEU D 154 -38.80 31.88 3.07
C LEU D 154 -40.12 31.16 2.82
N ILE D 155 -40.72 30.55 3.85
CA ILE D 155 -41.94 29.76 3.60
C ILE D 155 -43.09 30.66 3.15
N PRO D 156 -43.32 31.87 3.71
CA PRO D 156 -44.39 32.71 3.15
C PRO D 156 -44.11 33.19 1.73
N GLN D 157 -42.86 33.51 1.41
CA GLN D 157 -42.54 34.03 0.09
C GLN D 157 -42.52 32.94 -0.97
N ILE D 158 -42.23 31.69 -0.59
CA ILE D 158 -42.28 30.60 -1.56
C ILE D 158 -43.70 30.39 -2.06
N GLU D 159 -44.69 30.56 -1.18
CA GLU D 159 -46.07 30.36 -1.59
C GLU D 159 -46.69 31.62 -2.16
N GLU D 160 -46.18 32.77 -1.75
CA GLU D 160 -46.58 34.04 -2.36
C GLU D 160 -46.08 34.10 -3.80
N ASN D 161 -44.99 33.38 -4.10
CA ASN D 161 -44.45 33.27 -5.45
C ASN D 161 -44.98 32.06 -6.19
N LYS D 162 -46.07 31.48 -5.71
CA LYS D 162 -46.71 30.36 -6.41
C LYS D 162 -47.11 30.79 -7.81
N GLY D 163 -46.77 29.97 -8.80
CA GLY D 163 -47.08 30.28 -10.17
C GLY D 163 -46.02 31.08 -10.91
N GLN D 164 -45.07 31.67 -10.20
CA GLN D 164 -43.99 32.39 -10.86
C GLN D 164 -42.94 31.45 -11.41
N LYS D 165 -42.08 31.98 -12.27
CA LYS D 165 -41.05 31.17 -12.87
C LYS D 165 -39.63 31.64 -12.56
N PHE D 166 -38.72 30.66 -12.58
CA PHE D 166 -37.42 30.77 -11.94
C PHE D 166 -36.36 30.08 -12.76
N GLU D 167 -35.23 30.75 -12.94
CA GLU D 167 -34.05 30.13 -13.49
C GLU D 167 -33.36 29.33 -12.39
N VAL D 168 -33.18 28.04 -12.64
CA VAL D 168 -32.54 27.17 -11.66
C VAL D 168 -31.11 26.95 -12.10
N THR D 169 -30.17 27.21 -11.20
CA THR D 169 -28.75 27.15 -11.51
C THR D 169 -28.03 26.33 -10.45
N VAL D 170 -27.01 25.58 -10.88
CA VAL D 170 -26.18 24.82 -9.94
C VAL D 170 -25.34 25.78 -9.12
N LYS D 171 -25.46 25.68 -7.79
CA LYS D 171 -24.59 26.42 -6.88
C LYS D 171 -23.23 25.76 -6.75
N LEU D 172 -22.18 26.53 -7.04
CA LEU D 172 -20.81 26.05 -6.90
C LEU D 172 -20.22 26.50 -5.58
N ASP D 173 -19.34 25.66 -5.05
CA ASP D 173 -18.70 25.94 -3.78
C ASP D 173 -17.35 26.57 -4.12
N GLY D 174 -17.30 27.88 -3.98
CA GLY D 174 -16.09 28.62 -4.26
C GLY D 174 -16.02 29.90 -3.48
N SER D 175 -15.23 30.84 -3.95
CA SER D 175 -15.22 32.20 -3.43
C SER D 175 -15.95 33.10 -4.41
N SER D 176 -16.65 34.08 -3.87
CA SER D 176 -17.37 35.01 -4.74
C SER D 176 -16.44 36.10 -5.21
N MET D 177 -16.74 36.65 -6.38
CA MET D 177 -15.85 37.54 -7.11
C MET D 177 -16.70 38.40 -8.03
N THR D 178 -16.50 39.72 -7.97
CA THR D 178 -17.25 40.60 -8.84
C THR D 178 -16.29 41.50 -9.60
N VAL D 179 -16.42 41.51 -10.92
CA VAL D 179 -15.66 42.42 -11.76
C VAL D 179 -16.66 43.35 -12.43
N TYR D 180 -16.43 44.65 -12.27
CA TYR D 180 -17.40 45.67 -12.63
C TYR D 180 -16.69 46.81 -13.34
N ARG D 181 -17.47 47.55 -14.12
CA ARG D 181 -17.01 48.75 -14.79
C ARG D 181 -17.94 49.89 -14.43
N LYS D 182 -17.38 50.98 -13.92
CA LYS D 182 -18.12 52.22 -13.77
C LYS D 182 -17.29 53.35 -14.37
N ASP D 183 -17.73 53.86 -15.52
CA ASP D 183 -17.07 54.95 -16.24
C ASP D 183 -15.62 54.54 -16.55
N ASP D 184 -14.60 55.29 -16.14
CA ASP D 184 -13.24 54.94 -16.54
C ASP D 184 -12.72 53.74 -15.79
N HIS D 185 -13.23 53.51 -14.58
CA HIS D 185 -12.68 52.51 -13.69
C HIS D 185 -13.28 51.14 -13.96
N ILE D 186 -12.41 50.12 -14.00
CA ILE D 186 -12.82 48.73 -13.93
C ILE D 186 -12.12 48.12 -12.73
N GLY D 187 -12.91 47.53 -11.85
CA GLY D 187 -12.39 47.01 -10.60
C GLY D 187 -12.70 45.54 -10.43
N VAL D 188 -11.87 44.87 -9.65
CA VAL D 188 -12.02 43.46 -9.34
C VAL D 188 -12.22 43.34 -7.84
N CYS D 189 -13.28 42.66 -7.44
CA CYS D 189 -13.59 42.52 -6.03
C CYS D 189 -13.57 41.06 -5.65
N GLY D 190 -13.13 40.80 -4.41
CA GLY D 190 -13.41 39.53 -3.77
C GLY D 190 -14.84 39.54 -3.30
N ARG D 191 -15.10 38.98 -2.13
CA ARG D 191 -16.47 39.03 -1.64
C ARG D 191 -16.76 40.31 -0.88
N ASN D 192 -15.74 40.89 -0.23
CA ASN D 192 -15.94 42.08 0.58
C ASN D 192 -15.01 43.23 0.25
N TRP D 193 -13.93 42.99 -0.48
CA TRP D 193 -12.95 44.02 -0.72
C TRP D 193 -12.65 44.11 -2.20
N GLU D 194 -12.40 45.32 -2.67
CA GLU D 194 -11.88 45.46 -4.02
C GLU D 194 -10.42 45.08 -4.00
N LEU D 195 -10.06 44.11 -4.81
CA LEU D 195 -8.70 43.65 -4.88
C LEU D 195 -7.99 44.55 -5.86
N ARG D 196 -6.68 44.46 -5.87
CA ARG D 196 -5.87 45.04 -6.92
C ARG D 196 -4.91 44.04 -7.52
N GLU D 197 -4.61 44.30 -8.80
CA GLU D 197 -3.96 43.36 -9.71
C GLU D 197 -2.59 42.96 -9.22
N THR D 198 -2.38 41.65 -9.09
CA THR D 198 -1.08 41.09 -8.76
C THR D 198 -0.93 39.76 -9.46
N ALA D 199 0.31 39.33 -9.62
CA ALA D 199 0.56 37.98 -10.08
C ALA D 199 0.00 36.96 -9.08
N THR D 200 0.16 37.21 -7.77
CA THR D 200 -0.30 36.22 -6.80
C THR D 200 -1.82 35.99 -6.88
N ASN D 201 -2.58 37.05 -7.10
CA ASN D 201 -4.02 36.97 -6.89
C ASN D 201 -4.75 36.07 -7.87
N ALA D 202 -5.63 35.20 -7.33
CA ALA D 202 -6.40 34.29 -8.16
C ALA D 202 -7.60 35.01 -8.78
N GLN D 203 -8.17 35.99 -8.07
CA GLN D 203 -9.31 36.72 -8.60
C GLN D 203 -8.92 37.50 -9.86
N TRP D 204 -7.81 38.23 -9.81
CA TRP D 204 -7.36 38.96 -10.99
C TRP D 204 -6.85 37.99 -12.06
N HIS D 205 -6.16 36.92 -11.64
CA HIS D 205 -5.68 35.94 -12.60
C HIS D 205 -6.84 35.31 -13.37
N ALA D 206 -7.96 35.07 -12.70
CA ALA D 206 -9.13 34.51 -13.38
C ALA D 206 -9.78 35.55 -14.29
N ALA D 207 -9.81 36.81 -13.86
CA ALA D 207 -10.40 37.85 -14.71
C ALA D 207 -9.54 38.12 -15.96
N ARG D 208 -8.20 38.06 -15.86
CA ARG D 208 -7.31 38.39 -16.99
C ARG D 208 -7.35 37.35 -18.08
N ARG D 209 -7.56 36.15 -17.61
CA ARG D 209 -7.66 34.87 -18.28
C ARG D 209 -8.90 34.70 -19.13
N ASN D 210 -10.08 35.05 -18.65
CA ASN D 210 -11.20 35.11 -19.59
C ASN D 210 -11.28 36.45 -20.33
N LYS D 211 -10.43 37.42 -20.02
CA LYS D 211 -10.41 38.73 -20.68
C LYS D 211 -11.73 39.50 -20.51
N MET D 212 -12.37 39.33 -19.35
CA MET D 212 -13.66 39.96 -19.07
C MET D 212 -13.56 41.47 -18.85
N ILE D 213 -12.38 41.99 -18.54
CA ILE D 213 -12.24 43.45 -18.42
C ILE D 213 -12.39 44.10 -19.79
N GLU D 214 -11.71 43.56 -20.80
CA GLU D 214 -11.92 44.06 -22.15
C GLU D 214 -13.37 43.83 -22.59
N GLY D 215 -13.97 42.73 -22.14
CA GLY D 215 -15.37 42.49 -22.46
C GLY D 215 -16.29 43.51 -21.80
N LEU D 216 -15.97 43.93 -20.59
CA LEU D 216 -16.79 44.94 -19.93
C LEU D 216 -16.63 46.30 -20.59
N GLN D 217 -15.41 46.63 -21.03
CA GLN D 217 -15.20 47.88 -21.75
C GLN D 217 -15.73 47.79 -23.17
N PHE D 218 -15.80 46.58 -23.72
CA PHE D 218 -16.44 46.40 -25.02
C PHE D 218 -17.92 46.73 -24.94
N LEU D 219 -18.59 46.32 -23.85
CA LEU D 219 -20.02 46.56 -23.75
C LEU D 219 -20.35 47.99 -23.39
N ASN D 220 -19.37 48.76 -22.90
CA ASN D 220 -19.53 50.20 -22.70
C ASN D 220 -20.75 50.53 -21.85
N ARG D 221 -20.97 49.74 -20.81
CA ARG D 221 -22.07 49.96 -19.88
C ARG D 221 -21.58 49.81 -18.45
N ASN D 222 -22.26 50.48 -17.51
CA ASN D 222 -21.91 50.37 -16.09
C ASN D 222 -22.61 49.16 -15.51
N LEU D 223 -21.96 48.01 -15.59
CA LEU D 223 -22.53 46.76 -15.09
C LEU D 223 -21.48 45.99 -14.29
N ALA D 224 -21.96 45.19 -13.35
CA ALA D 224 -21.10 44.36 -12.49
C ALA D 224 -21.30 42.88 -12.82
N LEU D 225 -20.20 42.20 -13.15
CA LEU D 225 -20.21 40.78 -13.42
C LEU D 225 -19.86 40.04 -12.14
N GLN D 226 -20.81 39.27 -11.61
CA GLN D 226 -20.66 38.57 -10.34
C GLN D 226 -20.71 37.07 -10.56
N GLY D 227 -19.72 36.35 -10.01
CA GLY D 227 -19.66 34.91 -10.17
C GLY D 227 -18.77 34.30 -9.09
N GLU D 228 -18.66 32.97 -9.15
CA GLU D 228 -17.85 32.21 -8.21
C GLU D 228 -16.59 31.72 -8.90
N ILE D 229 -15.49 31.68 -8.15
CA ILE D 229 -14.23 31.10 -8.62
C ILE D 229 -14.01 29.76 -7.92
N ILE D 230 -13.69 28.73 -8.70
CA ILE D 230 -13.48 27.38 -8.18
C ILE D 230 -12.20 26.83 -8.78
N GLY D 231 -11.75 25.70 -8.25
CA GLY D 231 -10.51 25.10 -8.70
C GLY D 231 -9.84 24.32 -7.58
N GLU D 232 -8.56 24.03 -7.79
CA GLU D 232 -7.78 23.10 -6.97
C GLU D 232 -7.63 23.48 -5.50
N SER D 233 -6.65 24.29 -5.16
CA SER D 233 -6.53 24.70 -3.77
C SER D 233 -7.55 25.79 -3.44
N ILE D 234 -8.75 25.71 -4.02
CA ILE D 234 -9.85 26.60 -3.68
C ILE D 234 -10.95 25.66 -3.22
N GLN D 235 -11.25 25.68 -1.92
CA GLN D 235 -12.30 24.90 -1.24
C GLN D 235 -12.18 23.42 -1.56
N GLY D 236 -10.97 22.87 -1.69
CA GLY D 236 -10.84 21.43 -1.94
C GLY D 236 -11.00 20.88 -3.36
N ASN D 237 -11.28 21.72 -4.37
CA ASN D 237 -11.43 21.29 -5.78
C ASN D 237 -12.49 20.23 -5.92
N LEU D 238 -13.70 20.67 -5.60
CA LEU D 238 -14.88 19.82 -5.55
C LEU D 238 -15.21 19.22 -6.91
N GLU D 239 -14.92 19.97 -7.97
CA GLU D 239 -15.18 19.64 -9.36
C GLU D 239 -14.05 18.91 -10.03
N LYS D 240 -12.94 18.72 -9.33
CA LYS D 240 -11.75 18.04 -9.83
C LYS D 240 -11.34 18.61 -11.20
N LEU D 241 -11.18 19.93 -11.20
CA LEU D 241 -10.72 20.68 -12.35
C LEU D 241 -9.34 21.31 -12.18
N LYS D 242 -8.61 21.37 -13.30
CA LYS D 242 -7.26 21.94 -13.38
C LYS D 242 -7.28 23.46 -13.39
N GLY D 243 -6.52 24.07 -12.47
CA GLY D 243 -6.49 25.53 -12.40
C GLY D 243 -7.78 26.10 -11.84
N GLN D 244 -7.86 27.42 -11.92
CA GLN D 244 -9.02 28.15 -11.43
C GLN D 244 -9.75 28.82 -12.59
N ASP D 245 -11.04 29.08 -12.35
CA ASP D 245 -11.88 29.62 -13.40
C ASP D 245 -13.06 30.34 -12.76
N PHE D 246 -13.56 31.35 -13.47
CA PHE D 246 -14.69 32.15 -13.03
C PHE D 246 -15.96 31.64 -13.70
N TYR D 247 -17.02 31.48 -12.92
CA TYR D 247 -18.30 31.03 -13.43
C TYR D 247 -19.32 32.10 -13.05
N LEU D 248 -19.94 32.70 -14.06
CA LEU D 248 -20.81 33.84 -13.81
C LEU D 248 -22.17 33.37 -13.34
N PHE D 249 -22.78 34.12 -12.43
CA PHE D 249 -24.17 33.82 -12.08
C PHE D 249 -25.06 35.05 -11.97
N ASP D 250 -24.53 36.26 -12.04
CA ASP D 250 -25.36 37.45 -11.92
C ASP D 250 -24.69 38.61 -12.65
N ILE D 251 -25.50 39.56 -13.11
CA ILE D 251 -25.03 40.82 -13.66
C ILE D 251 -25.87 41.95 -13.07
N TYR D 252 -25.20 42.91 -12.44
CA TYR D 252 -25.86 44.02 -11.77
C TYR D 252 -25.84 45.27 -12.64
N ASP D 253 -27.00 45.89 -12.80
CA ASP D 253 -27.09 47.16 -13.52
C ASP D 253 -26.77 48.28 -12.52
N ILE D 254 -25.57 48.84 -12.63
CA ILE D 254 -25.17 49.89 -11.70
C ILE D 254 -26.06 51.12 -11.84
N ASP D 255 -26.38 51.51 -13.07
CA ASP D 255 -27.13 52.74 -13.28
C ASP D 255 -28.57 52.63 -12.79
N LYS D 256 -29.22 51.49 -13.00
CA LYS D 256 -30.61 51.29 -12.63
C LYS D 256 -30.79 50.62 -11.28
N ALA D 257 -29.70 50.25 -10.61
CA ALA D 257 -29.76 49.68 -9.25
C ALA D 257 -30.62 48.41 -9.21
N GLN D 258 -30.41 47.52 -10.16
CA GLN D 258 -31.24 46.32 -10.27
C GLN D 258 -30.47 45.24 -11.03
N TYR D 259 -30.77 43.98 -10.70
CA TYR D 259 -30.11 42.86 -11.37
C TYR D 259 -30.73 42.62 -12.74
N LEU D 260 -29.88 42.30 -13.71
CA LEU D 260 -30.40 41.88 -15.01
C LEU D 260 -31.25 40.64 -14.84
N THR D 261 -32.35 40.57 -15.60
CA THR D 261 -33.13 39.34 -15.65
C THR D 261 -32.29 38.19 -16.19
N PRO D 262 -32.67 36.94 -15.88
CA PRO D 262 -31.98 35.79 -16.49
C PRO D 262 -31.90 35.86 -18.00
N ILE D 263 -32.97 36.30 -18.69
CA ILE D 263 -32.90 36.35 -20.15
C ILE D 263 -31.93 37.44 -20.60
N GLU D 264 -31.94 38.59 -19.93
CA GLU D 264 -30.95 39.61 -20.24
C GLU D 264 -29.54 39.11 -19.98
N ARG D 265 -29.33 38.48 -18.83
CA ARG D 265 -28.00 37.97 -18.53
C ARG D 265 -27.60 36.87 -19.51
N GLN D 266 -28.53 35.97 -19.84
CA GLN D 266 -28.20 34.90 -20.76
C GLN D 266 -27.85 35.44 -22.14
N SER D 267 -28.51 36.52 -22.56
CA SER D 267 -28.19 37.13 -23.84
C SER D 267 -26.87 37.91 -23.78
N LEU D 268 -26.47 38.38 -22.60
CA LEU D 268 -25.19 39.07 -22.52
C LEU D 268 -23.99 38.12 -22.45
N VAL D 269 -24.10 36.98 -21.77
CA VAL D 269 -23.04 35.97 -21.83
C VAL D 269 -22.92 35.48 -23.27
N LYS D 270 -24.07 35.25 -23.90
CA LYS D 270 -24.20 35.07 -25.34
C LYS D 270 -23.23 35.97 -26.10
N GLN D 271 -23.50 37.27 -26.02
CA GLN D 271 -22.72 38.28 -26.72
C GLN D 271 -21.26 38.29 -26.30
N LEU D 272 -20.98 38.13 -25.00
CA LEU D 272 -19.59 38.13 -24.55
C LEU D 272 -18.81 37.00 -25.21
N ASN D 273 -19.41 35.82 -25.31
CA ASN D 273 -18.72 34.71 -25.95
C ASN D 273 -18.68 34.87 -27.46
N ASP D 274 -19.71 35.49 -28.05
CA ASP D 274 -19.73 35.73 -29.49
C ASP D 274 -18.66 36.72 -29.94
N ASN D 275 -17.99 37.41 -29.01
CA ASN D 275 -17.01 38.43 -29.35
C ASN D 275 -15.62 38.08 -28.83
N GLY D 276 -15.37 36.81 -28.50
CA GLY D 276 -14.06 36.38 -28.07
C GLY D 276 -13.77 36.51 -26.59
N PHE D 277 -14.74 36.97 -25.78
CA PHE D 277 -14.57 37.06 -24.34
C PHE D 277 -15.15 35.79 -23.72
N THR D 278 -14.29 34.89 -23.28
CA THR D 278 -14.72 33.53 -22.90
C THR D 278 -15.13 33.50 -21.42
N VAL D 279 -16.38 33.89 -21.16
CA VAL D 279 -16.97 33.81 -19.83
C VAL D 279 -17.84 32.58 -19.68
N LYS D 280 -17.44 31.76 -18.71
CA LYS D 280 -18.18 30.55 -18.43
C LYS D 280 -19.32 30.92 -17.48
N HIS D 281 -20.40 30.18 -17.59
CA HIS D 281 -21.55 30.41 -16.75
C HIS D 281 -21.73 29.18 -15.87
N VAL D 282 -22.33 29.40 -14.70
CA VAL D 282 -22.66 28.29 -13.82
C VAL D 282 -23.69 27.44 -14.57
N PRO D 283 -23.74 26.13 -14.35
CA PRO D 283 -24.66 25.29 -15.12
C PRO D 283 -26.11 25.76 -14.97
N ILE D 284 -26.76 26.01 -16.10
CA ILE D 284 -28.17 26.39 -16.11
C ILE D 284 -28.99 25.15 -16.38
N LEU D 285 -30.00 24.93 -15.57
CA LEU D 285 -30.91 23.81 -15.72
C LEU D 285 -32.27 24.30 -16.19
N ASP D 286 -33.22 23.38 -16.29
CA ASP D 286 -34.55 23.72 -16.78
C ASP D 286 -35.26 24.66 -15.82
N ASP D 287 -36.00 25.61 -16.39
CA ASP D 287 -36.76 26.57 -15.61
C ASP D 287 -37.79 25.85 -14.74
N LEU D 288 -38.21 26.52 -13.66
CA LEU D 288 -39.12 25.93 -12.69
C LEU D 288 -40.35 26.81 -12.52
N GLU D 289 -41.54 26.23 -12.70
CA GLU D 289 -42.76 26.91 -12.27
C GLU D 289 -42.98 26.63 -10.79
N LEU D 290 -42.92 27.68 -9.98
CA LEU D 290 -42.99 27.51 -8.53
C LEU D 290 -44.42 27.20 -8.11
N ASN D 291 -44.60 26.01 -7.53
CA ASN D 291 -45.81 25.58 -6.86
C ASN D 291 -45.38 24.50 -5.86
N HIS D 292 -44.30 24.76 -5.11
CA HIS D 292 -43.75 23.71 -4.26
C HIS D 292 -43.52 24.27 -2.86
N THR D 293 -43.31 23.34 -1.96
CA THR D 293 -42.94 23.61 -0.59
C THR D 293 -41.44 23.56 -0.41
N ALA D 294 -40.98 24.18 0.69
CA ALA D 294 -39.56 24.17 0.99
C ALA D 294 -38.99 22.76 1.02
N GLU D 295 -39.78 21.78 1.47
CA GLU D 295 -39.30 20.41 1.50
C GLU D 295 -39.10 19.88 0.08
N GLN D 296 -40.03 20.21 -0.82
CA GLN D 296 -39.88 19.76 -2.20
C GLN D 296 -38.75 20.48 -2.91
N ILE D 297 -38.50 21.75 -2.56
CA ILE D 297 -37.40 22.49 -3.15
C ILE D 297 -36.06 21.94 -2.67
N LEU D 298 -35.96 21.64 -1.38
CA LEU D 298 -34.72 21.05 -0.88
C LEU D 298 -34.45 19.70 -1.53
N ALA D 299 -35.50 18.98 -1.94
CA ALA D 299 -35.31 17.67 -2.54
C ALA D 299 -34.61 17.77 -3.90
N MET D 300 -34.84 18.85 -4.64
CA MET D 300 -34.11 19.06 -5.89
C MET D 300 -32.65 19.43 -5.68
N ALA D 301 -32.29 19.91 -4.49
CA ALA D 301 -30.96 20.46 -4.28
C ALA D 301 -29.87 19.43 -4.57
N ASP D 302 -30.09 18.18 -4.18
CA ASP D 302 -29.08 17.18 -4.46
C ASP D 302 -29.12 16.78 -5.94
N GLY D 303 -27.95 16.48 -6.49
CA GLY D 303 -27.86 16.12 -7.88
C GLY D 303 -26.46 16.25 -8.45
N PRO D 304 -26.32 16.15 -9.76
CA PRO D 304 -24.99 16.29 -10.35
C PRO D 304 -24.54 17.74 -10.37
N SER D 305 -23.23 17.93 -10.20
CA SER D 305 -22.64 19.26 -10.20
C SER D 305 -22.14 19.59 -11.61
N LEU D 306 -21.26 20.59 -11.71
CA LEU D 306 -20.59 20.89 -12.98
C LEU D 306 -19.87 19.65 -13.49
N ASN D 307 -19.04 19.05 -12.65
CA ASN D 307 -18.66 17.66 -12.85
C ASN D 307 -19.85 16.80 -12.46
N LYS D 308 -20.51 16.20 -13.45
CA LYS D 308 -21.77 15.50 -13.23
C LYS D 308 -21.57 14.16 -12.53
N ASN D 309 -20.34 13.74 -12.29
CA ASN D 309 -20.07 12.57 -11.46
C ASN D 309 -19.76 12.95 -10.01
N VAL D 310 -19.96 14.23 -9.64
CA VAL D 310 -19.85 14.72 -8.28
C VAL D 310 -21.20 15.30 -7.89
N LYS D 311 -21.54 15.19 -6.60
CA LYS D 311 -22.82 15.71 -6.13
C LYS D 311 -22.68 17.16 -5.67
N ARG D 312 -23.60 18.00 -6.15
CA ARG D 312 -23.51 19.45 -6.03
C ARG D 312 -23.79 19.93 -4.61
N GLU D 313 -23.35 21.17 -4.35
CA GLU D 313 -23.68 21.82 -3.08
C GLU D 313 -25.16 22.18 -2.98
N GLY D 314 -25.78 22.49 -4.11
CA GLY D 314 -27.20 22.83 -4.12
C GLY D 314 -27.55 23.59 -5.39
N LEU D 315 -28.66 24.31 -5.30
CA LEU D 315 -29.19 25.08 -6.42
C LEU D 315 -29.47 26.51 -5.96
N VAL D 316 -29.47 27.42 -6.92
CA VAL D 316 -29.92 28.79 -6.73
C VAL D 316 -31.11 29.02 -7.66
N PHE D 317 -32.12 29.71 -7.15
CA PHE D 317 -33.33 29.99 -7.90
C PHE D 317 -33.45 31.50 -8.10
N LYS D 318 -33.67 31.92 -9.34
CA LYS D 318 -33.76 33.33 -9.69
C LYS D 318 -35.02 33.55 -10.49
N ARG D 319 -35.95 34.35 -9.96
CA ARG D 319 -37.15 34.66 -10.71
C ARG D 319 -36.77 35.39 -11.99
N LEU D 320 -37.50 35.11 -13.07
CA LEU D 320 -37.12 35.63 -14.38
C LEU D 320 -37.40 37.11 -14.53
N ASP D 321 -38.14 37.71 -13.60
CA ASP D 321 -38.15 39.16 -13.53
C ASP D 321 -36.95 39.73 -12.81
N GLY D 322 -36.14 38.87 -12.19
CA GLY D 322 -34.91 39.31 -11.54
C GLY D 322 -35.10 40.01 -10.20
N LYS D 323 -36.26 39.85 -9.56
CA LYS D 323 -36.51 40.55 -8.30
C LYS D 323 -36.91 39.62 -7.16
N PHE D 324 -36.53 38.35 -7.23
CA PHE D 324 -36.66 37.46 -6.09
C PHE D 324 -35.73 36.28 -6.29
N SER D 325 -34.81 36.05 -5.37
CA SER D 325 -33.86 34.98 -5.53
C SER D 325 -33.61 34.32 -4.19
N PHE D 326 -33.30 33.03 -4.24
CA PHE D 326 -32.93 32.28 -3.06
C PHE D 326 -32.10 31.07 -3.49
N LYS D 327 -31.44 30.46 -2.52
CA LYS D 327 -30.67 29.26 -2.74
C LYS D 327 -31.28 28.10 -1.97
N ALA D 328 -30.91 26.88 -2.36
CA ALA D 328 -31.35 25.68 -1.67
C ALA D 328 -30.17 24.72 -1.59
N ILE D 329 -29.62 24.56 -0.40
CA ILE D 329 -28.41 23.77 -0.19
C ILE D 329 -28.80 22.33 0.05
N SER D 330 -28.13 21.41 -0.65
CA SER D 330 -28.37 19.99 -0.46
C SER D 330 -27.95 19.59 0.95
N ASN D 331 -28.87 19.00 1.71
CA ASN D 331 -28.50 18.53 3.03
C ASN D 331 -27.61 17.29 2.95
N ALA D 332 -27.74 16.51 1.87
CA ALA D 332 -26.78 15.44 1.64
C ALA D 332 -25.36 15.97 1.55
N TYR D 333 -25.19 17.09 0.86
CA TYR D 333 -23.89 17.72 0.79
C TYR D 333 -23.39 18.17 2.17
N LEU D 334 -24.27 18.78 2.98
CA LEU D 334 -23.84 19.28 4.28
C LEU D 334 -23.49 18.14 5.25
N GLU D 335 -24.13 16.98 5.09
CA GLU D 335 -23.79 15.80 5.89
C GLU D 335 -22.47 15.18 5.47
N LYS D 336 -22.16 15.17 4.17
CA LYS D 336 -20.92 14.56 3.71
C LYS D 336 -19.72 15.46 4.00
N HIS D 337 -19.74 16.70 3.52
CA HIS D 337 -18.65 17.66 3.75
C HIS D 337 -18.94 18.51 4.98
N LYS D 338 -18.88 17.89 6.16
CA LYS D 338 -19.28 18.59 7.38
C LYS D 338 -18.13 19.33 8.06
N ASP D 339 -16.99 19.52 7.37
CA ASP D 339 -15.96 20.45 7.83
C ASP D 339 -15.96 21.77 7.08
N ARG D 340 -17.00 22.10 6.32
CA ARG D 340 -17.08 23.37 5.58
C ARG D 340 -18.36 24.16 5.88
#